data_5X8G
#
_entry.id   5X8G
#
_cell.length_a   71.950
_cell.length_b   96.480
_cell.length_c   97.660
_cell.angle_alpha   80.140
_cell.angle_beta   77.810
_cell.angle_gamma   81.170
#
_symmetry.space_group_name_H-M   'P 1'
#
loop_
_entity.id
_entity.type
_entity.pdbx_description
1 polymer '2-succinylbenzoate--CoA ligase'
2 non-polymer 'o-succinylbenzoyl-N-coenzyme A'
3 non-polymer 'MAGNESIUM ION'
4 non-polymer 'CALCIUM ION'
5 non-polymer 'SODIUM ION'
6 non-polymer DI(HYDROXYETHYL)ETHER
7 water water
#
_entity_poly.entity_id   1
_entity_poly.type   'polypeptide(L)'
_entity_poly.pdbx_seq_one_letter_code
;LTEQPNWLMQRAQLTPERIALIYEDQTVTFAELFAASKRMAEQLAAHSVRKGDTAAILLQNRAEMVYAVHACFLLGVKAV
LLNTKLSTHERLFQLEDSGSGFLLTDSSFEKKEYEHIVQTIDVDELMKEAAEEIEIEAYMQMDATATLMYTSGTTGKPKG
VQQTFGNHYFSAVSSALNLGITEQDRWLIALPLFHISGLSALFKSVIYGMTVVLHQRFSVSDVLHSINRHEVTMISAVQT
MLASLLEETNRCPESIRCILLGGGPAPLPLLEECREKGFPVFQSYGMTETCSQIVTLSPEFSMEKLGSAGKPLFSCEIKI
ERDGQVCEPYEHGEIMVKGPNVMKSYFNRESANEASFQNGWLKTGDLGYLDNEGFLYVLDRRSDLIISGGENIYPAEVES
VLLSHPAVAEAGVSGAEDKKWGKVPHAYLVLHKPVSAGELTDYCKERLAKYKRPKKFFVLDRLPRNASNKLLRNQLKDAR
KGELL
;
_entity_poly.pdbx_strand_id   A,B,D,C
#
# COMPACT_ATOMS: atom_id res chain seq x y z
C LEU A 1 -6.40 -14.98 9.36
N THR A 2 -7.73 -14.84 9.37
CA THR A 2 -8.46 -13.61 9.72
C THR A 2 -9.07 -13.71 11.14
N GLU A 3 -8.68 -14.75 11.85
CA GLU A 3 -9.12 -14.98 13.18
C GLU A 3 -8.36 -16.09 13.90
N GLN A 4 -8.33 -15.99 15.19
CA GLN A 4 -7.73 -17.00 16.07
C GLN A 4 -8.71 -17.33 17.17
N PRO A 5 -8.68 -18.55 17.70
CA PRO A 5 -9.44 -18.84 18.92
C PRO A 5 -9.05 -17.88 20.03
N ASN A 6 -10.04 -17.47 20.82
CA ASN A 6 -9.74 -16.60 21.95
C ASN A 6 -8.62 -17.21 22.78
N TRP A 7 -7.60 -16.39 23.08
CA TRP A 7 -6.37 -16.91 23.67
C TRP A 7 -6.63 -17.49 25.05
N LEU A 8 -7.46 -16.82 25.86
CA LEU A 8 -7.73 -17.33 27.19
C LEU A 8 -8.48 -18.65 27.11
N MET A 9 -9.44 -18.73 26.20
CA MET A 9 -10.24 -19.94 26.06
C MET A 9 -9.36 -21.11 25.62
N GLN A 10 -8.52 -20.92 24.61
CA GLN A 10 -7.64 -22.00 24.17
C GLN A 10 -6.64 -22.39 25.24
N ARG A 11 -6.04 -21.39 25.90
CA ARG A 11 -5.06 -21.69 26.95
C ARG A 11 -5.70 -22.51 28.09
N ALA A 12 -6.91 -22.14 28.50
CA ALA A 12 -7.60 -22.94 29.51
C ALA A 12 -7.92 -24.34 29.00
N GLN A 13 -8.22 -24.47 27.72
CA GLN A 13 -8.40 -25.78 27.11
C GLN A 13 -7.15 -26.63 27.13
N LEU A 14 -5.99 -26.00 26.89
CA LEU A 14 -4.73 -26.73 26.71
C LEU A 14 -4.07 -27.08 28.03
N THR A 15 -3.92 -26.10 28.93
CA THR A 15 -3.22 -26.29 30.20
C THR A 15 -4.06 -25.66 31.30
N PRO A 16 -5.21 -26.26 31.60
CA PRO A 16 -6.15 -25.62 32.56
C PRO A 16 -5.58 -25.41 33.94
N GLU A 17 -4.74 -26.34 34.42
CA GLU A 17 -4.27 -26.31 35.79
C GLU A 17 -3.02 -25.46 35.98
N ARG A 18 -2.39 -25.00 34.90
CA ARG A 18 -1.25 -24.12 35.06
C ARG A 18 -1.68 -22.79 35.69
N ILE A 19 -0.79 -22.18 36.45
CA ILE A 19 -1.12 -20.96 37.18
C ILE A 19 -1.04 -19.79 36.21
N ALA A 20 -2.13 -19.05 36.10
CA ALA A 20 -2.17 -17.86 35.24
C ALA A 20 -1.73 -16.61 35.99
N LEU A 21 -2.15 -16.48 37.24
CA LEU A 21 -1.99 -15.23 37.97
C LEU A 21 -1.72 -15.54 39.42
N ILE A 22 -0.73 -14.86 39.98
CA ILE A 22 -0.48 -14.85 41.42
C ILE A 22 -0.63 -13.40 41.86
N TYR A 23 -1.58 -13.14 42.74
CA TYR A 23 -1.84 -11.79 43.22
C TYR A 23 -2.09 -11.84 44.71
N GLU A 24 -1.30 -11.07 45.47
CA GLU A 24 -1.24 -11.20 46.93
C GLU A 24 -1.02 -12.65 47.33
N ASP A 25 -0.15 -13.32 46.57
CA ASP A 25 0.27 -14.71 46.75
C ASP A 25 -0.88 -15.72 46.59
N GLN A 26 -2.07 -15.24 46.21
CA GLN A 26 -3.20 -16.09 45.87
C GLN A 26 -3.11 -16.49 44.41
N THR A 27 -3.48 -17.73 44.10
CA THR A 27 -3.24 -18.30 42.78
C THR A 27 -4.53 -18.45 41.99
N VAL A 28 -4.46 -18.17 40.70
CA VAL A 28 -5.57 -18.33 39.75
C VAL A 28 -5.06 -19.17 38.59
N THR A 29 -5.64 -20.36 38.40
CA THR A 29 -5.26 -21.15 37.24
C THR A 29 -5.89 -20.57 35.97
N PHE A 30 -5.43 -21.04 34.81
CA PHE A 30 -6.06 -20.64 33.56
C PHE A 30 -7.52 -21.12 33.47
N ALA A 31 -7.83 -22.29 34.02
CA ALA A 31 -9.23 -22.71 34.07
C ALA A 31 -10.04 -21.74 34.92
N GLU A 32 -9.51 -21.36 36.09
CA GLU A 32 -10.22 -20.44 36.96
C GLU A 32 -10.33 -19.05 36.35
N LEU A 33 -9.31 -18.64 35.60
CA LEU A 33 -9.32 -17.33 34.94
C LEU A 33 -10.37 -17.26 33.84
N PHE A 34 -10.43 -18.28 32.98
CA PHE A 34 -11.49 -18.28 31.98
C PHE A 34 -12.88 -18.29 32.63
N ALA A 35 -13.05 -19.07 33.70
CA ALA A 35 -14.36 -19.15 34.34
C ALA A 35 -14.76 -17.80 34.95
N ALA A 36 -13.82 -17.12 35.62
CA ALA A 36 -14.12 -15.82 36.18
C ALA A 36 -14.34 -14.76 35.10
N SER A 37 -13.59 -14.85 34.00
CA SER A 37 -13.77 -13.88 32.93
C SER A 37 -15.10 -14.08 32.23
N LYS A 38 -15.46 -15.34 31.94
CA LYS A 38 -16.77 -15.64 31.36
C LYS A 38 -17.90 -15.20 32.27
N ARG A 39 -17.75 -15.42 33.59
CA ARG A 39 -18.82 -15.04 34.50
C ARG A 39 -19.00 -13.54 34.55
N MET A 40 -17.90 -12.79 34.53
CA MET A 40 -18.04 -11.34 34.53
C MET A 40 -18.63 -10.85 33.21
N ALA A 41 -18.28 -11.51 32.09
CA ALA A 41 -18.90 -11.18 30.80
C ALA A 41 -20.41 -11.40 30.83
N GLU A 42 -20.84 -12.51 31.43
CA GLU A 42 -22.28 -12.77 31.56
C GLU A 42 -22.94 -11.69 32.40
N GLN A 43 -22.27 -11.24 33.46
CA GLN A 43 -22.84 -10.19 34.30
C GLN A 43 -22.87 -8.86 33.56
N LEU A 44 -21.85 -8.58 32.74
CA LEU A 44 -21.86 -7.35 31.94
C LEU A 44 -22.97 -7.35 30.91
N ALA A 45 -23.20 -8.49 30.25
CA ALA A 45 -24.28 -8.57 29.26
C ALA A 45 -25.63 -8.29 29.89
N ALA A 46 -25.82 -8.70 31.15
CA ALA A 46 -27.06 -8.39 31.85
C ALA A 46 -27.22 -6.89 32.10
N HIS A 47 -26.12 -6.14 32.06
CA HIS A 47 -26.17 -4.69 32.15
C HIS A 47 -26.24 -4.02 30.78
N SER A 48 -26.61 -4.78 29.74
CA SER A 48 -26.81 -4.33 28.36
C SER A 48 -25.51 -4.07 27.60
N VAL A 49 -24.36 -4.57 28.08
CA VAL A 49 -23.13 -4.48 27.29
C VAL A 49 -23.23 -5.47 26.13
N ARG A 50 -23.00 -4.98 24.91
CA ARG A 50 -23.21 -5.75 23.69
C ARG A 50 -21.98 -5.74 22.81
N LYS A 51 -21.84 -6.78 22.00
CA LYS A 51 -20.80 -6.84 20.99
C LYS A 51 -20.77 -5.54 20.19
N GLY A 52 -19.56 -5.01 19.98
CA GLY A 52 -19.40 -3.73 19.32
C GLY A 52 -19.35 -2.53 20.24
N ASP A 53 -19.71 -2.68 21.52
CA ASP A 53 -19.63 -1.52 22.39
C ASP A 53 -18.18 -1.24 22.76
N THR A 54 -17.99 -0.11 23.45
CA THR A 54 -16.70 0.29 24.01
C THR A 54 -16.90 0.48 25.51
N ALA A 55 -16.07 -0.19 26.29
CA ALA A 55 -16.08 -0.08 27.74
C ALA A 55 -14.74 0.43 28.22
N ALA A 56 -14.76 1.46 29.07
CA ALA A 56 -13.53 1.92 29.70
C ALA A 56 -13.36 1.22 31.05
N ILE A 57 -12.12 0.99 31.42
CA ILE A 57 -11.75 0.32 32.66
C ILE A 57 -10.94 1.30 33.51
N LEU A 58 -11.37 1.51 34.75
CA LEU A 58 -10.70 2.42 35.69
C LEU A 58 -10.45 1.63 36.97
N LEU A 59 -9.31 0.92 37.02
CA LEU A 59 -8.98 0.06 38.16
C LEU A 59 -7.49 0.10 38.44
N GLN A 60 -7.13 0.02 39.72
CA GLN A 60 -5.79 -0.34 40.13
C GLN A 60 -5.47 -1.78 39.71
N ASN A 61 -4.20 -2.16 39.80
CA ASN A 61 -3.81 -3.53 39.50
C ASN A 61 -4.47 -4.47 40.51
N ARG A 62 -5.50 -5.19 40.09
CA ARG A 62 -6.17 -6.22 40.89
C ARG A 62 -6.53 -7.36 39.96
N ALA A 63 -6.78 -8.54 40.54
CA ALA A 63 -7.21 -9.68 39.72
C ALA A 63 -8.46 -9.33 38.93
N GLU A 64 -9.37 -8.56 39.52
CA GLU A 64 -10.60 -8.20 38.83
C GLU A 64 -10.36 -7.32 37.60
N MET A 65 -9.23 -6.61 37.53
CA MET A 65 -8.95 -5.87 36.30
C MET A 65 -8.52 -6.83 35.18
N VAL A 66 -7.81 -7.91 35.53
CA VAL A 66 -7.51 -8.93 34.53
C VAL A 66 -8.79 -9.61 34.05
N TYR A 67 -9.70 -9.92 34.99
CA TYR A 67 -10.98 -10.48 34.58
C TYR A 67 -11.69 -9.54 33.61
N ALA A 68 -11.71 -8.24 33.92
CA ALA A 68 -12.47 -7.29 33.12
C ALA A 68 -11.94 -7.21 31.69
N VAL A 69 -10.62 -7.12 31.52
CA VAL A 69 -10.07 -7.08 30.17
C VAL A 69 -10.50 -8.31 29.38
N HIS A 70 -10.31 -9.49 29.96
CA HIS A 70 -10.71 -10.71 29.26
C HIS A 70 -12.22 -10.79 29.05
N ALA A 71 -13.01 -10.32 30.02
CA ALA A 71 -14.47 -10.33 29.86
C ALA A 71 -14.88 -9.51 28.66
N CYS A 72 -14.25 -8.34 28.48
CA CYS A 72 -14.51 -7.52 27.30
C CYS A 72 -14.24 -8.30 26.02
N PHE A 73 -13.08 -8.98 25.96
CA PHE A 73 -12.77 -9.78 24.77
C PHE A 73 -13.85 -10.85 24.53
N LEU A 74 -14.26 -11.54 25.60
CA LEU A 74 -15.28 -12.58 25.47
C LEU A 74 -16.64 -12.04 25.05
N LEU A 75 -16.88 -10.74 25.23
CA LEU A 75 -18.11 -10.12 24.73
C LEU A 75 -17.94 -9.45 23.38
N GLY A 76 -16.71 -9.36 22.86
CA GLY A 76 -16.52 -8.61 21.63
C GLY A 76 -16.57 -7.11 21.83
N VAL A 77 -16.12 -6.63 22.99
CA VAL A 77 -16.20 -5.22 23.37
C VAL A 77 -14.78 -4.66 23.38
N LYS A 78 -14.60 -3.46 22.80
CA LYS A 78 -13.30 -2.76 22.87
C LYS A 78 -13.06 -2.22 24.26
N ALA A 79 -11.86 -2.41 24.79
CA ALA A 79 -11.50 -2.04 26.16
C ALA A 79 -10.62 -0.80 26.15
N VAL A 80 -11.08 0.28 26.78
CA VAL A 80 -10.27 1.48 26.97
C VAL A 80 -9.64 1.43 28.36
N LEU A 81 -8.31 1.43 28.42
CA LEU A 81 -7.59 1.34 29.70
C LEU A 81 -7.33 2.76 30.21
N LEU A 82 -7.93 3.12 31.35
CA LEU A 82 -7.82 4.48 31.86
C LEU A 82 -6.73 4.58 32.91
N ASN A 83 -5.88 5.59 32.77
CA ASN A 83 -4.85 5.93 33.74
C ASN A 83 -5.51 6.39 35.04
N THR A 84 -5.23 5.70 36.15
CA THR A 84 -5.93 5.98 37.41
C THR A 84 -5.43 7.22 38.11
N LYS A 85 -4.27 7.76 37.71
CA LYS A 85 -3.75 8.97 38.32
C LYS A 85 -4.34 10.23 37.74
N LEU A 86 -5.05 10.13 36.62
CA LEU A 86 -5.60 11.31 35.96
C LEU A 86 -6.66 11.97 36.85
N SER A 87 -6.78 13.28 36.71
CA SER A 87 -7.89 13.99 37.30
C SER A 87 -9.21 13.55 36.64
N THR A 88 -10.31 13.85 37.33
CA THR A 88 -11.63 13.58 36.74
C THR A 88 -11.76 14.28 35.40
N HIS A 89 -11.29 15.53 35.34
CA HIS A 89 -11.38 16.31 34.11
C HIS A 89 -10.69 15.59 32.94
N GLU A 90 -9.46 15.13 33.15
CA GLU A 90 -8.74 14.41 32.10
C GLU A 90 -9.48 13.14 31.69
N ARG A 91 -10.06 12.43 32.66
CA ARG A 91 -10.75 11.18 32.33
C ARG A 91 -12.04 11.44 31.56
N LEU A 92 -12.77 12.50 31.91
CA LEU A 92 -14.00 12.82 31.16
C LEU A 92 -13.70 13.03 29.68
N PHE A 93 -12.60 13.71 29.35
CA PHE A 93 -12.25 13.89 27.95
C PHE A 93 -12.06 12.54 27.25
N GLN A 94 -11.38 11.60 27.93
CA GLN A 94 -11.10 10.31 27.29
C GLN A 94 -12.34 9.43 27.19
N LEU A 95 -13.26 9.51 28.15
CA LEU A 95 -14.51 8.78 28.03
C LEU A 95 -15.31 9.25 26.81
N GLU A 96 -15.38 10.57 26.60
CA GLU A 96 -16.15 11.08 25.48
C GLU A 96 -15.44 10.82 24.15
N ASP A 97 -14.14 11.10 24.09
CA ASP A 97 -13.38 10.91 22.86
C ASP A 97 -13.42 9.45 22.39
N SER A 98 -13.28 8.51 23.33
CA SER A 98 -13.22 7.10 22.95
C SER A 98 -14.58 6.53 22.53
N GLY A 99 -15.68 7.24 22.81
CA GLY A 99 -16.98 6.68 22.56
C GLY A 99 -17.38 5.59 23.52
N SER A 100 -16.80 5.57 24.72
CA SER A 100 -17.15 4.55 25.69
C SER A 100 -18.62 4.65 26.07
N GLY A 101 -19.29 3.51 26.09
CA GLY A 101 -20.67 3.47 26.55
C GLY A 101 -20.76 3.12 28.02
N PHE A 102 -19.69 2.54 28.56
CA PHE A 102 -19.65 2.01 29.92
C PHE A 102 -18.33 2.38 30.58
N LEU A 103 -18.36 2.42 31.91
CA LEU A 103 -17.15 2.56 32.70
C LEU A 103 -17.16 1.47 33.77
N LEU A 104 -16.14 0.61 33.74
CA LEU A 104 -15.98 -0.47 34.72
C LEU A 104 -14.95 -0.05 35.75
N THR A 105 -15.39 0.14 36.99
CA THR A 105 -14.50 0.69 38.03
C THR A 105 -14.88 0.04 39.36
N ASP A 106 -14.46 0.66 40.48
CA ASP A 106 -14.85 0.14 41.79
C ASP A 106 -15.03 1.32 42.74
N SER A 107 -15.37 1.01 44.00
CA SER A 107 -15.69 2.08 44.93
C SER A 107 -14.47 2.85 45.43
N SER A 108 -13.26 2.51 44.97
CA SER A 108 -12.08 3.33 45.23
CA SER A 108 -12.14 3.25 45.23
C SER A 108 -12.16 4.66 44.51
N PHE A 109 -12.97 4.74 43.46
CA PHE A 109 -13.05 5.89 42.59
C PHE A 109 -14.43 6.54 42.75
N GLU A 110 -14.49 7.83 42.44
CA GLU A 110 -15.71 8.63 42.62
C GLU A 110 -16.63 8.42 41.41
N LYS A 111 -17.47 7.40 41.50
CA LYS A 111 -18.29 6.98 40.37
C LYS A 111 -19.33 8.02 39.98
N LYS A 112 -19.81 8.82 40.94
CA LYS A 112 -20.84 9.81 40.68
C LYS A 112 -20.42 10.85 39.62
N GLU A 113 -19.11 11.05 39.45
CA GLU A 113 -18.64 12.06 38.51
C GLU A 113 -18.85 11.66 37.06
N TYR A 114 -19.02 10.37 36.77
CA TYR A 114 -19.05 9.88 35.40
C TYR A 114 -20.42 9.43 34.91
N GLU A 115 -21.39 9.24 35.80
CA GLU A 115 -22.67 8.68 35.43
C GLU A 115 -23.53 9.60 34.58
N HIS A 116 -23.07 10.83 34.31
CA HIS A 116 -23.76 11.70 33.37
C HIS A 116 -23.35 11.46 31.93
N ILE A 117 -22.21 10.81 31.71
CA ILE A 117 -21.68 10.58 30.38
C ILE A 117 -21.69 9.11 30.00
N VAL A 118 -21.52 8.21 30.97
CA VAL A 118 -21.43 6.77 30.71
C VAL A 118 -22.15 6.02 31.81
N GLN A 119 -22.65 4.84 31.47
CA GLN A 119 -23.18 3.93 32.49
C GLN A 119 -22.02 3.35 33.29
N THR A 120 -22.00 3.60 34.59
CA THR A 120 -20.86 3.22 35.42
C THR A 120 -21.21 1.95 36.19
N ILE A 121 -20.30 0.99 36.20
CA ILE A 121 -20.51 -0.34 36.79
C ILE A 121 -19.42 -0.59 37.82
N ASP A 122 -19.82 -1.02 39.02
CA ASP A 122 -18.89 -1.34 40.09
C ASP A 122 -18.56 -2.83 40.01
N VAL A 123 -17.28 -3.16 39.75
CA VAL A 123 -16.91 -4.55 39.49
C VAL A 123 -17.17 -5.42 40.71
N ASP A 124 -17.00 -4.89 41.92
CA ASP A 124 -17.23 -5.70 43.10
C ASP A 124 -18.72 -6.00 43.29
N GLU A 125 -19.57 -5.00 43.06
CA GLU A 125 -21.01 -5.24 43.09
C GLU A 125 -21.44 -6.15 41.95
N LEU A 126 -20.80 -5.99 40.80
CA LEU A 126 -21.13 -6.75 39.60
C LEU A 126 -20.93 -8.24 39.83
N MET A 127 -19.80 -8.62 40.44
CA MET A 127 -19.50 -10.03 40.63
C MET A 127 -20.41 -10.72 41.62
N LYS A 128 -21.22 -9.98 42.37
CA LYS A 128 -22.17 -10.59 43.29
C LYS A 128 -23.51 -10.91 42.62
N GLU A 129 -23.67 -10.56 41.34
CA GLU A 129 -24.98 -10.68 40.68
C GLU A 129 -25.12 -12.02 39.98
N ALA A 130 -26.34 -12.57 40.03
CA ALA A 130 -26.70 -13.70 39.19
C ALA A 130 -26.99 -13.22 37.78
N ALA A 131 -26.59 -14.00 36.78
CA ALA A 131 -26.79 -13.62 35.40
C ALA A 131 -26.94 -14.87 34.55
N GLU A 132 -27.68 -14.75 33.45
CA GLU A 132 -27.85 -15.89 32.56
C GLU A 132 -26.56 -16.14 31.77
N GLU A 133 -26.37 -17.41 31.42
CA GLU A 133 -25.26 -17.79 30.55
C GLU A 133 -25.44 -17.17 29.17
N ILE A 134 -24.31 -16.85 28.54
CA ILE A 134 -24.30 -16.31 27.19
C ILE A 134 -23.38 -17.17 26.33
N GLU A 135 -23.51 -16.99 25.02
CA GLU A 135 -22.53 -17.51 24.07
C GLU A 135 -21.40 -16.48 23.96
N ILE A 136 -20.22 -16.84 24.47
CA ILE A 136 -19.09 -15.92 24.38
C ILE A 136 -18.57 -15.87 22.94
N GLU A 137 -17.80 -14.83 22.66
CA GLU A 137 -17.08 -14.74 21.39
C GLU A 137 -15.89 -15.69 21.42
N ALA A 138 -16.02 -16.81 20.71
CA ALA A 138 -14.97 -17.83 20.74
C ALA A 138 -13.73 -17.44 19.94
N TYR A 139 -13.80 -16.41 19.10
CA TYR A 139 -12.67 -16.02 18.26
C TYR A 139 -12.32 -14.55 18.47
N MET A 140 -11.06 -14.25 18.19
CA MET A 140 -10.54 -12.89 18.15
C MET A 140 -10.24 -12.55 16.69
N GLN A 141 -10.81 -11.45 16.20
CA GLN A 141 -10.48 -11.00 14.86
C GLN A 141 -9.15 -10.24 14.90
N MET A 142 -8.20 -10.70 14.07
CA MET A 142 -6.82 -10.21 14.15
C MET A 142 -6.72 -8.72 13.88
N ASP A 143 -7.50 -8.21 12.94
CA ASP A 143 -7.42 -6.79 12.65
C ASP A 143 -8.44 -5.95 13.42
N ALA A 144 -9.23 -6.54 14.31
CA ALA A 144 -10.15 -5.75 15.12
C ALA A 144 -9.41 -5.08 16.28
N THR A 145 -9.80 -3.84 16.57
CA THR A 145 -9.25 -3.16 17.75
C THR A 145 -9.64 -3.90 19.02
N ALA A 146 -8.65 -4.24 19.84
CA ALA A 146 -8.88 -4.91 21.10
C ALA A 146 -8.90 -3.93 22.27
N THR A 147 -7.93 -3.02 22.30
CA THR A 147 -7.70 -2.11 23.40
C THR A 147 -7.37 -0.73 22.85
N LEU A 148 -7.72 0.30 23.62
CA LEU A 148 -7.38 1.68 23.35
C LEU A 148 -6.62 2.23 24.55
N MET A 149 -5.51 2.91 24.30
CA MET A 149 -4.70 3.57 25.32
C MET A 149 -4.36 4.98 24.84
N TYR A 150 -4.43 5.96 25.73
CA TYR A 150 -4.20 7.35 25.39
C TYR A 150 -2.74 7.74 25.60
N THR A 151 -2.22 8.53 24.69
CA THR A 151 -0.82 8.96 24.75
C THR A 151 -0.67 10.12 23.76
N SER A 152 0.58 10.61 23.65
CA SER A 152 0.93 11.55 22.59
CA SER A 152 0.95 11.56 22.60
C SER A 152 0.07 12.81 22.64
N GLY A 153 0.10 13.49 23.78
CA GLY A 153 -0.63 14.74 23.93
C GLY A 153 0.10 15.96 23.37
N THR A 154 0.74 15.80 22.21
CA THR A 154 1.58 16.88 21.70
C THR A 154 0.78 18.07 21.15
N THR A 155 -0.50 17.88 20.83
CA THR A 155 -1.33 19.02 20.46
C THR A 155 -2.00 19.67 21.66
N GLY A 156 -1.89 19.08 22.84
CA GLY A 156 -2.53 19.59 24.04
C GLY A 156 -3.56 18.65 24.64
N LYS A 157 -4.02 17.66 23.86
CA LYS A 157 -4.90 16.60 24.36
C LYS A 157 -4.41 15.26 23.80
N PRO A 158 -4.49 14.19 24.58
CA PRO A 158 -3.93 12.91 24.14
C PRO A 158 -4.77 12.30 23.02
N LYS A 159 -4.18 11.28 22.38
CA LYS A 159 -4.76 10.54 21.27
C LYS A 159 -4.94 9.10 21.69
N GLY A 160 -6.05 8.48 21.28
CA GLY A 160 -6.30 7.09 21.62
C GLY A 160 -5.68 6.11 20.64
N VAL A 161 -4.75 5.29 21.10
CA VAL A 161 -4.08 4.32 20.24
C VAL A 161 -4.94 3.06 20.14
N GLN A 162 -5.31 2.68 18.93
CA GLN A 162 -6.08 1.46 18.67
C GLN A 162 -5.10 0.31 18.47
N GLN A 163 -5.12 -0.65 19.42
CA GLN A 163 -4.24 -1.82 19.43
C GLN A 163 -5.08 -3.06 19.09
N THR A 164 -4.72 -3.76 18.01
CA THR A 164 -5.53 -4.89 17.56
C THR A 164 -5.13 -6.18 18.28
N PHE A 165 -6.01 -7.19 18.18
CA PHE A 165 -5.61 -8.51 18.66
C PHE A 165 -4.34 -8.98 17.95
N GLY A 166 -4.26 -8.76 16.65
CA GLY A 166 -3.06 -9.12 15.92
C GLY A 166 -1.83 -8.39 16.44
N ASN A 167 -1.98 -7.10 16.79
CA ASN A 167 -0.85 -6.34 17.35
C ASN A 167 -0.31 -7.01 18.61
N HIS A 168 -1.19 -7.35 19.55
CA HIS A 168 -0.77 -7.99 20.79
C HIS A 168 -0.21 -9.39 20.54
N TYR A 169 -0.80 -10.16 19.64
CA TYR A 169 -0.28 -11.48 19.34
C TYR A 169 1.15 -11.39 18.83
N PHE A 170 1.39 -10.50 17.87
CA PHE A 170 2.73 -10.43 17.26
C PHE A 170 3.75 -9.82 18.21
N SER A 171 3.34 -8.86 19.03
CA SER A 171 4.23 -8.36 20.07
C SER A 171 4.71 -9.50 20.97
N ALA A 172 3.77 -10.35 21.40
CA ALA A 172 4.12 -11.45 22.30
C ALA A 172 5.01 -12.49 21.60
N VAL A 173 4.73 -12.78 20.34
CA VAL A 173 5.51 -13.80 19.62
C VAL A 173 6.92 -13.28 19.35
N SER A 174 7.04 -12.06 18.83
CA SER A 174 8.36 -11.49 18.55
C SER A 174 9.21 -11.40 19.81
N SER A 175 8.59 -11.07 20.95
CA SER A 175 9.36 -11.04 22.19
C SER A 175 9.82 -12.43 22.60
N ALA A 176 8.94 -13.44 22.47
CA ALA A 176 9.34 -14.80 22.76
C ALA A 176 10.49 -15.25 21.85
N LEU A 177 10.46 -14.88 20.58
CA LEU A 177 11.55 -15.27 19.69
C LEU A 177 12.86 -14.60 20.10
N ASN A 178 12.78 -13.41 20.68
CA ASN A 178 13.98 -12.69 21.11
C ASN A 178 14.52 -13.24 22.41
N LEU A 179 13.64 -13.46 23.40
CA LEU A 179 14.09 -13.85 24.72
C LEU A 179 14.11 -15.35 24.95
N GLY A 180 13.51 -16.15 24.07
CA GLY A 180 13.27 -17.54 24.40
C GLY A 180 12.09 -17.66 25.36
N ILE A 181 11.55 -18.88 25.46
CA ILE A 181 10.44 -19.16 26.37
C ILE A 181 10.53 -20.61 26.82
N THR A 182 10.29 -20.83 28.10
CA THR A 182 10.27 -22.18 28.67
C THR A 182 9.11 -22.28 29.63
N GLU A 183 8.76 -23.52 29.98
CA GLU A 183 7.66 -23.77 30.91
C GLU A 183 7.95 -23.20 32.29
N GLN A 184 9.21 -23.03 32.65
CA GLN A 184 9.54 -22.51 33.96
C GLN A 184 9.40 -20.99 34.07
N ASP A 185 9.23 -20.28 32.96
CA ASP A 185 9.23 -18.82 33.04
C ASP A 185 8.01 -18.31 33.80
N ARG A 186 8.23 -17.24 34.56
CA ARG A 186 7.17 -16.50 35.25
C ARG A 186 7.56 -15.02 35.23
N TRP A 187 6.58 -14.16 35.03
CA TRP A 187 6.82 -12.73 34.78
C TRP A 187 6.18 -11.91 35.89
N LEU A 188 6.96 -11.03 36.52
CA LEU A 188 6.43 -10.19 37.59
C LEU A 188 6.13 -8.80 37.05
N ILE A 189 4.91 -8.32 37.32
CA ILE A 189 4.45 -7.02 36.85
C ILE A 189 4.09 -6.20 38.09
N ALA A 190 4.88 -5.15 38.34
CA ALA A 190 4.59 -4.20 39.42
C ALA A 190 4.49 -2.77 38.91
N LEU A 191 4.08 -2.65 37.64
CA LEU A 191 3.87 -1.37 36.94
C LEU A 191 2.47 -1.40 36.31
N PRO A 192 1.88 -0.24 36.03
CA PRO A 192 0.43 -0.19 35.79
C PRO A 192 -0.03 -1.07 34.63
N LEU A 193 -1.11 -1.82 34.86
CA LEU A 193 -1.77 -2.52 33.77
C LEU A 193 -2.45 -1.58 32.78
N PHE A 194 -2.62 -0.28 33.11
CA PHE A 194 -3.19 0.61 32.10
C PHE A 194 -2.15 1.14 31.13
N HIS A 195 -0.87 0.83 31.34
CA HIS A 195 0.15 1.00 30.30
C HIS A 195 0.40 -0.34 29.63
N ILE A 196 0.89 -0.29 28.39
CA ILE A 196 1.12 -1.55 27.66
C ILE A 196 2.29 -2.32 28.25
N SER A 197 3.21 -1.61 28.94
CA SER A 197 4.23 -2.30 29.72
C SER A 197 3.64 -3.36 30.64
N GLY A 198 2.56 -3.02 31.34
CA GLY A 198 1.92 -3.99 32.19
C GLY A 198 0.92 -4.88 31.45
N LEU A 199 0.09 -4.26 30.61
CA LEU A 199 -1.00 -5.00 29.97
C LEU A 199 -0.48 -6.09 29.04
N SER A 200 0.64 -5.84 28.36
CA SER A 200 1.16 -6.83 27.41
C SER A 200 1.47 -8.16 28.08
N ALA A 201 1.88 -8.15 29.36
CA ALA A 201 2.17 -9.39 30.05
C ALA A 201 0.94 -10.29 30.18
N LEU A 202 -0.26 -9.71 30.26
CA LEU A 202 -1.47 -10.55 30.31
C LEU A 202 -1.67 -11.33 29.02
N PHE A 203 -1.24 -10.77 27.89
CA PHE A 203 -1.38 -11.47 26.63
C PHE A 203 -0.26 -12.48 26.45
N LYS A 204 0.98 -12.12 26.77
CA LYS A 204 2.02 -13.13 26.90
C LYS A 204 1.56 -14.29 27.77
N SER A 205 0.87 -13.98 28.87
CA SER A 205 0.47 -15.03 29.80
C SER A 205 -0.38 -16.10 29.11
N VAL A 206 -1.43 -15.69 28.38
CA VAL A 206 -2.33 -16.70 27.82
C VAL A 206 -1.73 -17.30 26.56
N ILE A 207 -0.95 -16.55 25.79
CA ILE A 207 -0.38 -17.13 24.58
C ILE A 207 0.72 -18.14 24.92
N TYR A 208 1.61 -17.78 25.86
CA TYR A 208 2.68 -18.69 26.26
C TYR A 208 2.20 -19.80 27.19
N GLY A 209 1.15 -19.56 27.97
CA GLY A 209 0.88 -20.40 29.13
C GLY A 209 1.88 -20.11 30.25
N MET A 210 2.09 -18.83 30.56
CA MET A 210 3.08 -18.34 31.50
C MET A 210 2.41 -17.62 32.68
N THR A 211 2.78 -17.97 33.91
CA THR A 211 2.27 -17.28 35.10
C THR A 211 2.70 -15.83 35.13
N VAL A 212 1.78 -14.94 35.49
CA VAL A 212 2.12 -13.55 35.80
C VAL A 212 1.95 -13.33 37.30
N VAL A 213 3.00 -12.82 37.93
CA VAL A 213 2.95 -12.42 39.33
C VAL A 213 2.63 -10.92 39.34
N LEU A 214 1.46 -10.57 39.86
CA LEU A 214 0.93 -9.22 39.73
C LEU A 214 1.00 -8.50 41.08
N HIS A 215 1.64 -7.34 41.09
CA HIS A 215 1.72 -6.45 42.26
C HIS A 215 0.91 -5.20 41.99
N GLN A 216 0.17 -4.73 42.99
CA GLN A 216 -0.58 -3.49 42.82
C GLN A 216 0.34 -2.26 42.80
N ARG A 217 1.39 -2.25 43.62
CA ARG A 217 2.35 -1.14 43.65
C ARG A 217 3.77 -1.70 43.61
N PHE A 218 4.75 -0.85 43.45
CA PHE A 218 6.12 -1.28 43.44
C PHE A 218 6.83 -0.91 44.76
N SER A 219 7.18 -1.92 45.53
CA SER A 219 8.07 -1.77 46.68
C SER A 219 9.23 -2.71 46.43
N VAL A 220 10.45 -2.22 46.56
CA VAL A 220 11.60 -3.04 46.20
C VAL A 220 11.69 -4.28 47.08
N SER A 221 11.47 -4.11 48.39
CA SER A 221 11.59 -5.25 49.29
C SER A 221 10.52 -6.30 48.98
N ASP A 222 9.29 -5.86 48.66
CA ASP A 222 8.24 -6.82 48.31
C ASP A 222 8.52 -7.50 46.98
N VAL A 223 9.06 -6.76 46.01
CA VAL A 223 9.39 -7.36 44.72
C VAL A 223 10.46 -8.43 44.89
N LEU A 224 11.49 -8.13 45.69
CA LEU A 224 12.56 -9.10 45.91
C LEU A 224 12.03 -10.35 46.62
N HIS A 225 11.19 -10.17 47.63
CA HIS A 225 10.64 -11.32 48.35
C HIS A 225 9.75 -12.14 47.43
N SER A 226 8.99 -11.47 46.57
CA SER A 226 8.07 -12.16 45.67
C SER A 226 8.82 -12.93 44.59
N ILE A 227 9.92 -12.37 44.07
CA ILE A 227 10.75 -13.07 43.08
C ILE A 227 11.24 -14.40 43.64
N ASN A 228 11.80 -14.38 44.85
CA ASN A 228 12.38 -15.61 45.38
C ASN A 228 11.29 -16.57 45.85
N ARG A 229 10.16 -16.05 46.32
CA ARG A 229 9.08 -16.92 46.76
C ARG A 229 8.45 -17.67 45.59
N HIS A 230 8.22 -17.00 44.46
CA HIS A 230 7.52 -17.59 43.35
C HIS A 230 8.44 -17.99 42.19
N GLU A 231 9.76 -17.93 42.38
CA GLU A 231 10.73 -18.29 41.35
C GLU A 231 10.48 -17.51 40.05
N VAL A 232 10.39 -16.18 40.18
CA VAL A 232 10.22 -15.30 39.03
C VAL A 232 11.49 -15.29 38.18
N THR A 233 11.31 -15.37 36.86
CA THR A 233 12.42 -15.34 35.91
C THR A 233 12.46 -14.08 35.06
N MET A 234 11.33 -13.38 34.93
CA MET A 234 11.20 -12.22 34.06
C MET A 234 10.56 -11.08 34.84
N ILE A 235 11.01 -9.85 34.60
CA ILE A 235 10.41 -8.70 35.27
C ILE A 235 10.59 -7.49 34.37
N SER A 236 9.57 -6.63 34.35
CA SER A 236 9.57 -5.40 33.58
C SER A 236 9.80 -4.22 34.49
N ALA A 237 10.55 -3.23 34.00
CA ALA A 237 10.94 -2.10 34.83
C ALA A 237 11.13 -0.86 33.97
N VAL A 238 10.93 0.30 34.59
CA VAL A 238 11.47 1.55 34.08
C VAL A 238 12.70 1.89 34.91
N GLN A 239 13.50 2.86 34.44
CA GLN A 239 14.83 3.02 35.03
C GLN A 239 14.76 3.44 36.51
N THR A 240 13.77 4.23 36.89
CA THR A 240 13.61 4.58 38.31
C THR A 240 13.46 3.32 39.16
N MET A 241 12.68 2.35 38.68
CA MET A 241 12.53 1.07 39.38
C MET A 241 13.85 0.31 39.44
N LEU A 242 14.59 0.28 38.33
CA LEU A 242 15.89 -0.40 38.31
C LEU A 242 16.87 0.26 39.28
N ALA A 243 16.84 1.59 39.38
CA ALA A 243 17.73 2.28 40.33
C ALA A 243 17.37 1.92 41.76
N SER A 244 16.07 1.85 42.08
CA SER A 244 15.69 1.47 43.45
C SER A 244 16.15 0.06 43.79
N LEU A 245 16.01 -0.86 42.84
CA LEU A 245 16.47 -2.24 43.04
C LEU A 245 17.98 -2.28 43.34
N LEU A 246 18.76 -1.51 42.59
CA LEU A 246 20.21 -1.50 42.78
C LEU A 246 20.61 -0.79 44.08
N GLU A 247 19.78 0.15 44.56
CA GLU A 247 20.07 0.74 45.86
C GLU A 247 19.83 -0.25 46.99
N GLU A 248 18.95 -1.23 46.77
CA GLU A 248 18.56 -2.18 47.81
C GLU A 248 19.49 -3.39 47.87
N THR A 249 19.89 -3.92 46.72
CA THR A 249 20.67 -5.14 46.68
C THR A 249 21.77 -5.04 45.64
N ASN A 250 22.92 -5.63 45.96
CA ASN A 250 24.04 -5.76 45.04
C ASN A 250 24.01 -7.06 44.27
N ARG A 251 23.07 -7.94 44.58
CA ARG A 251 23.02 -9.27 43.97
C ARG A 251 21.64 -9.49 43.36
N CYS A 252 21.62 -9.87 42.11
CA CYS A 252 20.35 -10.12 41.42
C CYS A 252 19.83 -11.49 41.81
N PRO A 253 18.55 -11.63 42.15
CA PRO A 253 18.01 -12.96 42.50
C PRO A 253 18.35 -13.99 41.43
N GLU A 254 18.69 -15.20 41.91
CA GLU A 254 19.26 -16.23 41.03
C GLU A 254 18.30 -16.66 39.93
N SER A 255 16.99 -16.60 40.18
CA SER A 255 16.03 -17.07 39.19
C SER A 255 15.78 -16.06 38.08
N ILE A 256 16.18 -14.81 38.25
CA ILE A 256 15.90 -13.77 37.26
C ILE A 256 16.85 -13.95 36.07
N ARG A 257 16.29 -14.12 34.87
CA ARG A 257 17.08 -14.21 33.65
C ARG A 257 16.85 -13.02 32.71
N CYS A 258 15.83 -12.21 32.97
N CYS A 258 15.84 -12.20 32.97
CA CYS A 258 15.56 -11.06 32.11
CA CYS A 258 15.56 -11.06 32.09
C CYS A 258 14.94 -9.95 32.93
C CYS A 258 14.92 -9.94 32.91
N ILE A 259 15.59 -8.79 32.96
CA ILE A 259 14.97 -7.53 33.39
C ILE A 259 14.72 -6.74 32.12
N LEU A 260 13.46 -6.59 31.73
CA LEU A 260 13.13 -5.88 30.49
C LEU A 260 12.94 -4.42 30.84
N LEU A 261 13.89 -3.58 30.42
CA LEU A 261 13.90 -2.16 30.75
C LEU A 261 13.35 -1.36 29.58
N GLY A 262 12.37 -0.51 29.87
CA GLY A 262 11.79 0.36 28.86
C GLY A 262 11.18 1.62 29.45
N GLY A 263 10.53 2.42 28.61
CA GLY A 263 9.79 3.55 29.11
C GLY A 263 10.57 4.83 29.23
N GLY A 264 11.76 4.91 28.65
CA GLY A 264 12.51 6.15 28.66
C GLY A 264 14.00 5.90 28.86
N PRO A 265 14.81 6.95 28.75
CA PRO A 265 16.27 6.76 28.86
C PRO A 265 16.69 6.46 30.29
N ALA A 266 17.72 5.59 30.41
CA ALA A 266 18.38 5.25 31.66
C ALA A 266 19.75 5.92 31.72
N PRO A 267 20.16 6.40 32.90
CA PRO A 267 21.52 6.91 33.04
C PRO A 267 22.55 5.80 32.78
N LEU A 268 23.59 6.15 32.03
CA LEU A 268 24.61 5.15 31.70
C LEU A 268 25.33 4.56 32.91
N PRO A 269 25.67 5.31 33.96
CA PRO A 269 26.27 4.64 35.14
C PRO A 269 25.36 3.59 35.75
N LEU A 270 24.04 3.74 35.62
CA LEU A 270 23.14 2.70 36.11
C LEU A 270 23.26 1.43 35.24
N LEU A 271 23.21 1.58 33.92
CA LEU A 271 23.36 0.41 33.05
C LEU A 271 24.70 -0.28 33.23
N GLU A 272 25.77 0.50 33.40
CA GLU A 272 27.09 -0.09 33.62
C GLU A 272 27.15 -0.84 34.95
N GLU A 273 26.52 -0.28 35.99
CA GLU A 273 26.53 -0.95 37.29
C GLU A 273 25.76 -2.27 37.24
N CYS A 274 24.61 -2.28 36.56
CA CYS A 274 23.84 -3.52 36.44
C CYS A 274 24.66 -4.60 35.74
N ARG A 275 25.34 -4.26 34.65
CA ARG A 275 26.17 -5.24 33.95
C ARG A 275 27.30 -5.71 34.84
N GLU A 276 27.88 -4.81 35.65
CA GLU A 276 29.01 -5.19 36.50
C GLU A 276 28.58 -6.16 37.59
N LYS A 277 27.37 -6.00 38.13
CA LYS A 277 26.89 -6.83 39.23
C LYS A 277 25.97 -7.96 38.78
N GLY A 278 25.88 -8.21 37.48
CA GLY A 278 25.19 -9.38 36.99
C GLY A 278 23.69 -9.28 36.89
N PHE A 279 23.14 -8.06 36.87
CA PHE A 279 21.72 -7.88 36.60
C PHE A 279 21.47 -7.99 35.11
N PRO A 280 20.65 -8.96 34.65
CA PRO A 280 20.50 -9.23 33.20
C PRO A 280 19.54 -8.27 32.53
N VAL A 281 19.98 -7.03 32.34
CA VAL A 281 19.12 -5.95 31.85
C VAL A 281 19.10 -5.97 30.33
N PHE A 282 17.89 -6.11 29.77
CA PHE A 282 17.62 -5.93 28.34
C PHE A 282 16.99 -4.55 28.16
N GLN A 283 17.80 -3.56 27.79
CA GLN A 283 17.26 -2.25 27.43
C GLN A 283 16.40 -2.38 26.17
N SER A 284 15.36 -1.55 26.08
CA SER A 284 14.48 -1.63 24.92
C SER A 284 13.90 -0.27 24.58
N TYR A 285 13.39 -0.19 23.35
CA TYR A 285 12.70 0.97 22.82
C TYR A 285 11.33 0.53 22.30
N GLY A 286 10.28 1.17 22.79
CA GLY A 286 8.91 0.79 22.45
C GLY A 286 7.99 1.84 23.01
N MET A 287 6.72 1.78 22.59
CA MET A 287 5.76 2.80 22.97
C MET A 287 4.36 2.22 22.86
N THR A 288 3.39 3.01 23.32
CA THR A 288 1.98 2.65 23.16
C THR A 288 1.68 2.26 21.72
N GLU A 289 2.16 3.08 20.77
CA GLU A 289 1.86 2.89 19.35
C GLU A 289 2.47 1.62 18.77
N THR A 290 3.48 1.03 19.41
CA THR A 290 4.04 -0.24 18.96
C THR A 290 3.65 -1.39 19.86
N CYS A 291 2.65 -1.17 20.74
CA CYS A 291 2.09 -2.21 21.60
C CYS A 291 3.16 -2.89 22.45
N SER A 292 4.16 -2.08 22.85
CA SER A 292 5.30 -2.33 23.76
C SER A 292 6.58 -2.37 22.92
N GLN A 293 7.59 -3.10 23.39
CA GLN A 293 8.93 -3.08 22.77
C GLN A 293 8.88 -3.33 21.27
N ILE A 294 9.68 -2.59 20.52
CA ILE A 294 9.95 -2.92 19.13
C ILE A 294 11.45 -3.09 18.84
N VAL A 295 12.34 -2.57 19.70
CA VAL A 295 13.79 -2.73 19.56
C VAL A 295 14.32 -3.09 20.93
N THR A 296 15.20 -4.10 21.02
CA THR A 296 15.73 -4.53 22.31
CA THR A 296 15.74 -4.51 22.32
C THR A 296 17.21 -4.91 22.19
N LEU A 297 17.95 -4.71 23.29
CA LEU A 297 19.39 -4.95 23.34
C LEU A 297 19.73 -5.97 24.41
N SER A 298 20.54 -7.00 24.03
CA SER A 298 20.80 -8.05 25.01
C SER A 298 22.02 -7.71 25.88
N PRO A 299 22.08 -8.26 27.09
CA PRO A 299 23.22 -7.98 27.99
C PRO A 299 24.58 -8.21 27.37
N GLU A 300 24.71 -9.13 26.41
CA GLU A 300 26.03 -9.39 25.84
C GLU A 300 26.57 -8.21 25.04
N PHE A 301 25.71 -7.35 24.52
CA PHE A 301 26.14 -6.15 23.81
C PHE A 301 26.01 -4.88 24.64
N SER A 302 25.55 -4.97 25.89
CA SER A 302 25.20 -3.77 26.64
C SER A 302 26.43 -2.93 27.00
N MET A 303 27.61 -3.53 27.03
CA MET A 303 28.83 -2.76 27.22
C MET A 303 29.31 -2.14 25.89
N GLU A 304 29.51 -2.99 24.87
CA GLU A 304 30.03 -2.48 23.60
CA GLU A 304 30.03 -2.48 23.60
C GLU A 304 29.08 -1.50 22.94
N LYS A 305 27.77 -1.69 23.10
CA LYS A 305 26.75 -0.80 22.55
C LYS A 305 26.11 0.05 23.64
N LEU A 306 26.89 0.43 24.65
CA LEU A 306 26.33 1.20 25.76
C LEU A 306 25.68 2.47 25.26
N GLY A 307 24.43 2.67 25.65
CA GLY A 307 23.63 3.75 25.12
C GLY A 307 22.70 3.34 23.99
N SER A 308 22.80 2.11 23.51
CA SER A 308 21.95 1.64 22.42
C SER A 308 20.64 1.07 22.98
N ALA A 309 19.59 1.16 22.17
CA ALA A 309 18.35 0.46 22.46
C ALA A 309 18.33 -0.94 21.84
N GLY A 310 19.30 -1.28 20.98
CA GLY A 310 19.38 -2.62 20.43
C GLY A 310 18.96 -2.74 18.97
N LYS A 311 18.41 -3.89 18.60
CA LYS A 311 18.00 -4.20 17.24
C LYS A 311 16.51 -4.49 17.19
N PRO A 312 15.88 -4.32 16.03
CA PRO A 312 14.44 -4.58 15.93
C PRO A 312 14.12 -6.05 16.18
N LEU A 313 13.00 -6.29 16.84
CA LEU A 313 12.48 -7.64 17.02
C LEU A 313 12.16 -8.29 15.68
N PHE A 314 12.16 -9.62 15.66
CA PHE A 314 11.82 -10.35 14.45
C PHE A 314 10.47 -9.90 13.93
N SER A 315 10.36 -9.79 12.60
CA SER A 315 9.21 -9.29 11.86
C SER A 315 9.15 -7.76 11.85
N CYS A 316 9.91 -7.06 12.68
CA CYS A 316 9.84 -5.60 12.80
C CYS A 316 11.00 -4.93 12.09
N GLU A 317 10.83 -3.64 11.79
CA GLU A 317 11.80 -2.86 11.04
C GLU A 317 11.91 -1.45 11.58
N ILE A 318 13.07 -0.85 11.38
CA ILE A 318 13.32 0.52 11.80
CA ILE A 318 13.34 0.52 11.80
C ILE A 318 14.19 1.19 10.74
N LYS A 319 13.91 2.47 10.49
CA LYS A 319 14.77 3.26 9.63
C LYS A 319 14.89 4.66 10.22
N ILE A 320 15.85 5.40 9.72
CA ILE A 320 16.12 6.79 10.12
C ILE A 320 15.97 7.67 8.89
N GLU A 321 15.14 8.71 9.00
CA GLU A 321 14.95 9.64 7.89
C GLU A 321 14.99 11.09 8.36
N ARG A 322 15.64 11.94 7.57
CA ARG A 322 15.60 13.38 7.78
C ARG A 322 15.03 14.04 6.53
N ASP A 323 13.96 14.82 6.71
CA ASP A 323 13.33 15.53 5.61
C ASP A 323 12.98 14.58 4.47
N GLY A 324 12.49 13.38 4.83
CA GLY A 324 12.16 12.38 3.84
C GLY A 324 13.32 11.76 3.10
N GLN A 325 14.56 12.08 3.49
CA GLN A 325 15.74 11.52 2.85
C GLN A 325 16.31 10.39 3.69
N VAL A 326 16.88 9.39 3.00
CA VAL A 326 17.52 8.27 3.69
C VAL A 326 18.71 8.77 4.48
N CYS A 327 18.91 8.20 5.67
CA CYS A 327 20.02 8.56 6.53
C CYS A 327 21.03 7.43 6.55
N GLU A 328 22.29 7.77 6.31
CA GLU A 328 23.39 6.83 6.37
C GLU A 328 23.68 6.52 7.83
N PRO A 329 24.48 5.48 8.11
CA PRO A 329 24.81 5.18 9.51
C PRO A 329 25.45 6.38 10.20
N TYR A 330 25.11 6.55 11.49
CA TYR A 330 25.53 7.64 12.36
C TYR A 330 24.85 8.96 12.03
N GLU A 331 24.10 9.04 10.93
CA GLU A 331 23.41 10.28 10.59
C GLU A 331 22.10 10.40 11.37
N HIS A 332 21.90 11.57 11.97
CA HIS A 332 20.74 11.82 12.83
C HIS A 332 19.46 11.98 12.02
N GLY A 333 18.36 11.44 12.52
CA GLY A 333 17.09 11.70 11.88
C GLY A 333 15.94 11.14 12.69
N GLU A 334 14.76 11.17 12.10
CA GLU A 334 13.56 10.72 12.79
C GLU A 334 13.48 9.20 12.73
N ILE A 335 13.23 8.59 13.87
CA ILE A 335 13.07 7.14 13.94
C ILE A 335 11.69 6.78 13.39
N MET A 336 11.67 5.87 12.43
CA MET A 336 10.42 5.40 11.84
C MET A 336 10.40 3.87 11.94
N VAL A 337 9.22 3.30 12.20
CA VAL A 337 9.12 1.89 12.52
C VAL A 337 7.98 1.24 11.74
N LYS A 338 8.08 -0.08 11.63
CA LYS A 338 7.13 -0.88 10.85
C LYS A 338 7.12 -2.28 11.43
N GLY A 339 5.94 -2.91 11.47
CA GLY A 339 5.86 -4.25 12.00
C GLY A 339 4.42 -4.61 12.32
N PRO A 340 4.17 -5.91 12.51
CA PRO A 340 2.79 -6.35 12.78
C PRO A 340 2.29 -5.96 14.17
N ASN A 341 3.15 -5.42 15.03
CA ASN A 341 2.79 -4.88 16.34
C ASN A 341 2.48 -3.40 16.31
N VAL A 342 2.61 -2.75 15.15
CA VAL A 342 2.32 -1.33 15.03
C VAL A 342 0.80 -1.11 15.00
N MET A 343 0.35 -0.14 15.80
CA MET A 343 -1.07 0.16 16.00
C MET A 343 -1.84 0.33 14.69
N LYS A 344 -3.16 0.12 14.76
CA LYS A 344 -4.00 0.38 13.60
C LYS A 344 -3.96 1.86 13.22
N SER A 345 -4.21 2.74 14.19
CA SER A 345 -4.31 4.17 13.96
C SER A 345 -4.67 4.83 15.28
N TYR A 346 -4.46 6.14 15.37
CA TYR A 346 -5.10 6.92 16.40
C TYR A 346 -6.61 7.00 16.13
N PHE A 347 -7.41 6.91 17.18
CA PHE A 347 -8.86 6.92 17.02
C PHE A 347 -9.37 8.33 16.72
N ASN A 348 -10.06 8.48 15.59
CA ASN A 348 -10.67 9.74 15.14
C ASN A 348 -9.69 10.90 15.31
N ARG A 349 -8.53 10.74 14.68
CA ARG A 349 -7.49 11.76 14.63
C ARG A 349 -6.97 11.78 13.20
N GLU A 350 -7.81 12.29 12.31
CA GLU A 350 -7.51 12.30 10.87
C GLU A 350 -6.16 12.94 10.57
N SER A 351 -5.96 14.17 11.02
CA SER A 351 -4.73 14.88 10.69
C SER A 351 -3.51 14.18 11.28
N ALA A 352 -3.62 13.69 12.52
CA ALA A 352 -2.49 13.01 13.14
C ALA A 352 -2.13 11.72 12.39
N ASN A 353 -3.14 10.92 12.03
CA ASN A 353 -2.87 9.70 11.25
C ASN A 353 -2.23 10.02 9.91
N GLU A 354 -2.71 11.07 9.23
CA GLU A 354 -2.13 11.41 7.94
C GLU A 354 -0.67 11.84 8.09
N ALA A 355 -0.35 12.55 9.16
CA ALA A 355 1.02 13.02 9.35
C ALA A 355 1.92 11.94 9.90
N SER A 356 1.38 10.99 10.68
CA SER A 356 2.24 10.03 11.38
C SER A 356 2.60 8.82 10.52
N PHE A 357 1.76 8.46 9.56
CA PHE A 357 2.03 7.30 8.72
C PHE A 357 2.52 7.78 7.36
N GLN A 358 3.61 7.19 6.89
CA GLN A 358 4.23 7.57 5.63
C GLN A 358 4.64 6.28 4.91
N ASN A 359 3.81 5.86 3.95
CA ASN A 359 4.06 4.66 3.12
C ASN A 359 4.24 3.41 3.98
N GLY A 360 3.33 3.21 4.95
CA GLY A 360 3.35 2.02 5.79
C GLY A 360 4.23 2.11 7.02
N TRP A 361 5.02 3.17 7.16
CA TRP A 361 5.90 3.37 8.30
C TRP A 361 5.29 4.38 9.26
N LEU A 362 5.60 4.23 10.53
CA LEU A 362 5.11 5.13 11.57
C LEU A 362 6.26 6.04 12.01
N LYS A 363 6.05 7.35 11.89
CA LYS A 363 6.93 8.33 12.52
C LYS A 363 6.72 8.33 14.03
N THR A 364 7.81 8.16 14.77
CA THR A 364 7.73 8.05 16.23
C THR A 364 7.82 9.40 16.91
N GLY A 365 8.30 10.43 16.23
CA GLY A 365 8.64 11.69 16.86
C GLY A 365 9.95 11.68 17.64
N ASP A 366 10.65 10.55 17.70
CA ASP A 366 11.94 10.48 18.35
C ASP A 366 13.06 10.64 17.33
N LEU A 367 14.18 11.18 17.81
CA LEU A 367 15.38 11.37 17.03
C LEU A 367 16.38 10.27 17.35
N GLY A 368 17.12 9.82 16.35
CA GLY A 368 18.10 8.78 16.58
C GLY A 368 19.00 8.57 15.39
N TYR A 369 19.84 7.54 15.51
CA TYR A 369 20.67 7.08 14.41
C TYR A 369 20.94 5.59 14.57
N LEU A 370 21.41 4.97 13.49
CA LEU A 370 21.82 3.58 13.48
C LEU A 370 23.32 3.49 13.25
N ASP A 371 24.01 2.63 14.01
CA ASP A 371 25.43 2.46 13.77
C ASP A 371 25.63 1.54 12.56
N ASN A 372 26.88 1.25 12.22
CA ASN A 372 27.12 0.48 11.01
C ASN A 372 26.79 -1.00 11.16
N GLU A 373 26.33 -1.44 12.33
CA GLU A 373 25.81 -2.78 12.51
C GLU A 373 24.30 -2.81 12.70
N GLY A 374 23.64 -1.67 12.59
CA GLY A 374 22.20 -1.62 12.71
C GLY A 374 21.68 -1.42 14.12
N PHE A 375 22.55 -1.16 15.09
CA PHE A 375 22.04 -0.90 16.43
C PHE A 375 21.51 0.54 16.52
N LEU A 376 20.37 0.68 17.20
CA LEU A 376 19.67 1.95 17.31
C LEU A 376 20.17 2.74 18.50
N TYR A 377 20.44 4.04 18.29
CA TYR A 377 20.75 4.96 19.37
C TYR A 377 19.68 6.06 19.35
N VAL A 378 18.86 6.09 20.38
CA VAL A 378 17.87 7.14 20.55
C VAL A 378 18.53 8.32 21.22
N LEU A 379 18.38 9.50 20.63
CA LEU A 379 18.97 10.72 21.17
C LEU A 379 17.92 11.48 21.97
N ASP A 380 18.22 11.75 23.24
CA ASP A 380 17.27 12.42 24.12
C ASP A 380 17.25 13.90 23.74
N ARG A 381 16.39 14.25 22.78
CA ARG A 381 16.35 15.61 22.23
C ARG A 381 14.96 16.23 22.19
N ARG A 382 13.91 15.49 22.51
CA ARG A 382 12.57 16.05 22.37
C ARG A 382 12.34 17.13 23.42
N SER A 383 11.66 18.20 23.02
CA SER A 383 11.14 19.16 23.97
C SER A 383 9.61 19.15 24.03
N ASP A 384 8.95 18.29 23.23
CA ASP A 384 7.50 18.14 23.25
C ASP A 384 7.04 17.02 24.17
N LEU A 385 7.96 16.44 24.94
CA LEU A 385 7.71 15.27 25.76
C LEU A 385 8.71 15.26 26.90
N ILE A 386 8.22 15.05 28.12
CA ILE A 386 9.06 14.92 29.32
C ILE A 386 8.71 13.59 29.95
N ILE A 387 9.72 12.79 30.30
CA ILE A 387 9.47 11.47 30.89
C ILE A 387 9.91 11.50 32.36
N SER A 388 8.92 11.28 33.25
CA SER A 388 9.10 11.30 34.70
C SER A 388 8.74 9.93 35.23
N GLY A 389 9.74 9.19 35.71
CA GLY A 389 9.46 7.85 36.23
C GLY A 389 8.71 6.96 35.26
N GLY A 390 9.09 7.01 33.98
CA GLY A 390 8.41 6.24 32.96
C GLY A 390 7.02 6.72 32.58
N GLU A 391 6.57 7.85 33.12
CA GLU A 391 5.30 8.43 32.71
C GLU A 391 5.57 9.56 31.73
N ASN A 392 4.92 9.49 30.55
CA ASN A 392 5.02 10.57 29.59
C ASN A 392 4.27 11.81 30.06
N ILE A 393 4.90 12.97 29.91
CA ILE A 393 4.29 14.26 30.18
C ILE A 393 4.43 15.11 28.94
N TYR A 394 3.32 15.71 28.49
CA TYR A 394 3.35 16.57 27.30
C TYR A 394 3.25 18.04 27.68
N PRO A 395 4.32 18.81 27.48
CA PRO A 395 4.25 20.25 27.79
C PRO A 395 3.06 20.96 27.18
N ALA A 396 2.63 20.58 25.96
CA ALA A 396 1.44 21.20 25.36
C ALA A 396 0.21 21.03 26.25
N GLU A 397 0.08 19.87 26.90
CA GLU A 397 -1.08 19.67 27.76
C GLU A 397 -0.97 20.51 29.02
N VAL A 398 0.21 20.51 29.64
CA VAL A 398 0.39 21.25 30.87
C VAL A 398 0.28 22.76 30.60
N GLU A 399 0.83 23.22 29.46
CA GLU A 399 0.69 24.63 29.09
C GLU A 399 -0.77 25.02 28.88
N SER A 400 -1.55 24.13 28.23
CA SER A 400 -2.97 24.41 28.03
C SER A 400 -3.68 24.64 29.35
N VAL A 401 -3.40 23.80 30.35
CA VAL A 401 -4.03 23.98 31.66
C VAL A 401 -3.61 25.31 32.26
N LEU A 402 -2.30 25.61 32.24
CA LEU A 402 -1.81 26.86 32.80
C LEU A 402 -2.38 28.07 32.08
N LEU A 403 -2.51 28.00 30.75
CA LEU A 403 -3.04 29.13 30.01
C LEU A 403 -4.50 29.41 30.34
N SER A 404 -5.27 28.38 30.72
CA SER A 404 -6.68 28.58 31.02
C SER A 404 -6.90 29.36 32.32
N HIS A 405 -5.87 29.49 33.15
CA HIS A 405 -5.99 30.27 34.37
C HIS A 405 -6.07 31.76 34.03
N PRO A 406 -6.98 32.50 34.68
CA PRO A 406 -7.17 33.92 34.32
C PRO A 406 -5.92 34.78 34.47
N ALA A 407 -5.06 34.48 35.43
CA ALA A 407 -3.88 35.32 35.65
C ALA A 407 -2.76 35.06 34.65
N VAL A 408 -2.88 34.01 33.83
CA VAL A 408 -1.79 33.54 32.99
C VAL A 408 -2.00 34.03 31.57
N ALA A 409 -1.05 34.81 31.06
CA ALA A 409 -1.01 35.29 29.68
C ALA A 409 -0.30 34.30 28.75
N GLU A 410 0.87 33.80 29.15
CA GLU A 410 1.64 32.88 28.33
C GLU A 410 2.23 31.78 29.20
N ALA A 411 2.55 30.64 28.59
CA ALA A 411 3.04 29.49 29.35
C ALA A 411 3.96 28.64 28.50
N GLY A 412 5.03 28.15 29.11
CA GLY A 412 5.94 27.21 28.50
C GLY A 412 6.45 26.23 29.54
N VAL A 413 6.48 24.95 29.20
CA VAL A 413 6.85 23.89 30.14
C VAL A 413 8.03 23.12 29.56
N SER A 414 9.07 22.95 30.36
CA SER A 414 10.22 22.16 29.95
C SER A 414 10.64 21.19 31.05
N GLY A 415 11.37 20.20 30.70
CA GLY A 415 11.79 19.16 31.64
C GLY A 415 13.06 19.58 32.35
N ALA A 416 13.05 19.49 33.67
CA ALA A 416 14.24 19.74 34.48
C ALA A 416 14.82 18.41 34.96
N GLU A 417 16.15 18.33 35.01
CA GLU A 417 16.82 17.15 35.53
C GLU A 417 16.32 16.82 36.93
N ASP A 418 16.10 15.52 37.17
CA ASP A 418 15.70 15.04 38.49
C ASP A 418 16.41 13.72 38.74
N LYS A 419 17.16 13.64 39.85
CA LYS A 419 17.93 12.43 40.14
C LYS A 419 17.02 11.21 40.23
N LYS A 420 15.87 11.34 40.89
CA LYS A 420 14.99 10.19 41.06
C LYS A 420 14.14 9.92 39.83
N TRP A 421 13.49 10.94 39.27
CA TRP A 421 12.48 10.69 38.25
C TRP A 421 13.01 10.80 36.83
N GLY A 422 14.26 11.23 36.64
CA GLY A 422 14.76 11.51 35.31
C GLY A 422 14.53 12.94 34.88
N LYS A 423 13.28 13.28 34.57
CA LYS A 423 12.89 14.66 34.29
C LYS A 423 11.57 14.96 34.99
N VAL A 424 11.44 16.19 35.50
CA VAL A 424 10.17 16.68 36.03
C VAL A 424 9.83 17.99 35.32
N PRO A 425 8.55 18.35 35.21
CA PRO A 425 8.19 19.58 34.49
C PRO A 425 8.37 20.81 35.35
N HIS A 426 8.92 21.86 34.72
CA HIS A 426 8.92 23.20 35.26
C HIS A 426 8.11 24.11 34.34
N ALA A 427 7.41 25.08 34.92
CA ALA A 427 6.56 26.00 34.19
C ALA A 427 7.18 27.38 34.13
N TYR A 428 7.05 28.03 32.96
CA TYR A 428 7.57 29.36 32.70
C TYR A 428 6.40 30.22 32.23
N LEU A 429 6.14 31.30 32.95
CA LEU A 429 4.87 32.01 32.87
C LEU A 429 5.08 33.48 32.60
N VAL A 430 4.26 34.03 31.71
CA VAL A 430 4.00 35.47 31.64
C VAL A 430 2.60 35.70 32.19
N LEU A 431 2.46 36.67 33.09
CA LEU A 431 1.25 36.83 33.90
C LEU A 431 0.49 38.10 33.54
N HIS A 432 -0.84 37.99 33.49
CA HIS A 432 -1.69 39.17 33.45
C HIS A 432 -1.74 39.85 34.80
N LYS A 433 -2.14 39.11 35.83
CA LYS A 433 -2.24 39.56 37.20
C LYS A 433 -1.35 38.68 38.07
N PRO A 434 -0.97 39.17 39.26
CA PRO A 434 -0.21 38.31 40.18
C PRO A 434 -1.00 37.08 40.58
N VAL A 435 -0.29 35.97 40.75
CA VAL A 435 -0.86 34.73 41.25
C VAL A 435 0.27 33.96 41.91
N SER A 436 -0.03 33.28 43.00
CA SER A 436 0.99 32.56 43.75
C SER A 436 1.18 31.15 43.19
N ALA A 437 2.34 30.56 43.53
CA ALA A 437 2.59 29.18 43.14
C ALA A 437 1.60 28.23 43.81
N GLY A 438 1.20 28.53 45.04
CA GLY A 438 0.21 27.70 45.72
C GLY A 438 -1.12 27.69 44.99
N GLU A 439 -1.55 28.87 44.51
CA GLU A 439 -2.84 28.97 43.81
C GLU A 439 -2.79 28.23 42.48
N LEU A 440 -1.69 28.36 41.74
CA LEU A 440 -1.56 27.63 40.48
C LEU A 440 -1.56 26.13 40.71
N THR A 441 -0.88 25.68 41.77
CA THR A 441 -0.85 24.25 42.08
C THR A 441 -2.26 23.73 42.40
N ASP A 442 -3.00 24.45 43.25
CA ASP A 442 -4.38 24.06 43.54
C ASP A 442 -5.22 23.99 42.26
N TYR A 443 -5.05 24.97 41.37
CA TYR A 443 -5.72 24.94 40.08
C TYR A 443 -5.31 23.72 39.28
N CYS A 444 -4.03 23.35 39.33
CA CYS A 444 -3.61 22.22 38.51
C CYS A 444 -4.09 20.88 39.09
N LYS A 445 -4.35 20.82 40.39
CA LYS A 445 -4.83 19.55 40.97
C LYS A 445 -6.11 19.07 40.32
N GLU A 446 -6.98 19.99 39.87
CA GLU A 446 -8.27 19.63 39.30
C GLU A 446 -8.19 19.26 37.82
N ARG A 447 -7.02 19.40 37.20
CA ARG A 447 -6.91 19.27 35.76
CA ARG A 447 -6.90 19.28 35.76
C ARG A 447 -5.74 18.42 35.29
N LEU A 448 -4.83 18.01 36.17
CA LEU A 448 -3.66 17.25 35.78
C LEU A 448 -3.33 16.19 36.81
N ALA A 449 -2.92 15.02 36.33
CA ALA A 449 -2.37 13.99 37.19
C ALA A 449 -1.18 14.53 37.98
N LYS A 450 -0.97 13.97 39.17
CA LYS A 450 0.07 14.46 40.08
C LYS A 450 1.42 14.63 39.36
N TYR A 451 1.88 13.59 38.65
CA TYR A 451 3.22 13.66 38.07
C TYR A 451 3.34 14.73 36.98
N LYS A 452 2.22 15.20 36.41
CA LYS A 452 2.26 16.22 35.36
C LYS A 452 2.37 17.64 35.92
N ARG A 453 2.06 17.86 37.20
CA ARG A 453 1.98 19.22 37.72
C ARG A 453 3.39 19.80 37.85
N PRO A 454 3.58 21.06 37.50
CA PRO A 454 4.91 21.70 37.62
C PRO A 454 5.47 21.65 39.03
N LYS A 455 6.72 21.23 39.15
CA LYS A 455 7.38 21.22 40.45
C LYS A 455 7.97 22.57 40.81
N LYS A 456 8.16 23.47 39.84
CA LYS A 456 8.60 24.84 40.08
C LYS A 456 7.95 25.74 39.05
N PHE A 457 7.64 26.98 39.45
CA PHE A 457 7.08 28.00 38.58
C PHE A 457 8.06 29.18 38.51
N PHE A 458 8.22 29.73 37.30
CA PHE A 458 9.02 30.93 37.08
C PHE A 458 8.22 31.97 36.31
N VAL A 459 8.47 33.24 36.62
CA VAL A 459 7.77 34.37 36.01
C VAL A 459 8.75 35.11 35.12
N LEU A 460 8.31 35.44 33.90
CA LEU A 460 9.12 36.13 32.90
C LEU A 460 8.26 37.23 32.27
N ASP A 461 8.91 38.12 31.52
CA ASP A 461 8.20 39.12 30.73
C ASP A 461 7.96 38.68 29.30
N ARG A 462 8.77 37.76 28.80
CA ARG A 462 8.58 37.19 27.47
C ARG A 462 9.15 35.78 27.50
N LEU A 463 8.68 34.97 26.57
CA LEU A 463 9.24 33.62 26.43
C LEU A 463 9.99 33.51 25.11
N PRO A 464 10.96 32.60 25.01
CA PRO A 464 11.71 32.45 23.75
C PRO A 464 10.80 31.97 22.64
N ARG A 465 10.85 32.66 21.49
CA ARG A 465 10.03 32.32 20.33
C ARG A 465 10.82 32.52 19.05
N ASN A 466 10.44 31.77 18.01
CA ASN A 466 11.10 31.84 16.72
C ASN A 466 10.48 32.97 15.89
N ALA A 467 10.83 33.02 14.60
CA ALA A 467 10.32 34.07 13.73
C ALA A 467 8.80 34.05 13.63
N SER A 468 8.21 32.85 13.61
CA SER A 468 6.77 32.70 13.47
C SER A 468 6.04 32.71 14.81
N ASN A 469 6.67 33.22 15.87
CA ASN A 469 6.10 33.36 17.21
C ASN A 469 5.83 32.02 17.89
N LYS A 470 6.51 30.94 17.47
CA LYS A 470 6.36 29.65 18.10
C LYS A 470 7.29 29.54 19.30
N LEU A 471 6.78 28.96 20.38
CA LEU A 471 7.59 28.76 21.58
C LEU A 471 8.81 27.88 21.28
N LEU A 472 9.95 28.27 21.84
CA LEU A 472 11.20 27.50 21.73
C LEU A 472 11.48 26.87 23.09
N ARG A 473 10.87 25.70 23.34
CA ARG A 473 10.86 25.16 24.69
C ARG A 473 12.26 24.81 25.18
N ASN A 474 13.17 24.48 24.28
CA ASN A 474 14.50 24.09 24.70
C ASN A 474 15.12 25.24 25.50
N GLN A 475 14.82 26.46 25.07
CA GLN A 475 15.51 27.64 25.56
C GLN A 475 14.89 28.21 26.83
N LEU A 476 13.83 27.60 27.35
CA LEU A 476 13.17 28.13 28.55
C LEU A 476 14.12 28.11 29.75
N LYS A 477 14.99 27.13 29.82
CA LYS A 477 15.88 26.99 30.95
C LYS A 477 16.78 28.19 31.14
N ASP A 478 17.25 28.72 30.01
CA ASP A 478 18.16 29.86 29.95
C ASP A 478 17.57 31.21 30.21
N ALA A 479 16.26 31.25 30.23
CA ALA A 479 15.59 32.52 30.16
C ALA A 479 15.77 33.30 31.43
N ARG A 480 15.56 34.61 31.33
CA ARG A 480 15.77 35.53 32.42
C ARG A 480 14.51 35.51 33.24
N LYS A 481 14.64 34.98 34.45
CA LYS A 481 13.50 34.58 35.21
C LYS A 481 13.69 34.68 36.69
N GLY A 482 12.59 34.85 37.40
CA GLY A 482 12.58 34.74 38.85
C GLY A 482 11.67 33.61 39.34
N GLU A 483 12.11 32.86 40.33
CA GLU A 483 11.28 31.83 40.89
C GLU A 483 10.05 32.38 41.56
N LEU A 484 8.91 31.76 41.36
CA LEU A 484 7.65 32.18 41.96
C LEU A 484 7.36 31.31 43.18
N LEU A 485 7.24 31.96 44.34
CA LEU A 485 6.97 31.22 45.58
C LEU A 485 5.47 31.20 45.91
C LEU B 1 4.01 16.33 -6.21
N THR B 2 3.87 17.17 -5.19
CA THR B 2 2.83 17.00 -4.20
C THR B 2 1.99 18.26 -4.02
N GLU B 3 2.28 19.33 -4.76
CA GLU B 3 1.45 20.53 -4.69
C GLU B 3 1.33 21.20 -6.06
N GLN B 4 0.26 21.95 -6.24
CA GLN B 4 0.03 22.79 -7.41
C GLN B 4 -0.33 24.21 -6.99
N PRO B 5 -0.02 25.21 -7.83
CA PRO B 5 -0.53 26.56 -7.56
C PRO B 5 -2.04 26.51 -7.42
N ASN B 6 -2.57 27.32 -6.50
CA ASN B 6 -4.02 27.38 -6.33
C ASN B 6 -4.67 27.65 -7.69
N TRP B 7 -5.63 26.81 -8.07
CA TRP B 7 -6.14 26.84 -9.44
C TRP B 7 -6.76 28.19 -9.78
N LEU B 8 -7.53 28.76 -8.86
CA LEU B 8 -8.15 30.06 -9.11
C LEU B 8 -7.10 31.14 -9.26
N MET B 9 -6.12 31.16 -8.35
CA MET B 9 -4.99 32.09 -8.45
C MET B 9 -4.31 32.04 -9.81
N GLN B 10 -3.89 30.85 -10.23
CA GLN B 10 -3.15 30.76 -11.48
C GLN B 10 -4.06 31.08 -12.65
N ARG B 11 -5.33 30.66 -12.59
CA ARG B 11 -6.25 30.95 -13.68
C ARG B 11 -6.47 32.45 -13.84
N ALA B 12 -6.59 33.18 -12.72
CA ALA B 12 -6.68 34.64 -12.81
C ALA B 12 -5.39 35.25 -13.35
N GLN B 13 -4.25 34.64 -13.06
CA GLN B 13 -2.98 35.15 -13.59
C GLN B 13 -2.90 34.96 -15.10
N LEU B 14 -3.45 33.87 -15.60
CA LEU B 14 -3.31 33.49 -16.99
C LEU B 14 -4.36 34.15 -17.89
N THR B 15 -5.63 34.10 -17.52
CA THR B 15 -6.70 34.67 -18.34
C THR B 15 -7.63 35.47 -17.43
N PRO B 16 -7.17 36.64 -16.96
CA PRO B 16 -7.94 37.37 -15.94
C PRO B 16 -9.29 37.85 -16.41
N GLU B 17 -9.42 38.25 -17.68
CA GLU B 17 -10.67 38.86 -18.13
C GLU B 17 -11.62 37.87 -18.75
N ARG B 18 -11.24 36.60 -18.84
CA ARG B 18 -12.21 35.61 -19.27
C ARG B 18 -13.29 35.47 -18.20
N ILE B 19 -14.51 35.22 -18.66
CA ILE B 19 -15.66 35.08 -17.77
C ILE B 19 -15.60 33.75 -17.02
N ALA B 20 -15.62 33.83 -15.68
CA ALA B 20 -15.64 32.65 -14.84
C ALA B 20 -17.06 32.17 -14.54
N LEU B 21 -17.97 33.11 -14.28
CA LEU B 21 -19.29 32.77 -13.78
C LEU B 21 -20.31 33.72 -14.38
N ILE B 22 -21.44 33.16 -14.83
CA ILE B 22 -22.60 33.93 -15.25
C ILE B 22 -23.75 33.52 -14.35
N TYR B 23 -24.25 34.45 -13.54
CA TYR B 23 -25.28 34.15 -12.56
C TYR B 23 -26.28 35.30 -12.55
N GLU B 24 -27.55 34.98 -12.82
CA GLU B 24 -28.57 36.00 -13.02
C GLU B 24 -28.05 37.05 -13.98
N ASP B 25 -27.92 38.30 -13.52
CA ASP B 25 -27.42 39.39 -14.33
C ASP B 25 -25.96 39.74 -14.05
N GLN B 26 -25.23 38.89 -13.34
CA GLN B 26 -23.82 39.14 -13.08
C GLN B 26 -22.96 38.32 -14.02
N THR B 27 -21.95 38.95 -14.60
CA THR B 27 -20.81 38.25 -15.18
C THR B 27 -19.60 38.53 -14.31
N VAL B 28 -18.91 37.47 -13.92
CA VAL B 28 -17.75 37.55 -13.04
C VAL B 28 -16.54 37.00 -13.79
N THR B 29 -15.53 37.84 -14.01
CA THR B 29 -14.28 37.39 -14.62
C THR B 29 -13.49 36.55 -13.61
N PHE B 30 -12.45 35.86 -14.11
CA PHE B 30 -11.58 35.13 -13.21
C PHE B 30 -10.82 36.07 -12.27
N ALA B 31 -10.45 37.26 -12.75
CA ALA B 31 -9.82 38.22 -11.87
C ALA B 31 -10.80 38.65 -10.79
N GLU B 32 -12.05 38.94 -11.18
CA GLU B 32 -13.07 39.33 -10.19
C GLU B 32 -13.35 38.20 -9.22
N LEU B 33 -13.35 36.96 -9.70
CA LEU B 33 -13.59 35.80 -8.83
C LEU B 33 -12.48 35.63 -7.81
N PHE B 34 -11.22 35.70 -8.26
CA PHE B 34 -10.13 35.62 -7.29
C PHE B 34 -10.22 36.74 -6.28
N ALA B 35 -10.47 37.97 -6.73
CA ALA B 35 -10.60 39.11 -5.84
C ALA B 35 -11.71 38.86 -4.81
N ALA B 36 -12.87 38.42 -5.26
CA ALA B 36 -14.00 38.22 -4.35
C ALA B 36 -13.72 37.10 -3.36
N SER B 37 -13.02 36.05 -3.80
CA SER B 37 -12.74 34.90 -2.94
C SER B 37 -11.68 35.24 -1.91
N LYS B 38 -10.66 36.00 -2.31
CA LYS B 38 -9.66 36.45 -1.37
C LYS B 38 -10.27 37.39 -0.34
N ARG B 39 -11.17 38.29 -0.77
CA ARG B 39 -11.77 39.20 0.19
C ARG B 39 -12.62 38.44 1.20
N MET B 40 -13.36 37.43 0.75
CA MET B 40 -14.16 36.66 1.70
C MET B 40 -13.26 35.90 2.67
N ALA B 41 -12.11 35.40 2.19
CA ALA B 41 -11.19 34.68 3.06
C ALA B 41 -10.64 35.58 4.15
N GLU B 42 -10.32 36.83 3.81
CA GLU B 42 -9.90 37.79 4.83
C GLU B 42 -11.00 38.04 5.85
N GLN B 43 -12.25 38.13 5.39
CA GLN B 43 -13.35 38.36 6.32
C GLN B 43 -13.58 37.12 7.20
N LEU B 44 -13.45 35.92 6.65
CA LEU B 44 -13.55 34.71 7.47
C LEU B 44 -12.42 34.64 8.49
N ALA B 45 -11.20 34.98 8.07
CA ALA B 45 -10.07 35.00 9.00
C ALA B 45 -10.32 35.96 10.17
N ALA B 46 -10.98 37.09 9.90
CA ALA B 46 -11.31 38.02 10.97
C ALA B 46 -12.33 37.45 11.94
N HIS B 47 -13.08 36.42 11.52
CA HIS B 47 -13.95 35.67 12.42
C HIS B 47 -13.25 34.47 13.04
N SER B 48 -11.92 34.44 12.98
CA SER B 48 -11.04 33.44 13.59
C SER B 48 -11.10 32.08 12.90
N VAL B 49 -11.51 32.04 11.62
CA VAL B 49 -11.31 30.84 10.82
C VAL B 49 -9.83 30.71 10.50
N ARG B 50 -9.27 29.51 10.70
CA ARG B 50 -7.84 29.31 10.60
C ARG B 50 -7.54 28.06 9.78
N LYS B 51 -6.33 28.03 9.20
CA LYS B 51 -5.87 26.86 8.46
C LYS B 51 -6.04 25.61 9.31
N GLY B 52 -6.54 24.54 8.68
CA GLY B 52 -6.82 23.30 9.38
C GLY B 52 -8.21 23.20 9.96
N ASP B 53 -8.97 24.29 10.03
CA ASP B 53 -10.35 24.21 10.46
C ASP B 53 -11.21 23.55 9.39
N THR B 54 -12.44 23.23 9.79
CA THR B 54 -13.45 22.70 8.87
C THR B 54 -14.65 23.63 8.92
N ALA B 55 -15.11 24.10 7.75
CA ALA B 55 -16.25 24.99 7.66
C ALA B 55 -17.34 24.34 6.81
N ALA B 56 -18.57 24.38 7.28
CA ALA B 56 -19.70 23.87 6.51
C ALA B 56 -20.38 25.00 5.75
N ILE B 57 -20.85 24.70 4.56
CA ILE B 57 -21.53 25.69 3.71
C ILE B 57 -22.97 25.24 3.53
N LEU B 58 -23.91 26.13 3.83
CA LEU B 58 -25.34 25.83 3.64
C LEU B 58 -25.95 26.97 2.83
N LEU B 59 -25.99 26.78 1.51
CA LEU B 59 -26.41 27.83 0.58
C LEU B 59 -27.05 27.19 -0.64
N GLN B 60 -28.03 27.90 -1.20
CA GLN B 60 -28.49 27.56 -2.54
C GLN B 60 -27.45 28.04 -3.54
N ASN B 61 -27.62 27.66 -4.82
CA ASN B 61 -26.69 28.08 -5.85
C ASN B 61 -26.70 29.61 -5.98
N ARG B 62 -25.58 30.25 -5.66
CA ARG B 62 -25.40 31.70 -5.74
C ARG B 62 -23.93 31.96 -6.05
N ALA B 63 -23.63 33.16 -6.55
CA ALA B 63 -22.22 33.51 -6.72
C ALA B 63 -21.49 33.42 -5.39
N GLU B 64 -22.17 33.81 -4.29
CA GLU B 64 -21.53 33.82 -2.98
C GLU B 64 -21.14 32.41 -2.52
N MET B 65 -21.86 31.41 -2.95
CA MET B 65 -21.47 30.04 -2.69
C MET B 65 -20.15 29.67 -3.38
N VAL B 66 -19.99 30.15 -4.59
CA VAL B 66 -18.73 29.93 -5.31
C VAL B 66 -17.58 30.67 -4.62
N TYR B 67 -17.82 31.90 -4.16
CA TYR B 67 -16.80 32.62 -3.40
C TYR B 67 -16.42 31.87 -2.13
N ALA B 68 -17.41 31.30 -1.43
CA ALA B 68 -17.14 30.63 -0.16
C ALA B 68 -16.30 29.38 -0.34
N VAL B 69 -16.58 28.57 -1.35
CA VAL B 69 -15.77 27.39 -1.60
C VAL B 69 -14.33 27.79 -1.88
N HIS B 70 -14.13 28.78 -2.74
CA HIS B 70 -12.76 29.18 -3.07
C HIS B 70 -12.07 29.89 -1.91
N ALA B 71 -12.83 30.65 -1.10
CA ALA B 71 -12.25 31.26 0.10
C ALA B 71 -11.73 30.20 1.07
N CYS B 72 -12.49 29.13 1.27
CA CYS B 72 -12.00 28.04 2.12
C CYS B 72 -10.67 27.49 1.60
N PHE B 73 -10.55 27.30 0.29
CA PHE B 73 -9.28 26.82 -0.26
C PHE B 73 -8.15 27.80 0.07
N LEU B 74 -8.41 29.09 -0.12
CA LEU B 74 -7.39 30.11 0.09
C LEU B 74 -6.96 30.22 1.55
N LEU B 75 -7.79 29.72 2.48
CA LEU B 75 -7.46 29.72 3.90
C LEU B 75 -6.86 28.40 4.38
N GLY B 76 -6.89 27.36 3.57
CA GLY B 76 -6.51 26.04 4.06
C GLY B 76 -7.55 25.39 4.93
N VAL B 77 -8.83 25.63 4.64
CA VAL B 77 -9.95 25.17 5.46
C VAL B 77 -10.72 24.13 4.65
N LYS B 78 -10.99 22.97 5.26
CA LYS B 78 -11.82 21.96 4.61
C LYS B 78 -13.28 22.42 4.54
N ALA B 79 -13.92 22.26 3.39
CA ALA B 79 -15.26 22.77 3.16
C ALA B 79 -16.24 21.60 3.13
N VAL B 80 -17.23 21.62 4.03
CA VAL B 80 -18.30 20.62 4.03
C VAL B 80 -19.51 21.21 3.31
N LEU B 81 -19.91 20.58 2.22
CA LEU B 81 -21.07 21.06 1.44
C LEU B 81 -22.33 20.41 2.01
N LEU B 82 -23.25 21.22 2.52
CA LEU B 82 -24.48 20.72 3.13
C LEU B 82 -25.64 20.76 2.15
N ASN B 83 -26.35 19.64 2.04
CA ASN B 83 -27.60 19.52 1.29
C ASN B 83 -28.68 20.43 1.92
N THR B 84 -29.19 21.38 1.12
CA THR B 84 -30.10 22.38 1.66
C THR B 84 -31.52 21.85 1.90
N LYS B 85 -31.84 20.65 1.43
CA LYS B 85 -33.18 20.09 1.65
C LYS B 85 -33.26 19.24 2.92
N LEU B 86 -32.15 18.99 3.58
CA LEU B 86 -32.14 18.23 4.81
C LEU B 86 -32.93 18.94 5.91
N SER B 87 -33.52 18.16 6.80
CA SER B 87 -34.05 18.72 8.03
C SER B 87 -32.91 19.30 8.87
N THR B 88 -33.27 20.16 9.81
CA THR B 88 -32.30 20.66 10.78
C THR B 88 -31.65 19.51 11.53
N HIS B 89 -32.43 18.47 11.85
CA HIS B 89 -31.90 17.31 12.55
C HIS B 89 -30.80 16.62 11.75
N GLU B 90 -31.05 16.38 10.46
CA GLU B 90 -30.03 15.76 9.61
C GLU B 90 -28.78 16.63 9.49
N ARG B 91 -28.94 17.95 9.45
CA ARG B 91 -27.77 18.81 9.33
C ARG B 91 -26.98 18.85 10.63
N LEU B 92 -27.67 18.87 11.77
CA LEU B 92 -26.97 18.82 13.06
C LEU B 92 -26.05 17.61 13.14
N PHE B 93 -26.53 16.44 12.71
CA PHE B 93 -25.66 15.26 12.71
C PHE B 93 -24.40 15.50 11.87
N GLN B 94 -24.56 16.08 10.68
CA GLN B 94 -23.41 16.24 9.81
C GLN B 94 -22.46 17.32 10.28
N LEU B 95 -22.98 18.39 10.90
CA LEU B 95 -22.11 19.39 11.50
C LEU B 95 -21.26 18.79 12.61
N GLU B 96 -21.89 17.97 13.46
CA GLU B 96 -21.15 17.32 14.55
C GLU B 96 -20.18 16.28 14.01
N ASP B 97 -20.66 15.39 13.14
CA ASP B 97 -19.83 14.30 12.65
C ASP B 97 -18.59 14.82 11.93
N SER B 98 -18.73 15.87 11.13
CA SER B 98 -17.62 16.36 10.30
C SER B 98 -16.59 17.15 11.09
N GLY B 99 -16.85 17.47 12.35
CA GLY B 99 -15.95 18.33 13.08
C GLY B 99 -15.95 19.77 12.61
N SER B 100 -17.05 20.23 11.99
CA SER B 100 -17.13 21.62 11.58
C SER B 100 -17.07 22.56 12.76
N GLY B 101 -16.28 23.62 12.63
CA GLY B 101 -16.24 24.65 13.64
C GLY B 101 -17.09 25.86 13.27
N PHE B 102 -17.50 25.92 12.01
CA PHE B 102 -18.19 27.08 11.47
C PHE B 102 -19.26 26.63 10.49
N LEU B 103 -20.29 27.46 10.33
CA LEU B 103 -21.34 27.26 9.35
C LEU B 103 -21.48 28.55 8.56
N LEU B 104 -21.32 28.48 7.25
CA LEU B 104 -21.49 29.63 6.37
C LEU B 104 -22.81 29.48 5.64
N THR B 105 -23.76 30.38 5.91
CA THR B 105 -25.09 30.28 5.32
C THR B 105 -25.62 31.70 5.06
N ASP B 106 -26.95 31.85 4.91
CA ASP B 106 -27.51 33.19 4.71
C ASP B 106 -28.87 33.26 5.40
N SER B 107 -29.55 34.42 5.26
CA SER B 107 -30.79 34.70 5.98
C SER B 107 -32.00 33.97 5.42
N SER B 108 -31.87 33.24 4.32
CA SER B 108 -32.95 32.38 3.89
C SER B 108 -32.98 31.07 4.67
N PHE B 109 -31.98 30.80 5.50
CA PHE B 109 -31.99 29.68 6.43
C PHE B 109 -32.13 30.18 7.86
N GLU B 110 -32.67 29.33 8.73
CA GLU B 110 -32.91 29.70 10.14
C GLU B 110 -31.62 29.44 10.93
N LYS B 111 -30.80 30.48 11.04
CA LYS B 111 -29.45 30.33 11.59
C LYS B 111 -29.44 30.03 13.09
N LYS B 112 -30.48 30.41 13.83
CA LYS B 112 -30.50 30.22 15.27
C LYS B 112 -30.48 28.74 15.67
N GLU B 113 -30.96 27.84 14.81
CA GLU B 113 -30.94 26.42 15.10
C GLU B 113 -29.53 25.86 15.27
N TYR B 114 -28.50 26.55 14.74
CA TYR B 114 -27.16 25.97 14.72
C TYR B 114 -26.17 26.65 15.65
N GLU B 115 -26.51 27.73 16.32
CA GLU B 115 -25.51 28.36 17.14
C GLU B 115 -25.35 27.77 18.53
N HIS B 116 -25.15 26.47 18.60
CA HIS B 116 -24.73 25.82 19.81
C HIS B 116 -23.74 24.73 19.48
N ILE B 117 -23.64 24.41 18.20
CA ILE B 117 -22.68 23.42 17.71
C ILE B 117 -21.59 24.01 16.80
N VAL B 118 -21.83 25.21 16.27
CA VAL B 118 -20.87 25.88 15.42
C VAL B 118 -21.09 27.38 15.52
N GLN B 119 -20.04 28.14 15.22
CA GLN B 119 -20.18 29.56 14.99
C GLN B 119 -20.81 29.78 13.62
N THR B 120 -21.91 30.51 13.59
CA THR B 120 -22.68 30.67 12.36
C THR B 120 -22.40 32.04 11.77
N ILE B 121 -22.21 32.08 10.46
CA ILE B 121 -21.80 33.28 9.76
C ILE B 121 -22.74 33.50 8.58
N ASP B 122 -23.29 34.70 8.45
CA ASP B 122 -24.13 35.07 7.33
C ASP B 122 -23.24 35.68 6.25
N VAL B 123 -23.15 35.01 5.09
CA VAL B 123 -22.21 35.44 4.05
CA VAL B 123 -22.28 35.36 4.06
C VAL B 123 -22.54 36.84 3.54
N ASP B 124 -23.81 37.23 3.55
CA ASP B 124 -24.14 38.56 3.05
C ASP B 124 -23.72 39.64 4.05
N GLU B 125 -23.90 39.38 5.34
CA GLU B 125 -23.39 40.31 6.34
C GLU B 125 -21.87 40.31 6.35
N LEU B 126 -21.27 39.12 6.24
CA LEU B 126 -19.82 38.98 6.20
C LEU B 126 -19.19 39.88 5.14
N MET B 127 -19.79 39.90 3.95
CA MET B 127 -19.20 40.63 2.84
C MET B 127 -19.22 42.14 3.04
N LYS B 128 -20.02 42.65 3.98
CA LYS B 128 -20.04 44.07 4.27
C LYS B 128 -18.96 44.50 5.26
N GLU B 129 -18.21 43.58 5.83
CA GLU B 129 -17.33 43.90 6.94
C GLU B 129 -15.93 44.27 6.47
N ALA B 130 -15.31 45.18 7.20
CA ALA B 130 -13.90 45.45 7.03
C ALA B 130 -13.08 44.30 7.61
N ALA B 131 -11.94 44.01 6.97
CA ALA B 131 -11.05 42.97 7.46
C ALA B 131 -9.66 43.24 6.90
N GLU B 132 -8.64 42.97 7.70
CA GLU B 132 -7.31 43.27 7.19
C GLU B 132 -6.80 42.13 6.30
N GLU B 133 -5.82 42.45 5.49
CA GLU B 133 -5.37 41.48 4.50
C GLU B 133 -4.59 40.35 5.18
N ILE B 134 -4.57 39.20 4.49
CA ILE B 134 -3.94 37.98 4.97
C ILE B 134 -3.01 37.46 3.89
N GLU B 135 -2.17 36.49 4.27
CA GLU B 135 -1.38 35.74 3.33
C GLU B 135 -2.17 34.49 2.95
N ILE B 136 -2.58 34.40 1.69
CA ILE B 136 -3.42 33.28 1.27
C ILE B 136 -2.56 32.03 1.09
N GLU B 137 -3.23 30.88 1.12
CA GLU B 137 -2.57 29.63 0.76
C GLU B 137 -2.37 29.62 -0.74
N ALA B 138 -1.15 29.91 -1.18
CA ALA B 138 -0.83 29.99 -2.60
C ALA B 138 -0.81 28.62 -3.29
N TYR B 139 -0.67 27.54 -2.54
CA TYR B 139 -0.60 26.21 -3.13
C TYR B 139 -1.72 25.33 -2.60
N MET B 140 -2.15 24.39 -3.44
CA MET B 140 -3.02 23.30 -3.02
C MET B 140 -2.16 22.05 -2.88
N GLN B 141 -2.27 21.38 -1.73
CA GLN B 141 -1.60 20.10 -1.55
C GLN B 141 -2.47 19.01 -2.14
N MET B 142 -1.88 18.20 -3.03
CA MET B 142 -2.65 17.25 -3.83
C MET B 142 -3.35 16.22 -2.95
N ASP B 143 -2.69 15.77 -1.88
CA ASP B 143 -3.31 14.74 -1.06
C ASP B 143 -4.13 15.31 0.10
N ALA B 144 -4.28 16.63 0.18
CA ALA B 144 -5.09 17.21 1.25
C ALA B 144 -6.58 17.14 0.92
N THR B 145 -7.39 16.86 1.93
CA THR B 145 -8.84 16.93 1.76
C THR B 145 -9.27 18.37 1.47
N ALA B 146 -9.96 18.57 0.36
CA ALA B 146 -10.46 19.88 -0.01
C ALA B 146 -11.91 20.05 0.43
N THR B 147 -12.74 19.04 0.16
CA THR B 147 -14.18 19.11 0.41
C THR B 147 -14.66 17.80 0.99
N LEU B 148 -15.80 17.87 1.68
CA LEU B 148 -16.43 16.70 2.24
C LEU B 148 -17.92 16.73 1.86
N MET B 149 -18.45 15.60 1.41
CA MET B 149 -19.85 15.47 1.04
C MET B 149 -20.40 14.19 1.63
N TYR B 150 -21.60 14.26 2.21
CA TYR B 150 -22.21 13.12 2.87
C TYR B 150 -23.03 12.29 1.88
N THR B 151 -22.94 10.96 2.03
CA THR B 151 -23.64 10.02 1.15
C THR B 151 -23.61 8.66 1.84
N SER B 152 -24.12 7.64 1.13
CA SER B 152 -23.95 6.24 1.53
CA SER B 152 -23.95 6.24 1.53
C SER B 152 -24.44 5.98 2.95
N GLY B 153 -25.70 6.32 3.20
CA GLY B 153 -26.28 6.07 4.51
C GLY B 153 -26.78 4.65 4.72
N THR B 154 -26.02 3.65 4.28
CA THR B 154 -26.48 2.26 4.32
C THR B 154 -26.49 1.66 5.73
N THR B 155 -25.79 2.27 6.69
CA THR B 155 -25.92 1.83 8.07
C THR B 155 -27.01 2.59 8.82
N GLY B 156 -27.67 3.55 8.16
CA GLY B 156 -28.67 4.40 8.80
C GLY B 156 -28.21 5.83 9.01
N LYS B 157 -26.90 6.09 8.89
CA LYS B 157 -26.35 7.43 8.98
C LYS B 157 -25.36 7.60 7.84
N PRO B 158 -25.35 8.76 7.18
CA PRO B 158 -24.44 8.95 6.04
C PRO B 158 -22.99 9.07 6.51
N LYS B 159 -22.09 8.88 5.55
CA LYS B 159 -20.64 8.96 5.74
C LYS B 159 -20.12 10.16 4.97
N GLY B 160 -19.11 10.85 5.52
CA GLY B 160 -18.56 12.00 4.83
C GLY B 160 -17.41 11.61 3.92
N VAL B 161 -17.55 11.86 2.63
CA VAL B 161 -16.54 11.51 1.64
C VAL B 161 -15.49 12.61 1.62
N GLN B 162 -14.23 12.24 1.86
CA GLN B 162 -13.11 13.18 1.80
C GLN B 162 -12.55 13.21 0.38
N GLN B 163 -12.74 14.35 -0.30
CA GLN B 163 -12.33 14.55 -1.69
C GLN B 163 -11.12 15.48 -1.69
N THR B 164 -10.01 15.03 -2.26
CA THR B 164 -8.75 15.80 -2.23
C THR B 164 -8.66 16.77 -3.41
N PHE B 165 -7.75 17.74 -3.29
CA PHE B 165 -7.46 18.59 -4.45
C PHE B 165 -7.02 17.75 -5.64
N GLY B 166 -6.22 16.71 -5.38
CA GLY B 166 -5.79 15.85 -6.46
C GLY B 166 -6.96 15.12 -7.09
N ASN B 167 -7.91 14.66 -6.27
CA ASN B 167 -9.09 14.02 -6.81
C ASN B 167 -9.82 14.93 -7.80
N HIS B 168 -10.07 16.18 -7.40
CA HIS B 168 -10.79 17.09 -8.28
C HIS B 168 -9.98 17.43 -9.53
N TYR B 169 -8.67 17.64 -9.37
CA TYR B 169 -7.83 17.90 -10.54
C TYR B 169 -7.93 16.75 -11.54
N PHE B 170 -7.72 15.52 -11.07
CA PHE B 170 -7.72 14.39 -12.00
C PHE B 170 -9.11 14.13 -12.58
N SER B 171 -10.17 14.38 -11.82
CA SER B 171 -11.52 14.27 -12.37
C SER B 171 -11.70 15.24 -13.54
N ALA B 172 -11.29 16.50 -13.35
CA ALA B 172 -11.41 17.49 -14.42
C ALA B 172 -10.56 17.11 -15.64
N VAL B 173 -9.32 16.66 -15.40
CA VAL B 173 -8.42 16.36 -16.52
C VAL B 173 -8.92 15.13 -17.29
N SER B 174 -9.27 14.06 -16.57
CA SER B 174 -9.77 12.85 -17.24
C SER B 174 -11.01 13.14 -18.06
N SER B 175 -11.91 13.98 -17.54
CA SER B 175 -13.11 14.33 -18.30
C SER B 175 -12.76 15.12 -19.55
N ALA B 176 -11.79 16.03 -19.45
CA ALA B 176 -11.37 16.79 -20.62
C ALA B 176 -10.76 15.86 -21.67
N LEU B 177 -9.99 14.86 -21.23
CA LEU B 177 -9.39 13.93 -22.18
C LEU B 177 -10.45 13.13 -22.91
N ASN B 178 -11.60 12.90 -22.25
CA ASN B 178 -12.67 12.13 -22.88
C ASN B 178 -13.50 13.00 -23.81
N LEU B 179 -13.97 14.15 -23.33
CA LEU B 179 -14.90 15.01 -24.06
C LEU B 179 -14.21 15.98 -25.00
N GLY B 180 -12.91 16.20 -24.85
CA GLY B 180 -12.27 17.31 -25.53
C GLY B 180 -12.56 18.62 -24.83
N ILE B 181 -11.74 19.63 -25.13
CA ILE B 181 -11.92 20.96 -24.57
C ILE B 181 -11.51 21.98 -25.61
N THR B 182 -12.27 23.06 -25.70
CA THR B 182 -11.97 24.16 -26.59
C THR B 182 -12.31 25.47 -25.87
N GLU B 183 -11.72 26.56 -26.37
CA GLU B 183 -11.90 27.88 -25.77
C GLU B 183 -13.37 28.30 -25.73
N GLN B 184 -14.18 27.84 -26.70
CA GLN B 184 -15.57 28.29 -26.78
C GLN B 184 -16.49 27.58 -25.80
N ASP B 185 -16.04 26.52 -25.13
CA ASP B 185 -16.92 25.78 -24.25
C ASP B 185 -17.41 26.62 -23.07
N ARG B 186 -18.68 26.48 -22.74
CA ARG B 186 -19.29 27.02 -21.54
C ARG B 186 -20.23 25.97 -20.99
N TRP B 187 -20.23 25.79 -19.67
CA TRP B 187 -20.96 24.71 -18.99
C TRP B 187 -22.09 25.31 -18.16
N LEU B 188 -23.33 24.81 -18.35
CA LEU B 188 -24.46 25.27 -17.55
C LEU B 188 -24.74 24.30 -16.41
N ILE B 189 -24.84 24.84 -15.19
CA ILE B 189 -25.08 24.06 -13.98
C ILE B 189 -26.41 24.53 -13.40
N ALA B 190 -27.41 23.66 -13.46
CA ALA B 190 -28.72 23.96 -12.88
C ALA B 190 -29.14 22.89 -11.88
N LEU B 191 -28.18 22.15 -11.38
CA LEU B 191 -28.39 21.20 -10.29
C LEU B 191 -27.53 21.63 -9.11
N PRO B 192 -27.64 20.98 -7.94
CA PRO B 192 -27.06 21.57 -6.72
C PRO B 192 -25.54 21.59 -6.72
N LEU B 193 -24.99 22.73 -6.32
CA LEU B 193 -23.55 22.76 -6.06
C LEU B 193 -23.18 21.95 -4.83
N PHE B 194 -24.14 21.55 -3.99
CA PHE B 194 -23.71 20.73 -2.85
C PHE B 194 -23.54 19.26 -3.24
N HIS B 195 -23.90 18.87 -4.46
CA HIS B 195 -23.55 17.56 -5.02
C HIS B 195 -22.34 17.74 -5.92
N ILE B 196 -21.56 16.67 -6.11
CA ILE B 196 -20.35 16.82 -6.93
C ILE B 196 -20.71 17.02 -8.40
N SER B 197 -21.91 16.62 -8.82
CA SER B 197 -22.38 16.93 -10.17
C SER B 197 -22.26 18.42 -10.45
N GLY B 198 -22.71 19.25 -9.51
CA GLY B 198 -22.60 20.68 -9.67
C GLY B 198 -21.23 21.22 -9.30
N LEU B 199 -20.70 20.78 -8.15
CA LEU B 199 -19.48 21.39 -7.63
C LEU B 199 -18.29 21.14 -8.54
N SER B 200 -18.23 19.96 -9.17
CA SER B 200 -17.09 19.61 -10.02
C SER B 200 -16.90 20.63 -11.14
N ALA B 201 -17.99 21.26 -11.60
CA ALA B 201 -17.89 22.26 -12.66
C ALA B 201 -17.09 23.48 -12.23
N LEU B 202 -17.12 23.84 -10.94
CA LEU B 202 -16.30 24.96 -10.47
C LEU B 202 -14.81 24.67 -10.63
N PHE B 203 -14.42 23.41 -10.50
CA PHE B 203 -13.00 23.05 -10.66
C PHE B 203 -12.62 22.91 -12.12
N LYS B 204 -13.46 22.26 -12.94
CA LYS B 204 -13.29 22.38 -14.39
C LYS B 204 -13.16 23.85 -14.82
N SER B 205 -13.99 24.72 -14.24
CA SER B 205 -13.95 26.14 -14.64
C SER B 205 -12.55 26.75 -14.49
N VAL B 206 -11.92 26.59 -13.33
CA VAL B 206 -10.63 27.27 -13.12
C VAL B 206 -9.49 26.49 -13.80
N ILE B 207 -9.57 25.17 -13.86
CA ILE B 207 -8.49 24.42 -14.50
C ILE B 207 -8.51 24.64 -16.01
N TYR B 208 -9.69 24.56 -16.62
CA TYR B 208 -9.78 24.76 -18.06
C TYR B 208 -9.72 26.23 -18.47
N GLY B 209 -10.17 27.14 -17.60
CA GLY B 209 -10.50 28.49 -18.02
C GLY B 209 -11.81 28.54 -18.80
N MET B 210 -12.87 27.99 -18.21
CA MET B 210 -14.15 27.80 -18.88
C MET B 210 -15.24 28.46 -18.06
N THR B 211 -16.10 29.23 -18.71
CA THR B 211 -17.21 29.89 -18.02
C THR B 211 -18.23 28.87 -17.52
N VAL B 212 -18.72 29.06 -16.30
CA VAL B 212 -19.90 28.34 -15.80
C VAL B 212 -21.08 29.29 -15.80
N VAL B 213 -22.19 28.84 -16.39
CA VAL B 213 -23.47 29.54 -16.29
C VAL B 213 -24.25 28.85 -15.18
N LEU B 214 -24.58 29.59 -14.13
CA LEU B 214 -25.09 29.01 -12.89
C LEU B 214 -26.55 29.41 -12.67
N HIS B 215 -27.39 28.41 -12.41
CA HIS B 215 -28.81 28.61 -12.11
C HIS B 215 -29.10 28.11 -10.71
N GLN B 216 -29.98 28.82 -9.99
CA GLN B 216 -30.36 28.36 -8.66
C GLN B 216 -31.31 27.17 -8.70
N ARG B 217 -32.14 27.07 -9.75
CA ARG B 217 -33.08 25.97 -9.89
C ARG B 217 -33.15 25.58 -11.35
N PHE B 218 -33.74 24.42 -11.63
CA PHE B 218 -33.88 23.94 -13.00
C PHE B 218 -35.29 24.24 -13.48
N SER B 219 -35.39 25.25 -14.34
CA SER B 219 -36.62 25.58 -15.07
C SER B 219 -36.31 25.45 -16.55
N VAL B 220 -37.07 24.59 -17.24
CA VAL B 220 -36.75 24.23 -18.62
C VAL B 220 -36.68 25.46 -19.51
N SER B 221 -37.65 26.37 -19.39
CA SER B 221 -37.66 27.53 -20.27
C SER B 221 -36.53 28.51 -19.93
N ASP B 222 -36.20 28.66 -18.64
CA ASP B 222 -35.08 29.52 -18.30
C ASP B 222 -33.76 28.91 -18.78
N VAL B 223 -33.62 27.59 -18.67
CA VAL B 223 -32.40 26.93 -19.12
C VAL B 223 -32.25 27.08 -20.63
N LEU B 224 -33.33 26.87 -21.38
CA LEU B 224 -33.24 27.00 -22.84
C LEU B 224 -32.90 28.41 -23.25
N HIS B 225 -33.52 29.41 -22.62
CA HIS B 225 -33.18 30.80 -22.91
C HIS B 225 -31.73 31.10 -22.57
N SER B 226 -31.25 30.57 -21.43
CA SER B 226 -29.88 30.83 -20.99
C SER B 226 -28.87 30.19 -21.94
N ILE B 227 -29.15 28.98 -22.42
CA ILE B 227 -28.27 28.31 -23.38
C ILE B 227 -28.06 29.16 -24.62
N ASN B 228 -29.16 29.53 -25.29
CA ASN B 228 -29.04 30.29 -26.53
C ASN B 228 -28.46 31.68 -26.29
N ARG B 229 -28.80 32.30 -25.19
CA ARG B 229 -28.27 33.57 -24.84
C ARG B 229 -26.76 33.61 -24.57
N HIS B 230 -26.25 32.60 -23.88
CA HIS B 230 -24.84 32.57 -23.51
C HIS B 230 -24.02 31.56 -24.32
N GLU B 231 -24.61 30.99 -25.38
CA GLU B 231 -23.95 29.99 -26.23
C GLU B 231 -23.29 28.89 -25.38
N VAL B 232 -24.13 28.25 -24.55
CA VAL B 232 -23.70 27.13 -23.73
C VAL B 232 -23.43 25.93 -24.61
N THR B 233 -22.31 25.23 -24.35
CA THR B 233 -21.98 24.04 -25.11
C THR B 233 -22.11 22.74 -24.31
N MET B 234 -22.06 22.82 -22.99
CA MET B 234 -22.07 21.66 -22.12
C MET B 234 -23.12 21.86 -21.03
N ILE B 235 -23.79 20.77 -20.65
CA ILE B 235 -24.77 20.86 -19.57
C ILE B 235 -24.87 19.51 -18.87
N SER B 236 -25.00 19.53 -17.55
CA SER B 236 -25.15 18.33 -16.75
C SER B 236 -26.61 18.13 -16.36
N ALA B 237 -27.02 16.87 -16.29
CA ALA B 237 -28.41 16.57 -16.03
C ALA B 237 -28.53 15.21 -15.35
N VAL B 238 -29.63 15.02 -14.63
CA VAL B 238 -30.11 13.70 -14.24
C VAL B 238 -31.31 13.39 -15.12
N GLN B 239 -31.70 12.11 -15.16
CA GLN B 239 -32.67 11.69 -16.18
C GLN B 239 -34.00 12.43 -16.07
N THR B 240 -34.43 12.81 -14.86
CA THR B 240 -35.66 13.58 -14.73
C THR B 240 -35.57 14.93 -15.43
N MET B 241 -34.41 15.60 -15.35
CA MET B 241 -34.20 16.86 -16.06
C MET B 241 -34.20 16.66 -17.57
N LEU B 242 -33.55 15.60 -18.04
CA LEU B 242 -33.56 15.29 -19.46
C LEU B 242 -34.97 15.02 -19.97
N ALA B 243 -35.78 14.31 -19.18
CA ALA B 243 -37.18 14.08 -19.57
C ALA B 243 -37.94 15.39 -19.69
N SER B 244 -37.76 16.31 -18.73
CA SER B 244 -38.44 17.59 -18.79
C SER B 244 -38.02 18.38 -20.04
N LEU B 245 -36.73 18.35 -20.35
CA LEU B 245 -36.23 19.06 -21.53
C LEU B 245 -36.95 18.59 -22.80
N LEU B 246 -37.01 17.27 -23.00
CA LEU B 246 -37.64 16.72 -24.20
C LEU B 246 -39.13 16.98 -24.26
N GLU B 247 -39.79 17.20 -23.12
CA GLU B 247 -41.21 17.52 -23.17
C GLU B 247 -41.46 18.90 -23.73
N GLU B 248 -40.55 19.85 -23.51
CA GLU B 248 -40.77 21.21 -23.95
C GLU B 248 -40.11 21.55 -25.28
N THR B 249 -39.26 20.67 -25.82
CA THR B 249 -38.64 20.93 -27.11
C THR B 249 -38.26 19.61 -27.79
N ASN B 250 -38.44 19.56 -29.10
CA ASN B 250 -38.05 18.41 -29.89
C ASN B 250 -36.69 18.60 -30.55
N ARG B 251 -36.09 19.78 -30.43
CA ARG B 251 -34.80 20.08 -31.03
C ARG B 251 -33.83 20.52 -29.94
N CYS B 252 -32.64 19.98 -29.99
CA CYS B 252 -31.59 20.41 -29.06
C CYS B 252 -30.96 21.70 -29.58
N PRO B 253 -30.77 22.71 -28.72
CA PRO B 253 -30.07 23.93 -29.16
C PRO B 253 -28.74 23.61 -29.83
N GLU B 254 -28.45 24.33 -30.92
CA GLU B 254 -27.36 23.95 -31.80
C GLU B 254 -25.99 24.05 -31.12
N SER B 255 -25.86 24.95 -30.13
CA SER B 255 -24.57 25.16 -29.47
C SER B 255 -24.23 24.02 -28.51
N ILE B 256 -25.22 23.26 -28.05
CA ILE B 256 -24.97 22.18 -27.10
C ILE B 256 -24.25 21.05 -27.82
N ARG B 257 -23.09 20.66 -27.31
CA ARG B 257 -22.40 19.50 -27.84
C ARG B 257 -22.33 18.34 -26.87
N CYS B 258 -22.74 18.52 -25.61
CA CYS B 258 -22.64 17.47 -24.62
C CYS B 258 -23.69 17.68 -23.54
N ILE B 259 -24.54 16.69 -23.35
CA ILE B 259 -25.43 16.61 -22.19
C ILE B 259 -24.88 15.46 -21.35
N LEU B 260 -24.20 15.79 -20.26
CA LEU B 260 -23.60 14.78 -19.40
C LEU B 260 -24.69 14.26 -18.48
N LEU B 261 -25.10 13.01 -18.69
CA LEU B 261 -26.22 12.41 -17.97
C LEU B 261 -25.66 11.51 -16.87
N GLY B 262 -25.98 11.82 -15.61
CA GLY B 262 -25.47 10.99 -14.53
C GLY B 262 -26.46 10.85 -13.40
N GLY B 263 -26.04 10.26 -12.30
CA GLY B 263 -26.83 10.28 -11.09
C GLY B 263 -27.92 9.24 -11.01
N GLY B 264 -27.82 8.15 -11.76
CA GLY B 264 -28.80 7.09 -11.67
C GLY B 264 -29.30 6.59 -13.01
N PRO B 265 -30.02 5.48 -13.00
CA PRO B 265 -30.42 4.85 -14.27
C PRO B 265 -31.47 5.66 -14.99
N ALA B 266 -31.39 5.62 -16.31
CA ALA B 266 -32.32 6.30 -17.18
C ALA B 266 -33.17 5.29 -17.94
N PRO B 267 -34.44 5.58 -18.17
CA PRO B 267 -35.27 4.66 -18.95
C PRO B 267 -34.85 4.66 -20.41
N LEU B 268 -34.74 3.46 -20.97
CA LEU B 268 -34.29 3.30 -22.34
C LEU B 268 -35.11 4.09 -23.37
N PRO B 269 -36.45 4.14 -23.30
CA PRO B 269 -37.18 4.96 -24.29
C PRO B 269 -36.77 6.42 -24.29
N LEU B 270 -36.40 6.96 -23.12
CA LEU B 270 -35.91 8.32 -23.05
C LEU B 270 -34.59 8.46 -23.81
N LEU B 271 -33.67 7.52 -23.62
CA LEU B 271 -32.40 7.56 -24.32
C LEU B 271 -32.59 7.38 -25.82
N GLU B 272 -33.49 6.47 -26.21
CA GLU B 272 -33.73 6.25 -27.63
C GLU B 272 -34.32 7.50 -28.29
N GLU B 273 -35.20 8.21 -27.58
CA GLU B 273 -35.82 9.41 -28.14
C GLU B 273 -34.81 10.55 -28.27
N CYS B 274 -33.91 10.71 -27.29
CA CYS B 274 -32.85 11.70 -27.41
C CYS B 274 -31.97 11.42 -28.62
N ARG B 275 -31.70 10.14 -28.88
CA ARG B 275 -30.82 9.78 -29.98
C ARG B 275 -31.48 10.03 -31.34
N GLU B 276 -32.77 9.71 -31.46
CA GLU B 276 -33.46 9.92 -32.73
C GLU B 276 -33.64 11.40 -33.05
N LYS B 277 -33.53 12.28 -32.05
CA LYS B 277 -33.80 13.71 -32.25
C LYS B 277 -32.58 14.60 -32.06
N GLY B 278 -31.38 14.02 -32.00
CA GLY B 278 -30.17 14.84 -32.02
C GLY B 278 -29.72 15.42 -30.70
N PHE B 279 -30.25 14.94 -29.58
CA PHE B 279 -29.72 15.35 -28.29
C PHE B 279 -28.45 14.57 -28.01
N PRO B 280 -27.24 15.26 -27.85
CA PRO B 280 -25.98 14.53 -27.65
C PRO B 280 -25.79 14.11 -26.20
N VAL B 281 -26.50 13.04 -25.83
CA VAL B 281 -26.50 12.53 -24.46
C VAL B 281 -25.27 11.66 -24.24
N PHE B 282 -24.48 12.00 -23.22
CA PHE B 282 -23.36 11.19 -22.75
C PHE B 282 -23.77 10.58 -21.42
N GLN B 283 -24.24 9.33 -21.44
CA GLN B 283 -24.51 8.62 -20.19
C GLN B 283 -23.21 8.38 -19.42
N SER B 284 -23.30 8.41 -18.10
CA SER B 284 -22.11 8.30 -17.27
CA SER B 284 -22.11 8.28 -17.29
C SER B 284 -22.46 7.57 -15.98
N TYR B 285 -21.43 6.95 -15.39
CA TYR B 285 -21.50 6.30 -14.10
C TYR B 285 -20.48 6.95 -13.17
N GLY B 286 -20.93 7.39 -12.00
CA GLY B 286 -20.08 8.10 -11.07
C GLY B 286 -20.82 8.33 -9.78
N MET B 287 -20.08 8.77 -8.77
CA MET B 287 -20.65 8.90 -7.43
C MET B 287 -19.80 9.87 -6.64
N THR B 288 -20.33 10.23 -5.46
CA THR B 288 -19.59 11.08 -4.52
C THR B 288 -18.18 10.58 -4.31
N GLU B 289 -18.04 9.27 -4.08
CA GLU B 289 -16.75 8.63 -3.78
C GLU B 289 -15.75 8.66 -4.95
N THR B 290 -16.19 8.93 -6.18
CA THR B 290 -15.27 9.07 -7.29
C THR B 290 -15.20 10.51 -7.79
N CYS B 291 -15.74 11.46 -7.00
CA CYS B 291 -15.66 12.90 -7.30
C CYS B 291 -16.24 13.24 -8.67
N SER B 292 -17.34 12.57 -9.02
CA SER B 292 -18.16 12.65 -10.23
C SER B 292 -17.83 11.48 -11.16
N GLN B 293 -18.03 11.66 -12.46
CA GLN B 293 -17.95 10.57 -13.44
C GLN B 293 -16.66 9.76 -13.31
N ILE B 294 -16.79 8.44 -13.43
CA ILE B 294 -15.61 7.60 -13.62
C ILE B 294 -15.70 6.73 -14.86
N VAL B 295 -16.90 6.50 -15.38
CA VAL B 295 -17.15 5.79 -16.63
C VAL B 295 -18.16 6.59 -17.46
N THR B 296 -17.87 6.83 -18.74
CA THR B 296 -18.71 7.71 -19.55
C THR B 296 -18.78 7.22 -21.00
N LEU B 297 -19.95 7.42 -21.62
CA LEU B 297 -20.31 6.80 -22.90
C LEU B 297 -20.64 7.86 -23.95
N SER B 298 -20.05 7.70 -25.22
CA SER B 298 -20.25 8.64 -26.32
C SER B 298 -21.51 8.31 -27.11
N PRO B 299 -22.23 9.32 -27.60
CA PRO B 299 -23.50 9.06 -28.32
C PRO B 299 -23.33 8.25 -29.59
N GLU B 300 -22.13 8.20 -30.17
CA GLU B 300 -21.90 7.32 -31.32
C GLU B 300 -22.13 5.87 -30.95
N PHE B 301 -21.92 5.50 -29.69
CA PHE B 301 -22.13 4.14 -29.21
C PHE B 301 -23.48 3.95 -28.53
N SER B 302 -24.25 5.02 -28.29
CA SER B 302 -25.43 4.91 -27.45
C SER B 302 -26.59 4.18 -28.12
N MET B 303 -26.44 3.71 -29.36
CA MET B 303 -27.41 2.83 -29.99
C MET B 303 -27.01 1.36 -29.83
N GLU B 304 -25.81 1.01 -30.31
CA GLU B 304 -25.29 -0.34 -30.09
C GLU B 304 -25.08 -0.61 -28.61
N LYS B 305 -24.56 0.38 -27.88
CA LYS B 305 -24.36 0.30 -26.43
C LYS B 305 -25.44 1.11 -25.70
N LEU B 306 -26.69 0.91 -26.12
CA LEU B 306 -27.81 1.53 -25.43
C LEU B 306 -27.94 0.92 -24.04
N GLY B 307 -27.94 1.77 -23.02
CA GLY B 307 -27.94 1.31 -21.66
C GLY B 307 -26.57 1.15 -21.06
N SER B 308 -25.52 1.34 -21.83
CA SER B 308 -24.16 1.29 -21.30
C SER B 308 -23.80 2.62 -20.67
N ALA B 309 -23.00 2.55 -19.60
CA ALA B 309 -22.42 3.74 -19.01
C ALA B 309 -21.09 4.13 -19.64
N GLY B 310 -20.55 3.29 -20.53
CA GLY B 310 -19.35 3.62 -21.27
C GLY B 310 -18.12 2.87 -20.83
N LYS B 311 -16.98 3.54 -20.89
CA LYS B 311 -15.66 3.01 -20.58
C LYS B 311 -15.00 3.89 -19.52
N PRO B 312 -14.08 3.33 -18.73
CA PRO B 312 -13.40 4.15 -17.72
C PRO B 312 -12.67 5.32 -18.36
N LEU B 313 -12.71 6.46 -17.68
CA LEU B 313 -11.95 7.62 -18.11
C LEU B 313 -10.46 7.32 -18.02
N PHE B 314 -9.66 8.11 -18.73
CA PHE B 314 -8.22 7.86 -18.72
C PHE B 314 -7.69 7.97 -17.30
N SER B 315 -6.78 7.06 -16.95
CA SER B 315 -6.13 6.89 -15.66
C SER B 315 -7.00 6.09 -14.69
N CYS B 316 -8.26 5.81 -15.03
CA CYS B 316 -9.18 5.12 -14.15
C CYS B 316 -9.37 3.68 -14.62
N GLU B 317 -9.90 2.86 -13.70
CA GLU B 317 -10.03 1.44 -13.93
C GLU B 317 -11.34 0.95 -13.32
N ILE B 318 -11.86 -0.11 -13.89
CA ILE B 318 -13.05 -0.78 -13.38
CA ILE B 318 -13.06 -0.77 -13.38
C ILE B 318 -12.88 -2.28 -13.55
N LYS B 319 -13.48 -3.04 -12.63
CA LYS B 319 -13.55 -4.49 -12.75
C LYS B 319 -14.86 -4.94 -12.13
N ILE B 320 -15.21 -6.19 -12.43
CA ILE B 320 -16.40 -6.85 -11.90
C ILE B 320 -15.92 -8.07 -11.11
N GLU B 321 -16.26 -8.12 -9.84
CA GLU B 321 -15.80 -9.18 -8.95
C GLU B 321 -16.91 -9.88 -8.16
N GLY B 324 -16.45 -12.98 -5.84
CA GLY B 324 -15.12 -13.04 -5.26
C GLY B 324 -13.88 -13.12 -6.16
N GLN B 325 -14.04 -13.65 -7.35
CA GLN B 325 -12.97 -13.70 -8.32
C GLN B 325 -13.34 -12.76 -9.42
N VAL B 326 -12.42 -12.45 -10.30
CA VAL B 326 -12.74 -11.54 -11.39
C VAL B 326 -13.74 -12.20 -12.32
N CYS B 327 -14.82 -11.48 -12.62
CA CYS B 327 -15.87 -12.03 -13.46
C CYS B 327 -15.48 -11.97 -14.94
N GLU B 328 -15.96 -12.96 -15.69
CA GLU B 328 -15.79 -13.00 -17.12
C GLU B 328 -16.74 -11.99 -17.78
N PRO B 329 -16.55 -11.68 -19.06
CA PRO B 329 -17.48 -10.75 -19.73
C PRO B 329 -18.91 -11.27 -19.68
N TYR B 330 -19.84 -10.33 -19.50
CA TYR B 330 -21.28 -10.52 -19.35
C TYR B 330 -21.67 -11.19 -18.04
N GLU B 331 -20.70 -11.60 -17.22
CA GLU B 331 -21.01 -12.21 -15.93
C GLU B 331 -21.26 -11.12 -14.90
N HIS B 332 -22.34 -11.26 -14.12
CA HIS B 332 -22.72 -10.23 -13.16
C HIS B 332 -21.86 -10.30 -11.91
N GLY B 333 -21.51 -9.12 -11.40
CA GLY B 333 -20.82 -9.03 -10.14
C GLY B 333 -20.77 -7.60 -9.65
N GLU B 334 -20.03 -7.38 -8.57
CA GLU B 334 -19.93 -6.05 -8.00
C GLU B 334 -18.94 -5.20 -8.78
N ILE B 335 -19.34 -3.95 -9.05
CA ILE B 335 -18.46 -2.99 -9.71
C ILE B 335 -17.45 -2.48 -8.69
N MET B 336 -16.18 -2.55 -9.05
CA MET B 336 -15.10 -2.00 -8.23
C MET B 336 -14.28 -1.06 -9.09
N VAL B 337 -13.84 0.07 -8.51
CA VAL B 337 -13.22 1.12 -9.29
C VAL B 337 -11.91 1.54 -8.65
N LYS B 338 -11.04 2.15 -9.46
CA LYS B 338 -9.76 2.65 -8.98
C LYS B 338 -9.37 3.79 -9.89
N GLY B 339 -8.68 4.77 -9.33
CA GLY B 339 -8.18 5.88 -10.11
C GLY B 339 -7.82 7.06 -9.23
N PRO B 340 -7.09 8.03 -9.80
CA PRO B 340 -6.65 9.20 -9.01
C PRO B 340 -7.78 10.14 -8.63
N ASN B 341 -9.01 9.90 -9.11
CA ASN B 341 -10.21 10.63 -8.69
C ASN B 341 -10.97 9.96 -7.55
N VAL B 342 -10.59 8.72 -7.16
CA VAL B 342 -11.29 8.03 -6.07
C VAL B 342 -10.90 8.65 -4.73
N MET B 343 -11.86 8.79 -3.85
CA MET B 343 -11.76 9.53 -2.63
C MET B 343 -10.66 9.01 -1.71
N LYS B 344 -10.17 9.86 -0.86
CA LYS B 344 -9.17 9.42 0.06
C LYS B 344 -9.71 8.34 1.00
N SER B 345 -10.85 8.61 1.61
CA SER B 345 -11.51 7.75 2.55
C SER B 345 -12.80 8.41 3.06
N TYR B 346 -13.68 7.65 3.68
CA TYR B 346 -14.75 8.19 4.48
C TYR B 346 -14.15 8.78 5.78
N PHE B 347 -14.65 9.91 6.21
CA PHE B 347 -14.16 10.57 7.42
C PHE B 347 -14.66 9.86 8.67
N ASN B 348 -13.70 9.48 9.53
CA ASN B 348 -14.01 8.83 10.80
CA ASN B 348 -13.98 8.80 10.80
C ASN B 348 -14.99 7.66 10.63
N ARG B 349 -14.70 6.78 9.67
CA ARG B 349 -15.50 5.54 9.48
C ARG B 349 -14.53 4.40 9.17
N GLU B 350 -13.74 4.01 10.18
CA GLU B 350 -12.59 3.16 9.91
C GLU B 350 -13.03 1.78 9.44
N SER B 351 -14.03 1.22 10.11
CA SER B 351 -14.61 -0.06 9.68
C SER B 351 -15.13 0.01 8.26
N ALA B 352 -15.83 1.09 7.91
CA ALA B 352 -16.32 1.24 6.54
C ALA B 352 -15.18 1.28 5.53
N ASN B 353 -14.12 2.04 5.83
CA ASN B 353 -13.01 2.12 4.88
C ASN B 353 -12.33 0.77 4.72
N GLU B 354 -12.12 0.05 5.82
CA GLU B 354 -11.48 -1.26 5.74
C GLU B 354 -12.31 -2.22 4.92
N ALA B 355 -13.64 -2.11 4.98
CA ALA B 355 -14.53 -2.99 4.22
C ALA B 355 -14.68 -2.55 2.76
N SER B 356 -14.63 -1.24 2.48
CA SER B 356 -14.89 -0.77 1.12
C SER B 356 -13.66 -0.77 0.23
N PHE B 357 -12.46 -0.69 0.81
CA PHE B 357 -11.23 -0.71 0.04
C PHE B 357 -10.61 -2.10 0.13
N GLN B 358 -10.26 -2.66 -1.03
CA GLN B 358 -9.69 -4.01 -1.12
C GLN B 358 -8.54 -3.95 -2.10
N ASN B 359 -7.31 -3.92 -1.56
CA ASN B 359 -6.08 -3.85 -2.35
C ASN B 359 -6.10 -2.66 -3.31
N GLY B 360 -6.52 -1.50 -2.82
CA GLY B 360 -6.55 -0.27 -3.58
C GLY B 360 -7.82 -0.01 -4.37
N TRP B 361 -8.67 -1.01 -4.56
CA TRP B 361 -9.92 -0.86 -5.30
C TRP B 361 -11.05 -0.47 -4.35
N LEU B 362 -11.97 0.35 -4.85
CA LEU B 362 -13.15 0.74 -4.08
C LEU B 362 -14.35 -0.11 -4.49
N LYS B 363 -14.94 -0.82 -3.53
CA LYS B 363 -16.19 -1.52 -3.78
C LYS B 363 -17.34 -0.53 -3.75
N THR B 364 -18.11 -0.46 -4.85
CA THR B 364 -19.13 0.55 -5.00
C THR B 364 -20.49 0.13 -4.45
N GLY B 365 -20.72 -1.17 -4.26
CA GLY B 365 -22.02 -1.68 -3.92
C GLY B 365 -22.99 -1.82 -5.07
N ASP B 366 -22.59 -1.43 -6.29
CA ASP B 366 -23.40 -1.57 -7.48
C ASP B 366 -23.08 -2.88 -8.20
N LEU B 367 -24.10 -3.42 -8.87
CA LEU B 367 -23.97 -4.63 -9.65
C LEU B 367 -23.88 -4.26 -11.13
N GLY B 368 -23.03 -4.97 -11.88
CA GLY B 368 -22.88 -4.69 -13.29
C GLY B 368 -22.17 -5.81 -14.02
N TYR B 369 -21.97 -5.59 -15.32
CA TYR B 369 -21.10 -6.45 -16.12
C TYR B 369 -20.45 -5.61 -17.22
N LEU B 370 -19.47 -6.22 -17.87
CA LEU B 370 -18.78 -5.63 -19.01
C LEU B 370 -19.02 -6.49 -20.23
N ASP B 371 -19.28 -5.86 -21.38
CA ASP B 371 -19.39 -6.66 -22.59
C ASP B 371 -17.99 -7.03 -23.11
N ASN B 372 -17.93 -7.73 -24.24
CA ASN B 372 -16.65 -8.22 -24.72
C ASN B 372 -15.72 -7.11 -25.18
N GLU B 373 -16.22 -5.88 -25.32
CA GLU B 373 -15.38 -4.75 -25.66
C GLU B 373 -15.05 -3.89 -24.45
N GLY B 374 -15.52 -4.26 -23.26
CA GLY B 374 -15.20 -3.53 -22.06
C GLY B 374 -16.16 -2.40 -21.71
N PHE B 375 -17.28 -2.27 -22.41
CA PHE B 375 -18.28 -1.29 -22.03
C PHE B 375 -19.05 -1.75 -20.79
N LEU B 376 -19.31 -0.83 -19.88
CA LEU B 376 -19.96 -1.14 -18.62
C LEU B 376 -21.48 -1.07 -18.74
N TYR B 377 -22.16 -2.06 -18.16
CA TYR B 377 -23.61 -2.04 -18.00
C TYR B 377 -23.94 -2.13 -16.52
N VAL B 378 -24.53 -1.07 -15.97
CA VAL B 378 -24.91 -1.01 -14.57
C VAL B 378 -26.33 -1.56 -14.43
N LEU B 379 -26.49 -2.52 -13.53
CA LEU B 379 -27.78 -3.17 -13.30
C LEU B 379 -28.50 -2.44 -12.19
N ASP B 380 -29.80 -2.24 -12.37
CA ASP B 380 -30.59 -1.47 -11.43
C ASP B 380 -31.28 -2.45 -10.49
N ARG B 381 -30.49 -2.99 -9.55
CA ARG B 381 -30.96 -4.07 -8.70
C ARG B 381 -30.73 -3.81 -7.22
N ARG B 382 -30.18 -2.66 -6.84
CA ARG B 382 -29.90 -2.40 -5.43
C ARG B 382 -31.20 -2.22 -4.67
N SER B 383 -31.28 -2.84 -3.49
CA SER B 383 -32.39 -2.63 -2.58
C SER B 383 -32.00 -1.81 -1.37
N ASP B 384 -30.71 -1.48 -1.21
CA ASP B 384 -30.25 -0.65 -0.10
C ASP B 384 -30.15 0.82 -0.48
N LEU B 385 -30.68 1.19 -1.65
CA LEU B 385 -30.56 2.53 -2.19
C LEU B 385 -31.72 2.77 -3.15
N ILE B 386 -32.31 3.95 -3.08
CA ILE B 386 -33.42 4.37 -3.92
C ILE B 386 -33.04 5.72 -4.50
N ILE B 387 -33.16 5.89 -5.81
CA ILE B 387 -32.76 7.15 -6.43
C ILE B 387 -34.00 7.84 -6.97
N SER B 388 -34.25 9.04 -6.46
CA SER B 388 -35.44 9.84 -6.77
C SER B 388 -34.97 11.17 -7.32
N GLY B 389 -35.21 11.39 -8.60
CA GLY B 389 -34.74 12.62 -9.24
C GLY B 389 -33.27 12.89 -9.04
N GLY B 390 -32.43 11.85 -9.09
CA GLY B 390 -31.00 12.03 -8.90
C GLY B 390 -30.57 12.17 -7.46
N GLU B 391 -31.48 12.08 -6.51
CA GLU B 391 -31.14 12.15 -5.09
C GLU B 391 -31.12 10.74 -4.50
N ASN B 392 -30.00 10.36 -3.92
CA ASN B 392 -29.90 9.06 -3.24
C ASN B 392 -30.76 9.06 -1.98
N ILE B 393 -31.51 7.96 -1.77
CA ILE B 393 -32.28 7.73 -0.55
C ILE B 393 -31.87 6.37 -0.01
N TYR B 394 -31.55 6.30 1.28
CA TYR B 394 -31.09 5.04 1.86
C TYR B 394 -32.19 4.47 2.76
N PRO B 395 -32.79 3.35 2.37
CA PRO B 395 -33.80 2.71 3.21
C PRO B 395 -33.39 2.60 4.68
N ALA B 396 -32.10 2.31 4.95
CA ALA B 396 -31.68 2.18 6.34
C ALA B 396 -31.90 3.46 7.14
N GLU B 397 -31.71 4.63 6.52
CA GLU B 397 -31.91 5.88 7.26
C GLU B 397 -33.39 6.16 7.48
N VAL B 398 -34.22 5.95 6.45
CA VAL B 398 -35.67 6.15 6.61
C VAL B 398 -36.25 5.13 7.59
N GLU B 399 -35.78 3.87 7.54
CA GLU B 399 -36.24 2.87 8.50
C GLU B 399 -35.87 3.29 9.92
N SER B 400 -34.68 3.87 10.08
CA SER B 400 -34.20 4.27 11.40
C SER B 400 -35.09 5.35 12.01
N VAL B 401 -35.55 6.31 11.19
CA VAL B 401 -36.44 7.35 11.68
C VAL B 401 -37.80 6.76 12.05
N LEU B 402 -38.35 5.91 11.16
CA LEU B 402 -39.65 5.30 11.44
C LEU B 402 -39.60 4.45 12.71
N LEU B 403 -38.54 3.64 12.87
CA LEU B 403 -38.44 2.80 14.05
C LEU B 403 -38.36 3.62 15.33
N SER B 404 -37.81 4.83 15.28
CA SER B 404 -37.73 5.65 16.49
C SER B 404 -39.11 6.11 16.96
N HIS B 405 -40.13 6.04 16.11
CA HIS B 405 -41.47 6.41 16.53
C HIS B 405 -42.01 5.40 17.54
N PRO B 406 -42.68 5.87 18.61
CA PRO B 406 -43.15 4.94 19.65
C PRO B 406 -44.11 3.86 19.16
N ALA B 407 -44.94 4.15 18.16
CA ALA B 407 -45.93 3.19 17.69
C ALA B 407 -45.37 2.15 16.72
N VAL B 408 -44.09 2.25 16.35
CA VAL B 408 -43.52 1.45 15.29
C VAL B 408 -42.61 0.38 15.90
N ALA B 409 -42.95 -0.90 15.66
CA ALA B 409 -42.12 -2.02 16.10
C ALA B 409 -41.08 -2.44 15.07
N GLU B 410 -41.44 -2.46 13.79
CA GLU B 410 -40.54 -2.85 12.71
C GLU B 410 -40.80 -1.97 11.50
N ALA B 411 -39.78 -1.81 10.66
CA ALA B 411 -39.93 -0.95 9.50
C ALA B 411 -38.99 -1.41 8.39
N GLY B 412 -39.51 -1.37 7.16
CA GLY B 412 -38.71 -1.63 5.98
C GLY B 412 -39.14 -0.67 4.88
N VAL B 413 -38.18 -0.14 4.15
CA VAL B 413 -38.47 0.86 3.11
C VAL B 413 -37.92 0.32 1.79
N SER B 414 -38.72 0.42 0.73
CA SER B 414 -38.25 0.02 -0.59
C SER B 414 -38.73 1.03 -1.61
N GLY B 415 -38.04 1.05 -2.75
CA GLY B 415 -38.40 1.97 -3.82
C GLY B 415 -39.56 1.44 -4.64
N ALA B 416 -40.52 2.33 -4.93
CA ALA B 416 -41.63 2.05 -5.83
C ALA B 416 -41.43 2.82 -7.13
N GLU B 417 -41.82 2.22 -8.25
CA GLU B 417 -41.70 2.89 -9.53
C GLU B 417 -42.47 4.20 -9.54
N ASP B 418 -41.87 5.23 -10.14
CA ASP B 418 -42.47 6.56 -10.27
C ASP B 418 -42.12 7.11 -11.64
N LYS B 419 -43.14 7.47 -12.41
CA LYS B 419 -42.92 7.96 -13.77
C LYS B 419 -42.06 9.22 -13.79
N LYS B 420 -42.23 10.11 -12.81
CA LYS B 420 -41.46 11.35 -12.84
C LYS B 420 -40.08 11.22 -12.21
N TRP B 421 -39.99 10.54 -11.04
CA TRP B 421 -38.77 10.58 -10.24
C TRP B 421 -37.88 9.35 -10.42
N GLY B 422 -38.36 8.32 -11.12
CA GLY B 422 -37.66 7.06 -11.19
C GLY B 422 -38.16 6.12 -10.13
N LYS B 423 -37.75 6.37 -8.88
CA LYS B 423 -38.25 5.62 -7.73
C LYS B 423 -38.54 6.58 -6.58
N VAL B 424 -39.56 6.25 -5.78
CA VAL B 424 -39.87 6.98 -4.56
C VAL B 424 -40.00 5.98 -3.42
N PRO B 425 -39.76 6.42 -2.18
CA PRO B 425 -39.84 5.49 -1.04
C PRO B 425 -41.27 5.09 -0.65
N HIS B 426 -41.46 3.82 -0.32
CA HIS B 426 -42.67 3.38 0.37
C HIS B 426 -42.25 2.68 1.66
N ALA B 427 -43.03 2.84 2.72
CA ALA B 427 -42.71 2.29 4.02
C ALA B 427 -43.63 1.12 4.36
N TYR B 428 -43.06 0.12 5.02
CA TYR B 428 -43.76 -1.11 5.40
C TYR B 428 -43.50 -1.33 6.89
N LEU B 429 -44.57 -1.32 7.68
CA LEU B 429 -44.46 -1.20 9.13
C LEU B 429 -45.18 -2.33 9.84
N VAL B 430 -44.58 -2.80 10.93
CA VAL B 430 -45.27 -3.56 11.97
C VAL B 430 -45.44 -2.62 13.16
N LEU B 431 -46.68 -2.47 13.63
CA LEU B 431 -47.01 -1.45 14.62
C LEU B 431 -47.22 -2.04 16.02
N HIS B 432 -46.77 -1.29 17.03
CA HIS B 432 -47.18 -1.54 18.42
C HIS B 432 -48.61 -1.08 18.62
N LYS B 433 -48.79 0.24 18.58
CA LYS B 433 -50.07 0.92 18.75
C LYS B 433 -50.53 1.49 17.41
N PRO B 434 -51.82 1.79 17.28
CA PRO B 434 -52.29 2.42 16.04
C PRO B 434 -51.66 3.79 15.81
N VAL B 435 -51.47 4.12 14.54
CA VAL B 435 -50.93 5.41 14.12
C VAL B 435 -51.33 5.62 12.67
N SER B 436 -51.66 6.85 12.31
CA SER B 436 -52.05 7.19 10.95
C SER B 436 -50.85 7.61 10.12
N ALA B 437 -51.04 7.62 8.80
CA ALA B 437 -49.99 8.11 7.91
C ALA B 437 -49.71 9.59 8.15
N GLY B 438 -50.74 10.36 8.49
CA GLY B 438 -50.54 11.78 8.74
C GLY B 438 -49.65 12.03 9.94
N GLU B 439 -49.83 11.25 11.00
CA GLU B 439 -48.96 11.36 12.16
C GLU B 439 -47.52 10.98 11.84
N LEU B 440 -47.33 9.89 11.09
CA LEU B 440 -45.97 9.49 10.70
C LEU B 440 -45.32 10.53 9.80
N THR B 441 -46.09 11.11 8.87
CA THR B 441 -45.53 12.12 8.00
C THR B 441 -45.07 13.35 8.78
N ASP B 442 -45.91 13.82 9.71
CA ASP B 442 -45.52 14.96 10.54
C ASP B 442 -44.26 14.65 11.34
N TYR B 443 -44.14 13.43 11.85
CA TYR B 443 -42.92 12.99 12.53
C TYR B 443 -41.73 12.97 11.59
N CYS B 444 -41.93 12.48 10.36
CA CYS B 444 -40.83 12.41 9.41
C CYS B 444 -40.40 13.78 8.93
N LYS B 445 -41.31 14.77 8.95
CA LYS B 445 -40.96 16.12 8.50
C LYS B 445 -39.77 16.67 9.28
N GLU B 446 -39.70 16.36 10.57
CA GLU B 446 -38.66 16.92 11.43
C GLU B 446 -37.34 16.17 11.32
N ARG B 447 -37.28 15.06 10.58
CA ARG B 447 -36.12 14.20 10.62
CA ARG B 447 -36.14 14.17 10.62
C ARG B 447 -35.63 13.75 9.25
N LEU B 448 -36.33 14.07 8.17
CA LEU B 448 -35.95 13.62 6.84
C LEU B 448 -36.21 14.73 5.83
N ALA B 449 -35.30 14.88 4.88
CA ALA B 449 -35.56 15.70 3.70
C ALA B 449 -36.84 15.24 3.01
N LYS B 450 -37.52 16.19 2.36
CA LYS B 450 -38.82 15.90 1.77
C LYS B 450 -38.78 14.69 0.83
N TYR B 451 -37.76 14.60 -0.01
CA TYR B 451 -37.71 13.50 -0.97
C TYR B 451 -37.45 12.14 -0.33
N LYS B 452 -36.98 12.07 0.91
CA LYS B 452 -36.79 10.81 1.61
C LYS B 452 -38.06 10.31 2.28
N ARG B 453 -39.06 11.15 2.48
CA ARG B 453 -40.22 10.77 3.26
C ARG B 453 -41.07 9.78 2.46
N PRO B 454 -41.62 8.76 3.12
CA PRO B 454 -42.47 7.79 2.40
C PRO B 454 -43.66 8.45 1.74
N LYS B 455 -43.88 8.11 0.47
CA LYS B 455 -45.05 8.57 -0.24
C LYS B 455 -46.26 7.68 0.01
N LYS B 456 -46.05 6.45 0.48
CA LYS B 456 -47.13 5.58 0.90
C LYS B 456 -46.66 4.75 2.07
N PHE B 457 -47.59 4.35 2.92
CA PHE B 457 -47.34 3.51 4.08
C PHE B 457 -48.21 2.26 4.02
N PHE B 458 -47.65 1.12 4.44
CA PHE B 458 -48.38 -0.13 4.54
C PHE B 458 -48.14 -0.74 5.92
N VAL B 459 -49.14 -1.47 6.41
CA VAL B 459 -49.07 -2.12 7.72
C VAL B 459 -49.07 -3.63 7.51
N LEU B 460 -48.21 -4.31 8.27
CA LEU B 460 -48.05 -5.76 8.14
C LEU B 460 -47.92 -6.37 9.52
N ASP B 461 -48.09 -7.69 9.57
CA ASP B 461 -47.84 -8.45 10.79
C ASP B 461 -46.39 -8.91 10.91
N ARG B 462 -45.70 -9.08 9.78
CA ARG B 462 -44.31 -9.52 9.78
C ARG B 462 -43.65 -9.04 8.50
N LEU B 463 -42.34 -8.87 8.54
CA LEU B 463 -41.63 -8.43 7.36
C LEU B 463 -40.80 -9.57 6.78
N PRO B 464 -40.63 -9.64 5.46
CA PRO B 464 -39.80 -10.69 4.86
C PRO B 464 -38.37 -10.64 5.36
N ARG B 465 -37.92 -11.76 5.90
CA ARG B 465 -36.60 -11.86 6.45
C ARG B 465 -35.96 -13.14 6.00
N ASN B 466 -34.65 -13.11 5.86
CA ASN B 466 -33.91 -14.32 5.61
C ASN B 466 -33.57 -14.96 6.92
N ALA B 467 -32.81 -16.02 6.85
CA ALA B 467 -32.56 -16.80 8.02
C ALA B 467 -31.82 -16.05 9.10
N SER B 468 -31.06 -14.98 8.82
CA SER B 468 -30.40 -14.52 9.98
C SER B 468 -31.21 -13.31 10.46
N ASN B 469 -32.50 -13.31 10.16
CA ASN B 469 -33.48 -12.35 10.62
C ASN B 469 -33.28 -10.97 10.01
N LYS B 470 -32.58 -10.97 8.89
CA LYS B 470 -32.26 -9.75 8.15
C LYS B 470 -33.32 -9.47 7.10
N LEU B 471 -33.63 -8.19 6.92
CA LEU B 471 -34.73 -7.78 6.08
C LEU B 471 -34.43 -8.03 4.60
N LEU B 472 -35.45 -8.50 3.88
CA LEU B 472 -35.37 -8.74 2.44
C LEU B 472 -36.21 -7.66 1.76
N ARG B 473 -35.58 -6.51 1.50
CA ARG B 473 -36.34 -5.33 1.10
C ARG B 473 -36.98 -5.51 -0.28
N ASN B 474 -36.36 -6.31 -1.15
CA ASN B 474 -36.92 -6.55 -2.49
C ASN B 474 -38.27 -7.25 -2.44
N GLN B 475 -38.58 -7.96 -1.36
CA GLN B 475 -39.80 -8.72 -1.24
C GLN B 475 -40.90 -7.99 -0.48
N LEU B 476 -40.63 -6.75 -0.03
CA LEU B 476 -41.64 -5.96 0.67
C LEU B 476 -42.83 -5.68 -0.22
N LYS B 477 -42.59 -5.29 -1.48
CA LYS B 477 -43.68 -4.95 -2.39
C LYS B 477 -44.66 -6.11 -2.52
N ASP B 478 -44.15 -7.34 -2.62
CA ASP B 478 -45.00 -8.50 -2.77
C ASP B 478 -45.54 -9.02 -1.45
N ALA B 479 -45.07 -8.50 -0.32
CA ALA B 479 -45.53 -9.00 0.98
C ALA B 479 -47.00 -8.69 1.17
N ARG B 480 -47.61 -9.39 2.13
CA ARG B 480 -49.04 -9.31 2.36
C ARG B 480 -49.32 -8.20 3.37
N LYS B 481 -50.07 -7.20 2.96
CA LYS B 481 -50.14 -5.93 3.67
C LYS B 481 -51.40 -5.17 3.33
N GLY B 482 -51.70 -4.15 4.10
CA GLY B 482 -52.78 -3.23 3.79
C GLY B 482 -52.31 -1.79 3.85
N GLU B 483 -52.80 -0.99 2.91
CA GLU B 483 -52.39 0.41 2.84
C GLU B 483 -52.85 1.16 4.09
N LEU B 484 -51.95 1.93 4.68
CA LEU B 484 -52.25 2.69 5.89
C LEU B 484 -52.57 4.13 5.53
N LEU B 485 -53.73 4.60 5.97
CA LEU B 485 -54.09 5.99 5.76
C LEU B 485 -54.08 6.72 7.09
C LEU C 1 -0.07 8.20 -6.94
N THR C 2 0.32 6.93 -6.89
CA THR C 2 1.69 6.57 -7.20
C THR C 2 1.84 5.95 -8.58
N GLU C 3 0.76 5.38 -9.15
CA GLU C 3 0.88 4.70 -10.42
C GLU C 3 -0.36 4.93 -11.27
N GLN C 4 -0.20 4.78 -12.60
CA GLN C 4 -1.28 4.85 -13.56
C GLN C 4 -1.22 3.64 -14.49
N PRO C 5 -2.36 3.20 -15.01
CA PRO C 5 -2.31 2.14 -16.03
C PRO C 5 -1.41 2.59 -17.17
N ASN C 6 -0.66 1.64 -17.73
CA ASN C 6 0.23 1.98 -18.83
C ASN C 6 -0.58 2.65 -19.95
N TRP C 7 -0.11 3.84 -20.37
CA TRP C 7 -0.89 4.71 -21.26
C TRP C 7 -1.25 4.02 -22.55
N LEU C 8 -0.30 3.31 -23.15
CA LEU C 8 -0.56 2.61 -24.40
C LEU C 8 -1.59 1.49 -24.18
N MET C 9 -1.42 0.72 -23.10
CA MET C 9 -2.35 -0.34 -22.77
C MET C 9 -3.76 0.19 -22.62
N GLN C 10 -3.94 1.26 -21.84
CA GLN C 10 -5.30 1.78 -21.65
C GLN C 10 -5.83 2.38 -22.94
N ARG C 11 -4.98 3.10 -23.69
CA ARG C 11 -5.46 3.73 -24.92
C ARG C 11 -5.94 2.68 -25.90
N ALA C 12 -5.25 1.53 -25.96
CA ALA C 12 -5.67 0.45 -26.83
C ALA C 12 -6.96 -0.18 -26.35
N GLN C 13 -7.19 -0.19 -25.04
CA GLN C 13 -8.46 -0.67 -24.50
C GLN C 13 -9.61 0.26 -24.84
N LEU C 14 -9.35 1.57 -24.81
CA LEU C 14 -10.42 2.56 -24.98
C LEU C 14 -10.79 2.80 -26.44
N THR C 15 -9.79 2.99 -27.30
CA THR C 15 -10.02 3.32 -28.70
C THR C 15 -9.08 2.52 -29.59
N PRO C 16 -9.28 1.20 -29.65
CA PRO C 16 -8.28 0.33 -30.29
C PRO C 16 -8.08 0.58 -31.77
N GLU C 17 -9.13 1.01 -32.48
CA GLU C 17 -9.08 1.17 -33.92
C GLU C 17 -8.74 2.60 -34.35
N ARG C 18 -8.57 3.53 -33.41
CA ARG C 18 -8.10 4.85 -33.78
C ARG C 18 -6.64 4.74 -34.24
N ILE C 19 -6.26 5.60 -35.18
CA ILE C 19 -4.92 5.53 -35.76
C ILE C 19 -3.93 6.19 -34.80
N ALA C 20 -2.91 5.43 -34.41
CA ALA C 20 -1.90 5.94 -33.49
C ALA C 20 -0.75 6.58 -34.22
N LEU C 21 -0.36 5.97 -35.34
CA LEU C 21 0.84 6.37 -36.05
C LEU C 21 0.63 6.22 -37.54
N ILE C 22 1.03 7.23 -38.30
CA ILE C 22 1.11 7.16 -39.74
C ILE C 22 2.57 7.37 -40.11
N TYR C 23 3.17 6.40 -40.78
CA TYR C 23 4.57 6.47 -41.14
C TYR C 23 4.74 5.90 -42.52
N GLU C 24 5.34 6.68 -43.42
CA GLU C 24 5.39 6.35 -44.84
C GLU C 24 3.99 6.01 -45.35
N ASP C 25 3.02 6.82 -44.94
CA ASP C 25 1.63 6.78 -45.36
C ASP C 25 0.94 5.48 -44.97
N GLN C 26 1.60 4.65 -44.16
CA GLN C 26 1.04 3.41 -43.63
C GLN C 26 0.59 3.63 -42.20
N THR C 27 -0.55 3.03 -41.84
CA THR C 27 -1.24 3.31 -40.58
C THR C 27 -1.04 2.20 -39.57
N VAL C 28 -1.01 2.58 -38.29
CA VAL C 28 -0.89 1.67 -37.16
C VAL C 28 -1.92 2.09 -36.14
N THR C 29 -2.91 1.24 -35.86
CA THR C 29 -3.89 1.57 -34.84
C THR C 29 -3.27 1.45 -33.44
N PHE C 30 -3.96 2.00 -32.44
CA PHE C 30 -3.51 1.82 -31.07
C PHE C 30 -3.48 0.34 -30.68
N ALA C 31 -4.46 -0.45 -31.16
CA ALA C 31 -4.41 -1.88 -30.88
C ALA C 31 -3.15 -2.51 -31.51
N GLU C 32 -2.85 -2.16 -32.76
CA GLU C 32 -1.66 -2.71 -33.40
C GLU C 32 -0.38 -2.22 -32.73
N LEU C 33 -0.38 -0.98 -32.25
CA LEU C 33 0.81 -0.44 -31.58
C LEU C 33 1.07 -1.15 -30.25
N PHE C 34 0.02 -1.44 -29.48
CA PHE C 34 0.23 -2.20 -28.25
C PHE C 34 0.67 -3.64 -28.56
N ALA C 35 0.08 -4.27 -29.59
CA ALA C 35 0.50 -5.62 -29.94
C ALA C 35 1.97 -5.67 -30.35
N ALA C 36 2.40 -4.70 -31.17
CA ALA C 36 3.78 -4.70 -31.64
C ALA C 36 4.76 -4.38 -30.51
N SER C 37 4.36 -3.48 -29.59
CA SER C 37 5.24 -3.13 -28.48
C SER C 37 5.34 -4.27 -27.47
N LYS C 38 4.24 -5.00 -27.25
CA LYS C 38 4.30 -6.13 -26.33
C LYS C 38 5.15 -7.25 -26.90
N ARG C 39 5.04 -7.51 -28.20
CA ARG C 39 5.85 -8.56 -28.79
C ARG C 39 7.34 -8.21 -28.76
N MET C 40 7.67 -6.94 -28.98
CA MET C 40 9.06 -6.53 -28.89
C MET C 40 9.57 -6.64 -27.46
N ALA C 41 8.72 -6.31 -26.47
CA ALA C 41 9.10 -6.50 -25.08
C ALA C 41 9.38 -7.97 -24.77
N GLU C 42 8.54 -8.87 -25.27
CA GLU C 42 8.79 -10.31 -25.12
C GLU C 42 10.11 -10.70 -25.78
N GLN C 43 10.35 -10.22 -27.00
CA GLN C 43 11.59 -10.58 -27.69
C GLN C 43 12.81 -10.01 -26.95
N LEU C 44 12.70 -8.79 -26.42
CA LEU C 44 13.80 -8.23 -25.64
C LEU C 44 14.06 -9.05 -24.39
N ALA C 45 13.00 -9.46 -23.69
CA ALA C 45 13.18 -10.28 -22.50
C ALA C 45 13.89 -11.58 -22.81
N ALA C 46 13.70 -12.14 -24.02
CA ALA C 46 14.38 -13.36 -24.42
C ALA C 46 15.86 -13.14 -24.72
N HIS C 47 16.29 -11.88 -24.86
CA HIS C 47 17.71 -11.54 -24.83
C HIS C 47 18.16 -11.16 -23.43
N SER C 48 17.34 -11.47 -22.42
CA SER C 48 17.65 -11.32 -21.00
C SER C 48 17.67 -9.87 -20.53
N VAL C 49 16.92 -8.96 -21.16
CA VAL C 49 16.75 -7.65 -20.54
C VAL C 49 15.67 -7.76 -19.46
N ARG C 50 15.98 -7.24 -18.29
CA ARG C 50 15.21 -7.47 -17.08
C ARG C 50 14.62 -6.16 -16.60
N LYS C 51 13.49 -6.27 -15.89
CA LYS C 51 12.94 -5.12 -15.20
C LYS C 51 14.01 -4.43 -14.36
N GLY C 52 14.11 -3.11 -14.50
CA GLY C 52 15.15 -2.35 -13.83
C GLY C 52 16.41 -2.13 -14.64
N ASP C 53 16.56 -2.78 -15.80
CA ASP C 53 17.71 -2.53 -16.65
C ASP C 53 17.56 -1.17 -17.34
N THR C 54 18.62 -0.77 -18.02
CA THR C 54 18.64 0.45 -18.82
C THR C 54 19.01 0.05 -20.25
N ALA C 55 18.21 0.49 -21.22
CA ALA C 55 18.49 0.16 -22.61
C ALA C 55 18.56 1.46 -23.39
N ALA C 56 19.63 1.63 -24.17
CA ALA C 56 19.75 2.78 -25.04
C ALA C 56 19.12 2.47 -26.39
N ILE C 57 18.60 3.51 -27.05
CA ILE C 57 17.96 3.39 -28.35
C ILE C 57 18.69 4.31 -29.33
N LEU C 58 19.10 3.75 -30.47
CA LEU C 58 19.83 4.49 -31.49
C LEU C 58 19.16 4.18 -32.82
N LEU C 59 18.19 5.01 -33.20
CA LEU C 59 17.41 4.80 -34.40
C LEU C 59 17.00 6.14 -34.99
N GLN C 60 16.88 6.17 -36.31
CA GLN C 60 16.16 7.25 -36.97
C GLN C 60 14.67 7.10 -36.68
N ASN C 61 13.92 8.17 -36.93
CA ASN C 61 12.47 8.12 -36.76
C ASN C 61 11.92 7.01 -37.64
N ARG C 62 11.45 5.94 -37.00
CA ARG C 62 10.82 4.82 -37.67
C ARG C 62 9.69 4.34 -36.76
N ALA C 63 8.71 3.63 -37.33
CA ALA C 63 7.70 3.00 -36.48
C ALA C 63 8.37 2.12 -35.42
N GLU C 64 9.44 1.42 -35.81
CA GLU C 64 10.12 0.51 -34.89
C GLU C 64 10.72 1.25 -33.70
N MET C 65 11.10 2.53 -33.87
CA MET C 65 11.57 3.30 -32.74
C MET C 65 10.45 3.55 -31.74
N VAL C 66 9.24 3.81 -32.23
CA VAL C 66 8.07 3.92 -31.36
C VAL C 66 7.81 2.61 -30.60
N TYR C 67 7.92 1.47 -31.30
CA TYR C 67 7.73 0.18 -30.62
C TYR C 67 8.75 -0.01 -29.50
N ALA C 68 10.01 0.36 -29.76
CA ALA C 68 11.08 0.12 -28.80
C ALA C 68 10.88 0.94 -27.53
N VAL C 69 10.48 2.20 -27.67
CA VAL C 69 10.24 3.03 -26.49
C VAL C 69 9.13 2.42 -25.64
N HIS C 70 8.01 2.07 -26.28
CA HIS C 70 6.90 1.49 -25.53
C HIS C 70 7.25 0.12 -24.98
N ALA C 71 8.07 -0.66 -25.72
CA ALA C 71 8.52 -1.95 -25.21
C ALA C 71 9.32 -1.81 -23.93
N CYS C 72 10.23 -0.83 -23.86
CA CYS C 72 10.94 -0.62 -22.61
C CYS C 72 10.00 -0.31 -21.45
N PHE C 73 8.98 0.53 -21.70
CA PHE C 73 8.02 0.81 -20.62
C PHE C 73 7.36 -0.48 -20.15
N LEU C 74 6.99 -1.35 -21.09
CA LEU C 74 6.27 -2.57 -20.76
C LEU C 74 7.14 -3.59 -20.01
N LEU C 75 8.47 -3.43 -20.09
CA LEU C 75 9.40 -4.27 -19.34
C LEU C 75 9.86 -3.62 -18.04
N GLY C 76 9.49 -2.37 -17.79
CA GLY C 76 10.06 -1.66 -16.66
C GLY C 76 11.54 -1.36 -16.86
N VAL C 77 11.93 -1.04 -18.10
CA VAL C 77 13.30 -0.73 -18.48
C VAL C 77 13.40 0.76 -18.81
N LYS C 78 14.39 1.44 -18.27
CA LYS C 78 14.63 2.83 -18.59
C LYS C 78 15.22 3.00 -20.00
N ALA C 79 14.68 3.93 -20.77
CA ALA C 79 15.05 4.12 -22.17
C ALA C 79 15.94 5.36 -22.32
N VAL C 80 17.16 5.16 -22.82
CA VAL C 80 18.07 6.26 -23.14
C VAL C 80 17.96 6.54 -24.63
N LEU C 81 17.47 7.73 -25.00
CA LEU C 81 17.36 8.12 -26.40
C LEU C 81 18.69 8.70 -26.85
N LEU C 82 19.30 8.10 -27.88
CA LEU C 82 20.59 8.55 -28.36
C LEU C 82 20.44 9.40 -29.62
N ASN C 83 21.11 10.55 -29.63
CA ASN C 83 21.23 11.42 -30.79
C ASN C 83 21.97 10.69 -31.91
N THR C 84 21.33 10.54 -33.08
CA THR C 84 21.88 9.73 -34.17
C THR C 84 23.00 10.41 -34.93
N LYS C 85 23.18 11.72 -34.74
CA LYS C 85 24.25 12.47 -35.39
C LYS C 85 25.56 12.45 -34.63
N LEU C 86 25.55 11.95 -33.38
CA LEU C 86 26.77 11.91 -32.59
C LEU C 86 27.80 10.96 -33.21
N SER C 87 29.07 11.24 -32.96
CA SER C 87 30.12 10.32 -33.33
C SER C 87 30.11 9.12 -32.38
N THR C 88 30.78 8.04 -32.80
CA THR C 88 30.91 6.88 -31.93
C THR C 88 31.48 7.27 -30.57
N HIS C 89 32.50 8.13 -30.56
CA HIS C 89 33.10 8.64 -29.32
C HIS C 89 32.05 9.25 -28.39
N GLU C 90 31.24 10.20 -28.90
CA GLU C 90 30.23 10.84 -28.07
C GLU C 90 29.21 9.83 -27.53
N ARG C 91 28.85 8.85 -28.36
CA ARG C 91 27.87 7.85 -27.92
C ARG C 91 28.46 6.89 -26.89
N LEU C 92 29.74 6.54 -27.04
CA LEU C 92 30.36 5.63 -26.08
C LEU C 92 30.29 6.20 -24.66
N PHE C 93 30.51 7.51 -24.53
CA PHE C 93 30.46 8.11 -23.20
C PHE C 93 29.05 8.04 -22.62
N GLN C 94 28.03 8.19 -23.46
CA GLN C 94 26.65 8.17 -22.96
C GLN C 94 26.20 6.77 -22.58
N LEU C 95 26.63 5.76 -23.33
CA LEU C 95 26.34 4.37 -22.95
C LEU C 95 26.99 4.01 -21.62
N GLU C 96 28.24 4.41 -21.45
CA GLU C 96 28.97 4.21 -20.20
C GLU C 96 28.31 4.97 -19.06
N ASP C 97 28.14 6.28 -19.25
CA ASP C 97 27.64 7.15 -18.20
C ASP C 97 26.24 6.74 -17.74
N SER C 98 25.37 6.36 -18.69
CA SER C 98 23.97 6.06 -18.35
C SER C 98 23.80 4.71 -17.67
N GLY C 99 24.81 3.85 -17.67
CA GLY C 99 24.66 2.49 -17.18
C GLY C 99 23.85 1.57 -18.06
N SER C 100 23.69 1.91 -19.34
CA SER C 100 22.94 1.04 -20.25
C SER C 100 23.58 -0.34 -20.33
N GLY C 101 22.74 -1.37 -20.28
CA GLY C 101 23.25 -2.71 -20.48
C GLY C 101 23.00 -3.17 -21.90
N PHE C 102 22.23 -2.41 -22.65
CA PHE C 102 21.81 -2.84 -23.98
C PHE C 102 21.75 -1.64 -24.91
N LEU C 103 21.97 -1.90 -26.19
CA LEU C 103 21.77 -0.90 -27.23
C LEU C 103 20.89 -1.51 -28.31
N LEU C 104 19.74 -0.87 -28.55
CA LEU C 104 18.83 -1.26 -29.62
C LEU C 104 19.05 -0.32 -30.79
N THR C 105 19.54 -0.86 -31.90
CA THR C 105 19.79 -0.03 -33.08
C THR C 105 19.44 -0.89 -34.30
N ASP C 106 19.93 -0.50 -35.48
CA ASP C 106 19.69 -1.26 -36.70
C ASP C 106 20.94 -1.25 -37.57
N SER C 107 20.83 -1.83 -38.76
CA SER C 107 21.99 -1.99 -39.63
C SER C 107 22.43 -0.70 -40.30
N SER C 108 21.78 0.42 -40.06
CA SER C 108 22.31 1.69 -40.53
C SER C 108 23.36 2.29 -39.58
N PHE C 109 23.64 1.64 -38.46
CA PHE C 109 24.65 2.05 -37.51
C PHE C 109 25.68 0.93 -37.36
N GLU C 110 26.85 1.28 -36.84
CA GLU C 110 27.98 0.34 -36.76
C GLU C 110 27.96 -0.36 -35.41
N LYS C 111 27.20 -1.46 -35.34
CA LYS C 111 26.90 -2.11 -34.06
C LYS C 111 28.16 -2.60 -33.35
N LYS C 112 29.20 -3.00 -34.10
CA LYS C 112 30.38 -3.58 -33.47
C LYS C 112 31.21 -2.57 -32.67
N GLU C 113 31.06 -1.27 -32.97
CA GLU C 113 31.75 -0.26 -32.19
C GLU C 113 31.32 -0.27 -30.72
N TYR C 114 30.13 -0.79 -30.42
CA TYR C 114 29.60 -0.77 -29.08
C TYR C 114 29.61 -2.12 -28.39
N GLU C 115 29.95 -3.20 -29.09
CA GLU C 115 29.79 -4.55 -28.55
C GLU C 115 30.66 -4.80 -27.33
N HIS C 116 31.70 -3.99 -27.09
CA HIS C 116 32.54 -4.19 -25.93
C HIS C 116 31.98 -3.55 -24.66
N ILE C 117 31.06 -2.60 -24.79
CA ILE C 117 30.50 -1.88 -23.64
C ILE C 117 29.11 -2.37 -23.30
N VAL C 118 28.31 -2.74 -24.31
CA VAL C 118 26.93 -3.16 -24.12
C VAL C 118 26.63 -4.33 -25.05
N GLN C 119 25.57 -5.05 -24.72
CA GLN C 119 25.03 -6.05 -25.65
C GLN C 119 24.18 -5.32 -26.67
N THR C 120 24.48 -5.51 -27.95
CA THR C 120 23.79 -4.80 -29.00
C THR C 120 22.77 -5.70 -29.68
N ILE C 121 21.64 -5.12 -30.04
CA ILE C 121 20.51 -5.84 -30.60
C ILE C 121 20.07 -5.11 -31.86
N ASP C 122 19.92 -5.85 -32.95
CA ASP C 122 19.34 -5.30 -34.17
C ASP C 122 17.82 -5.43 -34.07
N VAL C 123 17.14 -4.29 -34.05
CA VAL C 123 15.69 -4.27 -33.82
C VAL C 123 14.96 -5.01 -34.93
N ASP C 124 15.47 -4.96 -36.17
CA ASP C 124 14.78 -5.63 -37.26
C ASP C 124 14.99 -7.14 -37.23
N GLU C 125 16.19 -7.59 -36.84
CA GLU C 125 16.38 -9.02 -36.63
C GLU C 125 15.62 -9.50 -35.41
N LEU C 126 15.53 -8.66 -34.38
CA LEU C 126 14.87 -9.03 -33.14
C LEU C 126 13.38 -9.33 -33.38
N MET C 127 12.72 -8.55 -34.23
CA MET C 127 11.28 -8.70 -34.43
C MET C 127 10.94 -9.98 -35.18
N LYS C 128 11.91 -10.62 -35.83
CA LYS C 128 11.69 -11.87 -36.52
C LYS C 128 11.86 -13.09 -35.63
N GLU C 129 12.04 -12.89 -34.32
CA GLU C 129 12.35 -13.99 -33.41
C GLU C 129 11.11 -14.44 -32.64
N ALA C 130 10.99 -15.76 -32.46
CA ALA C 130 10.01 -16.28 -31.53
C ALA C 130 10.46 -15.99 -30.10
N ALA C 131 9.49 -15.83 -29.21
CA ALA C 131 9.81 -15.50 -27.83
C ALA C 131 8.65 -15.92 -26.92
N GLU C 132 9.00 -16.37 -25.72
CA GLU C 132 8.03 -16.72 -24.70
C GLU C 132 7.18 -15.49 -24.33
N GLU C 133 5.87 -15.68 -24.24
CA GLU C 133 5.00 -14.63 -23.75
C GLU C 133 5.32 -14.35 -22.29
N ILE C 134 5.30 -13.07 -21.91
CA ILE C 134 5.68 -12.64 -20.58
C ILE C 134 4.53 -11.84 -19.98
N GLU C 135 4.61 -11.65 -18.66
CA GLU C 135 3.73 -10.70 -17.98
C GLU C 135 4.35 -9.31 -18.10
N ILE C 136 3.66 -8.41 -18.79
CA ILE C 136 4.17 -7.06 -18.98
C ILE C 136 3.84 -6.22 -17.76
N GLU C 137 4.51 -5.08 -17.65
CA GLU C 137 4.26 -4.11 -16.58
C GLU C 137 3.00 -3.34 -16.94
N ALA C 138 1.89 -3.66 -16.28
CA ALA C 138 0.61 -3.03 -16.60
C ALA C 138 0.48 -1.61 -16.05
N TYR C 139 1.37 -1.17 -15.17
CA TYR C 139 1.29 0.16 -14.57
C TYR C 139 2.61 0.90 -14.76
N MET C 140 2.50 2.23 -14.84
CA MET C 140 3.65 3.13 -14.83
C MET C 140 3.71 3.79 -13.46
N GLN C 141 4.88 3.70 -12.81
CA GLN C 141 5.07 4.42 -11.55
C GLN C 141 5.38 5.88 -11.84
N MET C 142 4.62 6.80 -11.23
CA MET C 142 4.70 8.21 -11.60
C MET C 142 6.08 8.80 -11.34
N ASP C 143 6.77 8.33 -10.32
CA ASP C 143 8.07 8.89 -9.95
C ASP C 143 9.23 8.10 -10.53
N ALA C 144 8.97 7.03 -11.26
CA ALA C 144 10.04 6.23 -11.85
C ALA C 144 10.58 6.92 -13.09
N THR C 145 11.88 6.81 -13.31
CA THR C 145 12.48 7.38 -14.51
C THR C 145 12.02 6.58 -15.73
N ALA C 146 11.44 7.26 -16.70
CA ALA C 146 10.98 6.60 -17.92
C ALA C 146 12.03 6.65 -19.02
N THR C 147 12.62 7.83 -19.23
CA THR C 147 13.52 8.07 -20.35
C THR C 147 14.66 8.95 -19.86
N LEU C 148 15.81 8.81 -20.50
CA LEU C 148 16.96 9.64 -20.20
C LEU C 148 17.42 10.30 -21.50
N MET C 149 17.65 11.61 -21.45
CA MET C 149 18.15 12.40 -22.57
C MET C 149 19.32 13.25 -22.12
N TYR C 150 20.38 13.30 -22.94
CA TYR C 150 21.58 14.05 -22.60
C TYR C 150 21.49 15.47 -23.13
N THR C 151 21.99 16.41 -22.35
CA THR C 151 22.02 17.83 -22.74
C THR C 151 22.96 18.55 -21.79
N SER C 152 22.97 19.88 -21.87
CA SER C 152 23.69 20.73 -20.94
CA SER C 152 23.69 20.73 -20.94
C SER C 152 25.14 20.27 -20.77
N GLY C 153 25.86 20.25 -21.89
CA GLY C 153 27.28 19.91 -21.85
C GLY C 153 28.18 21.07 -21.49
N THR C 154 27.79 21.89 -20.51
CA THR C 154 28.58 23.08 -20.16
C THR C 154 29.89 22.75 -19.45
N THR C 155 30.03 21.57 -18.86
CA THR C 155 31.35 21.17 -18.36
C THR C 155 32.23 20.59 -19.45
N GLY C 156 31.74 20.52 -20.69
CA GLY C 156 32.40 19.79 -21.74
C GLY C 156 31.88 18.37 -21.92
N LYS C 157 31.07 17.87 -21.00
CA LYS C 157 30.43 16.57 -21.19
C LYS C 157 28.96 16.70 -20.79
N PRO C 158 28.06 16.13 -21.56
CA PRO C 158 26.63 16.32 -21.29
C PRO C 158 26.19 15.56 -20.05
N LYS C 159 24.99 15.90 -19.58
CA LYS C 159 24.38 15.31 -18.40
C LYS C 159 23.09 14.61 -18.81
N GLY C 160 22.80 13.49 -18.14
CA GLY C 160 21.58 12.75 -18.43
C GLY C 160 20.38 13.25 -17.66
N VAL C 161 19.35 13.69 -18.37
CA VAL C 161 18.13 14.22 -17.75
C VAL C 161 17.18 13.05 -17.47
N GLN C 162 16.82 12.85 -16.20
CA GLN C 162 15.90 11.79 -15.81
C GLN C 162 14.47 12.33 -15.91
N GLN C 163 13.70 11.79 -16.85
CA GLN C 163 12.33 12.23 -17.12
C GLN C 163 11.38 11.13 -16.67
N THR C 164 10.51 11.45 -15.70
CA THR C 164 9.65 10.43 -15.12
C THR C 164 8.38 10.26 -15.95
N PHE C 165 7.70 9.12 -15.74
CA PHE C 165 6.36 8.97 -16.30
C PHE C 165 5.47 10.12 -15.88
N GLY C 166 5.57 10.54 -14.62
CA GLY C 166 4.79 11.69 -14.15
C GLY C 166 5.09 12.96 -14.93
N ASN C 167 6.38 13.22 -15.19
CA ASN C 167 6.78 14.39 -15.97
C ASN C 167 6.08 14.42 -17.33
N HIS C 168 6.15 13.31 -18.07
CA HIS C 168 5.55 13.24 -19.40
C HIS C 168 4.03 13.34 -19.34
N TYR C 169 3.42 12.72 -18.34
CA TYR C 169 1.96 12.83 -18.22
C TYR C 169 1.55 14.28 -18.05
N PHE C 170 2.20 15.00 -17.12
CA PHE C 170 1.79 16.37 -16.82
C PHE C 170 2.18 17.33 -17.94
N SER C 171 3.28 17.07 -18.64
CA SER C 171 3.60 17.85 -19.83
C SER C 171 2.44 17.76 -20.83
N ALA C 172 1.98 16.54 -21.12
CA ALA C 172 0.90 16.36 -22.09
C ALA C 172 -0.38 17.02 -21.62
N VAL C 173 -0.72 16.85 -20.34
CA VAL C 173 -1.97 17.39 -19.83
C VAL C 173 -1.94 18.92 -19.85
N SER C 174 -0.85 19.52 -19.35
CA SER C 174 -0.76 20.97 -19.31
C SER C 174 -0.82 21.57 -20.72
N SER C 175 -0.18 20.91 -21.70
CA SER C 175 -0.25 21.41 -23.07
C SER C 175 -1.67 21.33 -23.62
N ALA C 176 -2.39 20.23 -23.35
CA ALA C 176 -3.77 20.11 -23.80
C ALA C 176 -4.65 21.21 -23.20
N LEU C 177 -4.45 21.51 -21.91
CA LEU C 177 -5.25 22.58 -21.30
C LEU C 177 -4.96 23.92 -21.96
N ASN C 178 -3.75 24.11 -22.50
CA ASN C 178 -3.40 25.38 -23.12
C ASN C 178 -3.92 25.45 -24.55
N LEU C 179 -3.70 24.40 -25.34
CA LEU C 179 -4.04 24.42 -26.75
C LEU C 179 -5.45 23.92 -27.05
N GLY C 180 -6.11 23.24 -26.11
CA GLY C 180 -7.34 22.53 -26.42
C GLY C 180 -7.04 21.20 -27.09
N ILE C 181 -8.05 20.32 -27.15
CA ILE C 181 -7.85 19.02 -27.75
C ILE C 181 -9.19 18.52 -28.28
N THR C 182 -9.17 17.91 -29.46
CA THR C 182 -10.39 17.33 -30.05
C THR C 182 -10.05 16.02 -30.74
N GLU C 183 -11.09 15.21 -30.99
CA GLU C 183 -10.89 13.92 -31.64
C GLU C 183 -10.22 14.08 -33.01
N GLN C 184 -10.43 15.21 -33.69
CA GLN C 184 -9.95 15.40 -35.05
C GLN C 184 -8.48 15.81 -35.11
N ASP C 185 -7.87 16.18 -34.00
CA ASP C 185 -6.47 16.63 -34.06
C ASP C 185 -5.54 15.51 -34.51
N ARG C 186 -4.54 15.90 -35.30
CA ARG C 186 -3.46 15.02 -35.71
C ARG C 186 -2.19 15.86 -35.74
N TRP C 187 -1.10 15.29 -35.20
CA TRP C 187 0.14 16.03 -34.97
C TRP C 187 1.24 15.46 -35.87
N LEU C 188 1.90 16.33 -36.64
CA LEU C 188 2.99 15.91 -37.52
C LEU C 188 4.34 16.14 -36.83
N ILE C 189 5.15 15.10 -36.76
CA ILE C 189 6.47 15.18 -36.16
C ILE C 189 7.48 14.84 -37.26
N ALA C 190 8.26 15.85 -37.65
CA ALA C 190 9.35 15.72 -38.61
C ALA C 190 10.66 16.20 -38.00
N LEU C 191 10.76 16.21 -36.69
CA LEU C 191 12.01 16.46 -35.99
C LEU C 191 12.34 15.24 -35.13
N PRO C 192 13.54 15.16 -34.54
CA PRO C 192 14.01 13.88 -33.99
C PRO C 192 13.23 13.41 -32.78
N LEU C 193 12.95 12.10 -32.76
CA LEU C 193 12.34 11.47 -31.60
C LEU C 193 13.34 11.31 -30.46
N PHE C 194 14.64 11.50 -30.69
CA PHE C 194 15.58 11.49 -29.58
C PHE C 194 15.66 12.83 -28.85
N HIS C 195 14.98 13.87 -29.34
CA HIS C 195 14.74 15.10 -28.60
C HIS C 195 13.34 15.05 -28.02
N ILE C 196 13.12 15.75 -26.90
CA ILE C 196 11.77 15.70 -26.31
C ILE C 196 10.75 16.41 -27.20
N SER C 197 11.17 17.35 -28.04
CA SER C 197 10.26 17.95 -29.02
C SER C 197 9.54 16.88 -29.83
N GLY C 198 10.27 15.87 -30.30
CA GLY C 198 9.62 14.77 -31.01
C GLY C 198 9.04 13.71 -30.11
N LEU C 199 9.78 13.28 -29.09
CA LEU C 199 9.33 12.15 -28.28
C LEU C 199 8.05 12.48 -27.51
N SER C 200 7.89 13.72 -27.05
CA SER C 200 6.71 14.06 -26.26
C SER C 200 5.41 13.87 -27.05
N ALA C 201 5.47 13.91 -28.39
CA ALA C 201 4.25 13.69 -29.16
C ALA C 201 3.75 12.25 -29.06
N LEU C 202 4.65 11.29 -28.79
CA LEU C 202 4.23 9.89 -28.61
C LEU C 202 3.43 9.72 -27.33
N PHE C 203 3.73 10.51 -26.32
CA PHE C 203 3.02 10.47 -25.05
C PHE C 203 1.70 11.24 -25.15
N LYS C 204 1.69 12.41 -25.80
CA LYS C 204 0.43 13.04 -26.18
C LYS C 204 -0.46 12.08 -26.95
N SER C 205 0.13 11.30 -27.85
CA SER C 205 -0.67 10.39 -28.69
C SER C 205 -1.46 9.39 -27.86
N VAL C 206 -0.80 8.72 -26.90
CA VAL C 206 -1.52 7.67 -26.19
C VAL C 206 -2.44 8.28 -25.12
N ILE C 207 -2.03 9.39 -24.50
CA ILE C 207 -2.86 10.01 -23.48
C ILE C 207 -4.10 10.64 -24.10
N TYR C 208 -3.93 11.41 -25.18
CA TYR C 208 -5.09 12.02 -25.84
C TYR C 208 -5.89 11.03 -26.68
N GLY C 209 -5.24 10.00 -27.22
CA GLY C 209 -5.81 9.22 -28.31
C GLY C 209 -5.72 10.01 -29.61
N MET C 210 -4.51 10.47 -29.95
CA MET C 210 -4.29 11.38 -31.07
C MET C 210 -3.27 10.80 -32.03
N THR C 211 -3.57 10.85 -33.32
CA THR C 211 -2.68 10.31 -34.34
C THR C 211 -1.43 11.15 -34.43
N VAL C 212 -0.28 10.51 -34.56
CA VAL C 212 0.97 11.17 -34.90
C VAL C 212 1.36 10.76 -36.32
N VAL C 213 1.51 11.75 -37.19
CA VAL C 213 2.08 11.54 -38.52
C VAL C 213 3.59 11.77 -38.40
N LEU C 214 4.36 10.71 -38.65
CA LEU C 214 5.79 10.69 -38.35
C LEU C 214 6.60 10.70 -39.64
N HIS C 215 7.57 11.61 -39.71
CA HIS C 215 8.52 11.71 -40.82
C HIS C 215 9.92 11.39 -40.33
N GLN C 216 10.70 10.68 -41.16
CA GLN C 216 12.07 10.39 -40.77
C GLN C 216 12.93 11.65 -40.85
N ARG C 217 12.70 12.49 -41.85
CA ARG C 217 13.50 13.68 -42.08
C ARG C 217 12.55 14.85 -42.35
N PHE C 218 13.10 16.05 -42.34
CA PHE C 218 12.32 17.25 -42.59
C PHE C 218 12.50 17.65 -44.06
N SER C 219 11.40 17.65 -44.80
CA SER C 219 11.35 18.20 -46.15
C SER C 219 10.12 19.06 -46.23
N VAL C 220 10.30 20.32 -46.66
CA VAL C 220 9.17 21.25 -46.69
C VAL C 220 8.08 20.75 -47.63
N SER C 221 8.48 20.31 -48.83
CA SER C 221 7.51 19.83 -49.80
C SER C 221 6.81 18.56 -49.32
N ASP C 222 7.54 17.64 -48.70
CA ASP C 222 6.88 16.45 -48.15
C ASP C 222 5.92 16.81 -47.01
N VAL C 223 6.32 17.75 -46.15
CA VAL C 223 5.48 18.12 -45.01
C VAL C 223 4.16 18.71 -45.48
N LEU C 224 4.20 19.59 -46.49
CA LEU C 224 2.96 20.17 -47.01
C LEU C 224 2.08 19.09 -47.63
N HIS C 225 2.67 18.19 -48.42
CA HIS C 225 1.92 17.08 -48.97
C HIS C 225 1.26 16.25 -47.87
N SER C 226 2.03 15.95 -46.81
CA SER C 226 1.52 15.10 -45.74
C SER C 226 0.42 15.80 -44.94
N ILE C 227 0.59 17.10 -44.67
CA ILE C 227 -0.46 17.86 -43.99
C ILE C 227 -1.78 17.74 -44.73
N ASN C 228 -1.74 17.95 -46.05
CA ASN C 228 -2.97 17.87 -46.83
C ASN C 228 -3.48 16.45 -46.92
N ARG C 229 -2.59 15.47 -47.11
CA ARG C 229 -3.06 14.10 -47.27
C ARG C 229 -3.70 13.56 -45.98
N HIS C 230 -3.12 13.87 -44.83
CA HIS C 230 -3.57 13.23 -43.60
C HIS C 230 -4.34 14.16 -42.67
N GLU C 231 -4.74 15.33 -43.16
CA GLU C 231 -5.53 16.30 -42.40
C GLU C 231 -4.87 16.64 -41.06
N VAL C 232 -3.60 17.06 -41.13
CA VAL C 232 -2.84 17.41 -39.94
C VAL C 232 -3.33 18.74 -39.39
N THR C 233 -3.49 18.82 -38.06
CA THR C 233 -3.90 20.05 -37.41
C THR C 233 -2.81 20.68 -36.54
N MET C 234 -1.83 19.90 -36.08
CA MET C 234 -0.78 20.38 -35.20
C MET C 234 0.58 19.99 -35.77
N ILE C 235 1.58 20.85 -35.61
CA ILE C 235 2.92 20.53 -36.07
C ILE C 235 3.92 21.24 -35.15
N SER C 236 5.02 20.56 -34.83
CA SER C 236 6.10 21.15 -34.04
C SER C 236 7.23 21.59 -34.96
N ALA C 237 7.88 22.71 -34.63
CA ALA C 237 8.97 23.18 -35.47
C ALA C 237 9.98 23.97 -34.66
N VAL C 238 11.21 23.99 -35.15
CA VAL C 238 12.19 24.98 -34.74
C VAL C 238 12.18 26.08 -35.79
N GLN C 239 12.81 27.22 -35.47
CA GLN C 239 12.65 28.40 -36.34
C GLN C 239 13.19 28.18 -37.75
N THR C 240 14.25 27.37 -37.90
CA THR C 240 14.73 27.07 -39.24
C THR C 240 13.66 26.35 -40.07
N MET C 241 12.94 25.41 -39.46
CA MET C 241 11.86 24.72 -40.16
C MET C 241 10.76 25.70 -40.55
N LEU C 242 10.39 26.60 -39.64
CA LEU C 242 9.32 27.55 -39.93
C LEU C 242 9.73 28.50 -41.05
N ALA C 243 10.98 28.97 -41.03
CA ALA C 243 11.50 29.79 -42.12
C ALA C 243 11.44 29.06 -43.46
N SER C 244 11.84 27.80 -43.47
CA SER C 244 11.79 27.04 -44.71
C SER C 244 10.34 26.91 -45.20
N LEU C 245 9.40 26.75 -44.27
CA LEU C 245 7.99 26.67 -44.63
C LEU C 245 7.53 27.94 -45.34
N LEU C 246 7.80 29.11 -44.74
CA LEU C 246 7.37 30.36 -45.36
C LEU C 246 8.09 30.63 -46.67
N GLU C 247 9.28 30.09 -46.87
CA GLU C 247 9.93 30.19 -48.17
C GLU C 247 9.12 29.51 -49.27
N GLU C 248 8.38 28.46 -48.92
CA GLU C 248 7.69 27.63 -49.89
C GLU C 248 6.32 28.19 -50.27
N THR C 249 5.57 28.71 -49.29
CA THR C 249 4.17 29.07 -49.51
C THR C 249 3.81 30.34 -48.75
N ASN C 250 2.99 31.17 -49.39
CA ASN C 250 2.41 32.35 -48.78
C ASN C 250 1.25 32.04 -47.83
N ARG C 251 0.75 30.82 -47.87
CA ARG C 251 -0.45 30.44 -47.15
C ARG C 251 -0.27 29.21 -46.28
N CYS C 252 -0.82 29.24 -45.09
CA CYS C 252 -0.75 28.09 -44.22
C CYS C 252 -1.87 27.10 -44.58
N PRO C 253 -1.58 25.80 -44.69
CA PRO C 253 -2.65 24.84 -44.95
C PRO C 253 -3.81 25.02 -43.98
N GLU C 254 -5.03 25.00 -44.52
CA GLU C 254 -6.20 25.41 -43.74
C GLU C 254 -6.43 24.51 -42.52
N SER C 255 -5.97 23.27 -42.55
CA SER C 255 -6.23 22.38 -41.42
C SER C 255 -5.32 22.66 -40.22
N ILE C 256 -4.18 23.33 -40.43
CA ILE C 256 -3.27 23.63 -39.32
C ILE C 256 -3.89 24.68 -38.43
N ARG C 257 -4.07 24.35 -37.15
CA ARG C 257 -4.49 25.33 -36.15
C ARG C 257 -3.40 25.68 -35.15
N CYS C 258 -2.27 24.95 -35.17
N CYS C 258 -2.26 24.97 -35.17
CA CYS C 258 -1.19 25.21 -34.22
CA CYS C 258 -1.19 25.20 -34.22
C CYS C 258 0.14 24.82 -34.84
C CYS C 258 0.14 24.82 -34.84
N ILE C 259 1.05 25.78 -34.95
CA ILE C 259 2.47 25.51 -35.21
C ILE C 259 3.16 25.77 -33.88
N LEU C 260 3.59 24.71 -33.21
CA LEU C 260 4.23 24.86 -31.91
C LEU C 260 5.71 25.11 -32.15
N LEU C 261 6.17 26.30 -31.85
CA LEU C 261 7.53 26.69 -32.16
C LEU C 261 8.35 26.70 -30.87
N GLY C 262 9.50 26.02 -30.89
CA GLY C 262 10.38 26.03 -29.74
C GLY C 262 11.81 25.71 -30.13
N GLY C 263 12.66 25.45 -29.15
CA GLY C 263 14.00 25.01 -29.42
C GLY C 263 15.02 26.11 -29.66
N GLY C 264 14.70 27.36 -29.30
CA GLY C 264 15.63 28.45 -29.48
C GLY C 264 14.97 29.69 -30.02
N PRO C 265 15.69 30.81 -30.03
CA PRO C 265 15.08 32.07 -30.46
C PRO C 265 14.82 32.12 -31.95
N ALA C 266 13.81 32.89 -32.31
CA ALA C 266 13.43 33.10 -33.69
C ALA C 266 13.60 34.56 -34.07
N PRO C 267 14.06 34.84 -35.28
CA PRO C 267 14.11 36.24 -35.72
C PRO C 267 12.73 36.88 -35.73
N LEU C 268 12.66 38.12 -35.25
CA LEU C 268 11.37 38.81 -35.18
C LEU C 268 10.70 39.02 -36.53
N PRO C 269 11.41 39.33 -37.64
CA PRO C 269 10.71 39.45 -38.93
C PRO C 269 10.05 38.16 -39.37
N LEU C 270 10.59 36.99 -38.98
CA LEU C 270 9.93 35.72 -39.29
C LEU C 270 8.59 35.62 -38.56
N LEU C 271 8.59 35.90 -37.25
CA LEU C 271 7.34 35.90 -36.49
C LEU C 271 6.34 36.91 -37.06
N GLU C 272 6.83 38.08 -37.44
CA GLU C 272 5.92 39.10 -37.98
C GLU C 272 5.26 38.63 -39.28
N GLU C 273 6.04 38.04 -40.19
CA GLU C 273 5.48 37.57 -41.45
C GLU C 273 4.49 36.44 -41.22
N CYS C 274 4.77 35.55 -40.26
CA CYS C 274 3.83 34.49 -39.91
C CYS C 274 2.49 35.08 -39.47
N ARG C 275 2.54 36.08 -38.59
CA ARG C 275 1.30 36.69 -38.13
C ARG C 275 0.59 37.39 -39.28
N GLU C 276 1.34 38.06 -40.17
CA GLU C 276 0.71 38.80 -41.25
C GLU C 276 0.07 37.86 -42.28
N LYS C 277 0.61 36.65 -42.43
CA LYS C 277 0.12 35.73 -43.44
C LYS C 277 -0.82 34.66 -42.88
N GLY C 278 -1.07 34.67 -41.58
CA GLY C 278 -2.03 33.76 -41.00
C GLY C 278 -1.49 32.43 -40.56
N PHE C 279 -0.17 32.30 -40.39
CA PHE C 279 0.40 31.06 -39.84
C PHE C 279 0.21 31.08 -38.32
N PRO C 280 -0.51 30.11 -37.73
CA PRO C 280 -0.83 30.18 -36.29
C PRO C 280 0.34 29.69 -35.43
N VAL C 281 1.35 30.54 -35.31
CA VAL C 281 2.56 30.19 -34.57
C VAL C 281 2.37 30.44 -33.08
N PHE C 282 2.66 29.41 -32.28
CA PHE C 282 2.73 29.48 -30.81
C PHE C 282 4.20 29.39 -30.41
N GLN C 283 4.82 30.51 -30.12
CA GLN C 283 6.19 30.49 -29.62
C GLN C 283 6.19 29.91 -28.21
N SER C 284 7.26 29.19 -27.87
CA SER C 284 7.32 28.51 -26.58
CA SER C 284 7.26 28.43 -26.57
C SER C 284 8.74 28.51 -26.05
N TYR C 285 8.85 28.31 -24.73
CA TYR C 285 10.12 28.18 -24.03
C TYR C 285 10.08 26.86 -23.27
N GLY C 286 11.10 26.04 -23.46
CA GLY C 286 11.14 24.73 -22.83
C GLY C 286 12.44 24.05 -23.18
N MET C 287 12.72 22.95 -22.47
CA MET C 287 14.02 22.31 -22.57
C MET C 287 13.88 20.83 -22.18
N THR C 288 14.94 20.07 -22.45
CA THR C 288 15.01 18.68 -22.01
C THR C 288 14.59 18.54 -20.55
N GLU C 289 15.13 19.42 -19.70
CA GLU C 289 14.88 19.38 -18.26
C GLU C 289 13.43 19.64 -17.88
N THR C 290 12.63 20.29 -18.73
CA THR C 290 11.21 20.48 -18.44
C THR C 290 10.33 19.57 -19.29
N CYS C 291 10.92 18.57 -19.95
CA CYS C 291 10.21 17.55 -20.71
C CYS C 291 9.33 18.16 -21.81
N SER C 292 9.86 19.22 -22.43
CA SER C 292 9.35 20.05 -23.53
C SER C 292 8.82 21.36 -22.95
N GLN C 293 7.88 21.99 -23.65
CA GLN C 293 7.43 23.35 -23.33
C GLN C 293 7.04 23.53 -21.87
N ILE C 294 7.42 24.67 -21.30
CA ILE C 294 6.88 25.08 -20.01
C ILE C 294 6.24 26.46 -20.04
N VAL C 295 6.52 27.29 -21.03
CA VAL C 295 5.92 28.61 -21.22
C VAL C 295 5.58 28.75 -22.71
N THR C 296 4.34 29.16 -23.06
CA THR C 296 3.96 29.28 -24.46
CA THR C 296 4.00 29.29 -24.46
C THR C 296 3.13 30.54 -24.70
N LEU C 297 3.27 31.09 -25.91
CA LEU C 297 2.68 32.38 -26.31
C LEU C 297 1.66 32.16 -27.42
N SER C 298 0.42 32.58 -27.18
CA SER C 298 -0.64 32.43 -28.16
C SER C 298 -0.47 33.42 -29.31
N PRO C 299 -0.98 33.08 -30.51
CA PRO C 299 -0.89 34.01 -31.65
C PRO C 299 -1.65 35.31 -31.43
N GLU C 300 -2.65 35.33 -30.55
CA GLU C 300 -3.38 36.58 -30.33
C GLU C 300 -2.50 37.62 -29.61
N PHE C 301 -1.48 37.17 -28.88
CA PHE C 301 -0.55 38.07 -28.21
C PHE C 301 0.78 38.21 -28.96
N SER C 302 0.92 37.55 -30.10
CA SER C 302 2.24 37.42 -30.73
C SER C 302 2.81 38.77 -31.16
N MET C 303 1.94 39.72 -31.52
CA MET C 303 2.42 41.02 -31.97
C MET C 303 2.52 42.03 -30.84
N GLU C 304 1.55 42.07 -29.93
CA GLU C 304 1.69 42.96 -28.78
CA GLU C 304 1.69 42.96 -28.78
C GLU C 304 2.84 42.54 -27.89
N LYS C 305 3.14 41.24 -27.82
CA LYS C 305 4.23 40.71 -27.00
C LYS C 305 5.37 40.15 -27.86
N LEU C 306 5.59 40.74 -29.03
CA LEU C 306 6.65 40.28 -29.92
C LEU C 306 7.97 40.19 -29.15
N GLY C 307 8.60 39.02 -29.21
CA GLY C 307 9.80 38.74 -28.46
C GLY C 307 9.56 37.91 -27.22
N SER C 308 8.31 37.69 -26.83
CA SER C 308 7.99 36.96 -25.62
C SER C 308 7.76 35.47 -25.90
N ALA C 309 8.12 34.64 -24.92
CA ALA C 309 7.82 33.22 -24.95
C ALA C 309 6.44 32.87 -24.40
N GLY C 310 5.78 33.83 -23.76
CA GLY C 310 4.41 33.63 -23.31
C GLY C 310 4.26 33.50 -21.81
N LYS C 311 3.30 32.67 -21.38
CA LYS C 311 2.99 32.49 -19.97
C LYS C 311 3.14 31.02 -19.60
N PRO C 312 3.46 30.73 -18.35
CA PRO C 312 3.63 29.33 -17.92
C PRO C 312 2.37 28.51 -18.12
N LEU C 313 2.54 27.24 -18.50
CA LEU C 313 1.40 26.34 -18.61
C LEU C 313 0.77 26.09 -17.25
N PHE C 314 -0.49 25.65 -17.27
CA PHE C 314 -1.18 25.39 -16.02
C PHE C 314 -0.41 24.35 -15.22
N SER C 315 -0.36 24.54 -13.90
CA SER C 315 0.36 23.76 -12.91
C SER C 315 1.85 24.17 -12.83
N CYS C 316 2.37 24.92 -13.81
CA CYS C 316 3.79 25.28 -13.84
C CYS C 316 4.00 26.72 -13.38
N GLU C 317 5.26 27.01 -13.04
CA GLU C 317 5.61 28.31 -12.49
C GLU C 317 6.97 28.74 -13.01
N ILE C 318 7.16 30.03 -13.05
CA ILE C 318 8.42 30.64 -13.49
CA ILE C 318 8.42 30.63 -13.49
C ILE C 318 8.68 31.86 -12.63
N LYS C 319 9.95 32.11 -12.36
CA LYS C 319 10.35 33.29 -11.63
C LYS C 319 11.71 33.71 -12.13
N ILE C 320 12.04 34.97 -11.87
CA ILE C 320 13.32 35.57 -12.24
C ILE C 320 14.05 35.93 -10.96
N GLU C 321 15.32 35.52 -10.86
CA GLU C 321 16.05 35.75 -9.62
C GLU C 321 17.45 36.24 -9.93
N ARG C 322 17.89 37.22 -9.15
CA ARG C 322 19.23 37.81 -9.24
C ARG C 322 19.84 37.70 -7.85
N ASP C 323 20.75 36.73 -7.69
CA ASP C 323 21.49 36.53 -6.44
C ASP C 323 20.57 36.14 -5.28
N GLY C 324 19.65 35.22 -5.55
CA GLY C 324 18.75 34.72 -4.52
C GLY C 324 17.60 35.62 -4.16
N GLN C 325 17.56 36.85 -4.69
CA GLN C 325 16.44 37.76 -4.48
C GLN C 325 15.55 37.75 -5.72
N VAL C 326 14.24 37.61 -5.51
CA VAL C 326 13.32 37.62 -6.63
C VAL C 326 13.38 38.98 -7.31
N CYS C 327 13.25 38.99 -8.63
CA CYS C 327 13.40 40.20 -9.41
C CYS C 327 12.06 40.89 -9.62
N GLU C 328 12.14 42.19 -9.85
CA GLU C 328 10.97 43.00 -10.18
C GLU C 328 10.62 42.78 -11.64
N PRO C 329 9.43 43.21 -12.07
CA PRO C 329 9.12 43.20 -13.50
C PRO C 329 10.17 43.97 -14.28
N TYR C 330 10.56 43.41 -15.43
CA TYR C 330 11.51 43.96 -16.38
C TYR C 330 12.95 43.91 -15.89
N GLU C 331 13.16 43.52 -14.64
CA GLU C 331 14.51 43.35 -14.11
C GLU C 331 15.10 42.04 -14.61
N HIS C 332 16.29 42.11 -15.21
CA HIS C 332 16.93 40.92 -15.75
C HIS C 332 17.43 40.02 -14.62
N GLY C 333 17.21 38.72 -14.77
CA GLY C 333 17.74 37.75 -13.83
C GLY C 333 17.70 36.35 -14.41
N GLU C 334 18.06 35.39 -13.57
CA GLU C 334 18.07 33.99 -14.01
C GLU C 334 16.64 33.44 -14.01
N ILE C 335 16.27 32.80 -15.11
CA ILE C 335 14.97 32.12 -15.20
C ILE C 335 15.04 30.84 -14.38
N MET C 336 14.06 30.66 -13.49
CA MET C 336 13.93 29.43 -12.74
C MET C 336 12.49 28.93 -12.83
N VAL C 337 12.35 27.60 -12.92
CA VAL C 337 11.09 26.97 -13.28
C VAL C 337 10.75 25.89 -12.25
N LYS C 338 9.45 25.61 -12.15
CA LYS C 338 8.98 24.64 -11.18
C LYS C 338 7.66 24.09 -11.70
N GLY C 339 7.44 22.79 -11.52
CA GLY C 339 6.20 22.19 -11.91
C GLY C 339 6.33 20.70 -12.08
N PRO C 340 5.19 20.02 -12.27
CA PRO C 340 5.21 18.54 -12.29
C PRO C 340 5.84 17.97 -13.54
N ASN C 341 6.14 18.79 -14.56
CA ASN C 341 6.83 18.36 -15.76
C ASN C 341 8.35 18.54 -15.66
N VAL C 342 8.86 19.09 -14.54
CA VAL C 342 10.28 19.35 -14.36
C VAL C 342 10.99 18.09 -13.88
N MET C 343 12.17 17.87 -14.39
CA MET C 343 12.87 16.64 -14.24
C MET C 343 13.16 16.26 -12.79
N LYS C 344 13.29 14.97 -12.55
CA LYS C 344 13.65 14.49 -11.23
C LYS C 344 15.02 15.02 -10.81
N SER C 345 16.02 14.82 -11.64
CA SER C 345 17.40 15.23 -11.38
C SER C 345 18.23 14.78 -12.56
N TYR C 346 19.43 15.32 -12.67
CA TYR C 346 20.41 14.77 -13.59
C TYR C 346 20.91 13.43 -13.05
N PHE C 347 21.25 12.52 -13.96
CA PHE C 347 21.69 11.19 -13.56
C PHE C 347 23.16 11.20 -13.17
N ASN C 348 23.44 10.84 -11.92
CA ASN C 348 24.79 10.72 -11.38
CA ASN C 348 24.79 10.72 -11.39
C ASN C 348 25.59 12.01 -11.58
N ARG C 349 25.02 13.11 -11.07
CA ARG C 349 25.67 14.43 -11.12
C ARG C 349 25.33 15.15 -9.81
N GLU C 350 25.93 14.69 -8.71
CA GLU C 350 25.60 15.23 -7.40
C GLU C 350 25.82 16.74 -7.34
N SER C 351 27.01 17.20 -7.76
CA SER C 351 27.28 18.64 -7.64
C SER C 351 26.40 19.47 -8.57
N ALA C 352 26.12 18.96 -9.79
CA ALA C 352 25.24 19.71 -10.69
C ALA C 352 23.82 19.80 -10.13
N ASN C 353 23.33 18.73 -9.50
CA ASN C 353 21.99 18.77 -8.92
C ASN C 353 21.93 19.76 -7.76
N GLU C 354 22.95 19.78 -6.90
CA GLU C 354 22.96 20.72 -5.78
C GLU C 354 22.98 22.16 -6.27
N ALA C 355 23.74 22.45 -7.33
CA ALA C 355 23.81 23.80 -7.86
C ALA C 355 22.57 24.19 -8.66
N SER C 356 21.88 23.23 -9.28
CA SER C 356 20.80 23.58 -10.20
C SER C 356 19.45 23.71 -9.53
N PHE C 357 19.23 23.05 -8.40
CA PHE C 357 17.96 23.09 -7.69
C PHE C 357 18.10 23.96 -6.45
N GLN C 358 17.06 24.72 -6.15
CA GLN C 358 17.04 25.57 -4.97
C GLN C 358 15.60 25.65 -4.47
N ASN C 359 15.30 24.93 -3.40
CA ASN C 359 13.98 24.93 -2.77
C ASN C 359 12.88 24.59 -3.76
N GLY C 360 13.10 23.50 -4.52
CA GLY C 360 12.10 22.98 -5.43
C GLY C 360 12.10 23.59 -6.82
N TRP C 361 12.89 24.63 -7.05
CA TRP C 361 12.96 25.30 -8.33
C TRP C 361 14.25 24.90 -9.06
N LEU C 362 14.17 24.88 -10.39
CA LEU C 362 15.29 24.53 -11.24
C LEU C 362 15.86 25.77 -11.91
N LYS C 363 17.15 26.02 -11.72
CA LYS C 363 17.82 27.08 -12.46
C LYS C 363 18.05 26.65 -13.90
N THR C 364 17.62 27.47 -14.86
CA THR C 364 17.72 27.09 -16.27
C THR C 364 19.05 27.46 -16.90
N GLY C 365 19.83 28.36 -16.30
CA GLY C 365 20.96 28.95 -16.99
C GLY C 365 20.58 29.99 -18.02
N ASP C 366 19.30 30.21 -18.26
CA ASP C 366 18.88 31.26 -19.18
C ASP C 366 18.61 32.54 -18.41
N LEU C 367 18.74 33.66 -19.12
CA LEU C 367 18.51 34.98 -18.57
C LEU C 367 17.24 35.56 -19.17
N GLY C 368 16.45 36.25 -18.35
CA GLY C 368 15.26 36.89 -18.87
C GLY C 368 14.64 37.83 -17.87
N TYR C 369 13.40 38.22 -18.16
CA TYR C 369 12.59 39.04 -17.27
C TYR C 369 11.12 38.78 -17.57
N LEU C 370 10.28 39.16 -16.62
CA LEU C 370 8.82 39.15 -16.74
C LEU C 370 8.31 40.58 -16.91
N ASP C 371 7.37 40.79 -17.83
CA ASP C 371 6.76 42.10 -17.93
C ASP C 371 5.67 42.25 -16.86
N ASN C 372 4.98 43.39 -16.86
CA ASN C 372 4.03 43.68 -15.78
C ASN C 372 2.81 42.77 -15.81
N GLU C 373 2.57 42.05 -16.90
CA GLU C 373 1.47 41.11 -16.98
C GLU C 373 1.95 39.67 -16.86
N GLY C 374 3.23 39.47 -16.55
CA GLY C 374 3.78 38.15 -16.33
C GLY C 374 4.25 37.42 -17.57
N PHE C 375 4.30 38.09 -18.73
CA PHE C 375 4.82 37.45 -19.92
C PHE C 375 6.34 37.36 -19.86
N LEU C 376 6.88 36.20 -20.26
CA LEU C 376 8.31 35.93 -20.20
C LEU C 376 9.02 36.42 -21.46
N TYR C 377 10.14 37.12 -21.27
CA TYR C 377 11.05 37.49 -22.34
C TYR C 377 12.41 36.84 -22.05
N VAL C 378 12.80 35.88 -22.88
CA VAL C 378 14.08 35.20 -22.75
C VAL C 378 15.11 36.01 -23.52
N LEU C 379 16.19 36.39 -22.85
CA LEU C 379 17.23 37.20 -23.46
C LEU C 379 18.29 36.31 -24.10
N ASP C 380 18.61 36.60 -25.37
CA ASP C 380 19.49 35.71 -26.13
C ASP C 380 20.94 36.18 -25.92
N ARG C 381 21.44 35.89 -24.71
CA ARG C 381 22.71 36.44 -24.25
C ARG C 381 23.73 35.38 -23.83
N ARG C 382 23.36 34.11 -23.81
CA ARG C 382 24.30 33.10 -23.34
C ARG C 382 25.49 32.98 -24.29
N SER C 383 26.67 32.78 -23.72
CA SER C 383 27.86 32.44 -24.49
C SER C 383 28.32 31.01 -24.23
N ASP C 384 27.69 30.30 -23.29
CA ASP C 384 28.02 28.92 -23.01
C ASP C 384 27.15 27.95 -23.80
N LEU C 385 26.36 28.45 -24.75
CA LEU C 385 25.44 27.62 -25.50
C LEU C 385 25.20 28.30 -26.84
N ILE C 386 25.32 27.52 -27.92
CA ILE C 386 25.03 27.97 -29.28
C ILE C 386 23.93 27.06 -29.80
N ILE C 387 22.89 27.65 -30.41
CA ILE C 387 21.78 26.88 -30.97
C ILE C 387 21.81 27.00 -32.49
N SER C 388 22.07 25.88 -33.16
CA SER C 388 22.15 25.78 -34.60
C SER C 388 20.98 24.92 -35.08
N GLY C 389 20.06 25.52 -35.82
CA GLY C 389 18.91 24.75 -36.30
C GLY C 389 18.22 23.99 -35.19
N GLY C 390 18.07 24.59 -34.02
CA GLY C 390 17.40 23.93 -32.92
C GLY C 390 18.23 22.86 -32.22
N GLU C 391 19.51 22.73 -32.55
CA GLU C 391 20.41 21.81 -31.87
C GLU C 391 21.33 22.59 -30.94
N ASN C 392 21.30 22.24 -29.65
CA ASN C 392 22.23 22.84 -28.69
C ASN C 392 23.68 22.42 -28.96
N ILE C 393 24.58 23.40 -28.94
CA ILE C 393 26.02 23.18 -29.05
C ILE C 393 26.69 23.87 -27.87
N TYR C 394 27.56 23.16 -27.18
CA TYR C 394 28.21 23.70 -25.99
C TYR C 394 29.66 24.01 -26.31
N PRO C 395 30.05 25.28 -26.29
CA PRO C 395 31.46 25.63 -26.53
C PRO C 395 32.42 24.78 -25.73
N ALA C 396 32.17 24.54 -24.45
CA ALA C 396 33.08 23.74 -23.62
C ALA C 396 33.35 22.37 -24.23
N GLU C 397 32.34 21.71 -24.80
CA GLU C 397 32.59 20.41 -25.43
C GLU C 397 33.43 20.54 -26.69
N VAL C 398 33.10 21.50 -27.56
CA VAL C 398 33.87 21.69 -28.78
C VAL C 398 35.29 22.13 -28.45
N GLU C 399 35.44 23.10 -27.54
CA GLU C 399 36.77 23.50 -27.09
C GLU C 399 37.55 22.30 -26.53
N SER C 400 36.88 21.48 -25.72
CA SER C 400 37.49 20.26 -25.19
C SER C 400 38.11 19.41 -26.30
N VAL C 401 37.40 19.23 -27.41
CA VAL C 401 37.91 18.39 -28.49
C VAL C 401 39.08 19.08 -29.19
N LEU C 402 38.95 20.38 -29.47
CA LEU C 402 40.01 21.13 -30.13
C LEU C 402 41.28 21.17 -29.29
N LEU C 403 41.14 21.32 -27.97
CA LEU C 403 42.32 21.42 -27.12
C LEU C 403 43.05 20.10 -27.00
N SER C 404 42.37 18.97 -27.22
CA SER C 404 43.05 17.68 -27.16
C SER C 404 43.99 17.47 -28.34
N HIS C 405 43.89 18.28 -29.39
CA HIS C 405 44.77 18.13 -30.53
C HIS C 405 46.19 18.60 -30.15
N PRO C 406 47.22 17.88 -30.59
CA PRO C 406 48.60 18.24 -30.18
C PRO C 406 49.01 19.68 -30.48
N ALA C 407 48.49 20.28 -31.55
CA ALA C 407 48.97 21.58 -31.99
C ALA C 407 48.23 22.76 -31.36
N VAL C 408 47.16 22.53 -30.61
CA VAL C 408 46.36 23.61 -30.04
C VAL C 408 46.77 23.84 -28.60
N ALA C 409 47.07 25.09 -28.26
CA ALA C 409 47.39 25.52 -26.90
C ALA C 409 46.20 26.10 -26.17
N GLU C 410 45.40 26.91 -26.84
CA GLU C 410 44.19 27.50 -26.29
C GLU C 410 43.07 27.34 -27.31
N ALA C 411 41.85 27.16 -26.83
CA ALA C 411 40.70 27.06 -27.73
C ALA C 411 39.53 27.86 -27.18
N GLY C 412 38.86 28.60 -28.05
CA GLY C 412 37.65 29.30 -27.71
C GLY C 412 36.63 29.24 -28.82
N VAL C 413 35.38 28.88 -28.51
CA VAL C 413 34.34 28.68 -29.50
C VAL C 413 33.16 29.57 -29.15
N SER C 414 32.68 30.33 -30.13
CA SER C 414 31.50 31.18 -29.94
C SER C 414 30.63 31.08 -31.17
N GLY C 415 29.37 31.57 -31.02
CA GLY C 415 28.40 31.46 -32.08
C GLY C 415 28.51 32.62 -33.04
N ALA C 416 28.50 32.30 -34.33
CA ALA C 416 28.50 33.28 -35.40
C ALA C 416 27.12 33.28 -36.04
N GLU C 417 26.63 34.46 -36.40
CA GLU C 417 25.31 34.56 -37.01
C GLU C 417 25.25 33.81 -38.33
N ASP C 418 24.11 33.16 -38.57
CA ASP C 418 23.89 32.36 -39.77
C ASP C 418 22.44 32.53 -40.21
N LYS C 419 22.26 32.90 -41.49
CA LYS C 419 20.91 33.19 -41.98
C LYS C 419 20.00 31.97 -41.85
N LYS C 420 20.53 30.78 -42.13
CA LYS C 420 19.69 29.59 -42.11
C LYS C 420 19.64 28.96 -40.72
N TRP C 421 20.77 28.75 -40.11
CA TRP C 421 20.80 28.02 -38.87
C TRP C 421 20.57 28.80 -37.60
N GLY C 422 20.62 30.12 -37.67
CA GLY C 422 20.57 30.91 -36.46
C GLY C 422 21.96 31.33 -36.01
N LYS C 423 22.62 30.43 -35.31
CA LYS C 423 24.03 30.52 -35.03
C LYS C 423 24.81 29.28 -35.45
N VAL C 424 26.05 29.45 -35.84
CA VAL C 424 26.95 28.32 -36.08
C VAL C 424 28.23 28.57 -35.31
N PRO C 425 28.95 27.53 -34.89
CA PRO C 425 30.15 27.76 -34.07
C PRO C 425 31.37 28.17 -34.89
N HIS C 426 32.09 29.17 -34.39
CA HIS C 426 33.40 29.53 -34.92
C HIS C 426 34.44 29.27 -33.84
N ALA C 427 35.62 28.84 -34.25
CA ALA C 427 36.66 28.41 -33.33
C ALA C 427 37.84 29.39 -33.37
N TYR C 428 38.39 29.67 -32.19
CA TYR C 428 39.49 30.63 -32.03
C TYR C 428 40.59 29.92 -31.24
N LEU C 429 41.80 29.92 -31.78
CA LEU C 429 42.83 29.03 -31.28
C LEU C 429 44.16 29.74 -31.13
N VAL C 430 44.89 29.37 -30.08
CA VAL C 430 46.32 29.63 -29.97
C VAL C 430 47.03 28.32 -30.28
N LEU C 431 48.02 28.37 -31.17
CA LEU C 431 48.68 27.18 -31.67
C LEU C 431 50.12 27.08 -31.18
N HIS C 432 50.56 25.83 -30.99
CA HIS C 432 51.96 25.52 -30.81
C HIS C 432 52.66 25.28 -32.14
N LYS C 433 52.04 24.46 -33.00
CA LYS C 433 52.55 24.08 -34.30
C LYS C 433 51.50 24.36 -35.36
N PRO C 434 51.91 24.61 -36.61
CA PRO C 434 50.94 24.90 -37.66
C PRO C 434 50.01 23.71 -37.93
N VAL C 435 48.73 24.02 -38.09
CA VAL C 435 47.71 23.07 -38.51
C VAL C 435 46.73 23.77 -39.45
N SER C 436 46.25 23.03 -40.44
CA SER C 436 45.26 23.56 -41.37
C SER C 436 43.85 23.33 -40.84
N ALA C 437 42.92 24.12 -41.37
CA ALA C 437 41.52 23.93 -41.03
C ALA C 437 41.05 22.55 -41.44
N GLY C 438 41.61 22.00 -42.51
CA GLY C 438 41.27 20.63 -42.91
C GLY C 438 41.70 19.61 -41.88
N GLU C 439 42.92 19.76 -41.35
CA GLU C 439 43.37 18.87 -40.29
C GLU C 439 42.47 18.95 -39.06
N LEU C 440 42.08 20.16 -38.67
CA LEU C 440 41.23 20.32 -37.49
C LEU C 440 39.84 19.74 -37.74
N THR C 441 39.29 19.95 -38.94
CA THR C 441 37.98 19.39 -39.25
C THR C 441 38.01 17.87 -39.21
N ASP C 442 38.97 17.25 -39.89
CA ASP C 442 39.09 15.80 -39.89
C ASP C 442 39.25 15.25 -38.47
N TYR C 443 39.99 15.98 -37.62
CA TYR C 443 40.14 15.59 -36.22
C TYR C 443 38.80 15.67 -35.49
N CYS C 444 38.00 16.70 -35.79
CA CYS C 444 36.71 16.86 -35.12
C CYS C 444 35.67 15.85 -35.61
N LYS C 445 35.84 15.32 -36.83
CA LYS C 445 34.86 14.41 -37.40
C LYS C 445 34.73 13.14 -36.58
N GLU C 446 35.80 12.73 -35.90
CA GLU C 446 35.80 11.52 -35.08
C GLU C 446 35.29 11.77 -33.67
N ARG C 447 35.01 13.02 -33.32
CA ARG C 447 34.71 13.37 -31.93
CA ARG C 447 34.72 13.38 -31.93
C ARG C 447 33.49 14.27 -31.76
N LEU C 448 32.93 14.81 -32.84
CA LEU C 448 31.83 15.76 -32.74
C LEU C 448 30.78 15.50 -33.81
N ALA C 449 29.51 15.56 -33.41
CA ALA C 449 28.42 15.61 -34.38
C ALA C 449 28.66 16.75 -35.37
N LYS C 450 28.18 16.56 -36.60
CA LYS C 450 28.56 17.48 -37.67
C LYS C 450 28.17 18.92 -37.36
N TYR C 451 26.98 19.14 -36.79
CA TYR C 451 26.54 20.50 -36.50
C TYR C 451 27.38 21.18 -35.42
N LYS C 452 28.11 20.41 -34.60
CA LYS C 452 28.97 20.95 -33.55
C LYS C 452 30.31 21.44 -34.09
N ARG C 453 30.70 21.01 -35.29
CA ARG C 453 32.04 21.24 -35.79
C ARG C 453 32.20 22.68 -36.27
N PRO C 454 33.35 23.31 -36.01
CA PRO C 454 33.51 24.73 -36.35
C PRO C 454 33.36 24.97 -37.85
N LYS C 455 32.57 25.99 -38.20
CA LYS C 455 32.43 26.38 -39.59
C LYS C 455 33.53 27.34 -40.05
N LYS C 456 34.27 27.93 -39.10
CA LYS C 456 35.44 28.74 -39.40
C LYS C 456 36.42 28.62 -38.24
N PHE C 457 37.70 28.78 -38.55
CA PHE C 457 38.78 28.76 -37.57
C PHE C 457 39.54 30.07 -37.64
N PHE C 458 40.02 30.53 -36.48
CA PHE C 458 40.84 31.74 -36.39
C PHE C 458 42.04 31.49 -35.50
N VAL C 459 43.17 32.09 -35.87
CA VAL C 459 44.42 31.97 -35.14
C VAL C 459 44.66 33.26 -34.38
N LEU C 460 45.00 33.16 -33.10
CA LEU C 460 45.24 34.32 -32.25
C LEU C 460 46.51 34.11 -31.44
N ASP C 461 47.00 35.21 -30.85
CA ASP C 461 48.14 35.20 -29.96
C ASP C 461 47.74 34.91 -28.52
N ARG C 462 46.64 35.51 -28.07
CA ARG C 462 46.05 35.22 -26.77
C ARG C 462 44.53 35.26 -26.91
N LEU C 463 43.85 34.62 -25.97
CA LEU C 463 42.41 34.79 -25.99
C LEU C 463 41.96 35.69 -24.85
N PRO C 464 40.87 36.43 -25.02
CA PRO C 464 40.40 37.34 -23.95
C PRO C 464 40.01 36.57 -22.69
N ARG C 465 40.61 36.95 -21.59
CA ARG C 465 40.28 36.39 -20.32
C ARG C 465 40.16 37.46 -19.29
N ASN C 466 39.34 37.25 -18.29
CA ASN C 466 39.26 38.17 -17.18
C ASN C 466 40.33 37.77 -16.16
N ALA C 467 40.28 38.33 -14.98
CA ALA C 467 41.35 38.12 -14.01
C ALA C 467 41.49 36.69 -13.62
N SER C 468 40.38 36.02 -13.35
CA SER C 468 40.46 34.61 -13.00
C SER C 468 40.94 33.73 -14.15
N ASN C 469 41.33 34.34 -15.28
CA ASN C 469 41.69 33.66 -16.52
C ASN C 469 40.50 32.99 -17.20
N LYS C 470 39.27 33.35 -16.81
CA LYS C 470 38.09 32.82 -17.47
C LYS C 470 37.98 33.37 -18.89
N LEU C 471 37.80 32.48 -19.85
CA LEU C 471 37.66 32.87 -21.25
C LEU C 471 36.40 33.71 -21.43
N LEU C 472 36.53 34.85 -22.14
CA LEU C 472 35.39 35.71 -22.50
C LEU C 472 34.98 35.40 -23.93
N ARG C 473 34.05 34.45 -24.09
CA ARG C 473 33.68 34.01 -25.43
C ARG C 473 32.99 35.11 -26.25
N ASN C 474 32.33 36.05 -25.58
CA ASN C 474 31.65 37.11 -26.30
C ASN C 474 32.62 38.06 -27.00
N GLN C 475 33.86 38.14 -26.54
CA GLN C 475 34.84 39.05 -27.14
C GLN C 475 35.74 38.35 -28.16
N LEU C 476 35.56 37.05 -28.38
CA LEU C 476 36.40 36.34 -29.35
C LEU C 476 36.25 36.93 -30.75
N LYS C 477 35.01 37.21 -31.17
CA LYS C 477 34.74 37.64 -32.54
C LYS C 477 35.54 38.88 -32.92
N ASP C 478 35.80 39.77 -31.98
CA ASP C 478 36.52 41.01 -32.27
C ASP C 478 38.03 40.74 -32.38
N ARG C 480 43.88 37.31 -34.36
CA ARG C 480 42.87 37.95 -35.21
C ARG C 480 43.07 37.66 -36.71
N LYS C 481 43.47 36.44 -37.05
CA LYS C 481 43.62 36.01 -38.44
C LYS C 481 42.89 34.69 -38.67
N GLY C 482 42.46 34.46 -39.91
CA GLY C 482 41.68 33.28 -40.23
C GLY C 482 42.56 32.14 -40.73
N GLU C 483 42.23 30.93 -40.31
CA GLU C 483 42.99 29.73 -40.66
C GLU C 483 42.33 29.03 -41.82
N LEU C 484 43.11 28.76 -42.87
CA LEU C 484 42.57 28.04 -44.03
C LEU C 484 43.17 26.65 -44.15
C LEU D 1 0.00 -8.34 6.97
N THR D 2 0.33 -7.80 5.81
CA THR D 2 0.35 -8.62 4.61
C THR D 2 1.74 -9.16 4.26
N GLU D 3 2.80 -8.59 4.83
CA GLU D 3 4.15 -9.00 4.46
C GLU D 3 5.08 -8.92 5.66
N GLN D 4 6.12 -9.77 5.66
CA GLN D 4 7.19 -9.74 6.64
C GLN D 4 8.54 -9.63 5.92
N PRO D 5 9.57 -9.07 6.57
CA PRO D 5 10.90 -9.12 5.98
C PRO D 5 11.29 -10.57 5.74
N ASN D 6 12.02 -10.82 4.65
CA ASN D 6 12.47 -12.17 4.38
C ASN D 6 13.20 -12.72 5.60
N TRP D 7 12.78 -13.91 6.04
CA TRP D 7 13.24 -14.45 7.33
C TRP D 7 14.75 -14.63 7.37
N LEU D 8 15.31 -15.17 6.29
CA LEU D 8 16.75 -15.40 6.24
C LEU D 8 17.50 -14.08 6.28
N MET D 9 17.05 -13.12 5.48
CA MET D 9 17.66 -11.79 5.48
C MET D 9 17.60 -11.14 6.85
N GLN D 10 16.44 -11.17 7.51
CA GLN D 10 16.36 -10.53 8.82
C GLN D 10 17.20 -11.30 9.84
N ARG D 11 17.18 -12.64 9.77
CA ARG D 11 17.96 -13.43 10.72
C ARG D 11 19.45 -13.14 10.58
N ALA D 12 19.94 -13.03 9.36
CA ALA D 12 21.35 -12.69 9.16
C ALA D 12 21.67 -11.30 9.67
N GLN D 13 20.69 -10.38 9.61
CA GLN D 13 20.90 -9.05 10.16
C GLN D 13 20.99 -9.09 11.68
N LEU D 14 20.17 -9.92 12.32
CA LEU D 14 20.10 -9.93 13.79
C LEU D 14 21.22 -10.73 14.44
N THR D 15 21.49 -11.93 13.94
CA THR D 15 22.48 -12.83 14.55
C THR D 15 23.31 -13.45 13.42
N PRO D 16 24.15 -12.64 12.77
CA PRO D 16 24.89 -13.13 11.59
C PRO D 16 25.78 -14.31 11.85
N GLU D 17 26.43 -14.36 13.01
CA GLU D 17 27.46 -15.33 13.30
C GLU D 17 26.95 -16.60 13.94
N ARG D 18 25.69 -16.64 14.31
CA ARG D 18 25.11 -17.85 14.80
C ARG D 18 25.08 -18.92 13.70
N ILE D 19 25.27 -20.18 14.07
CA ILE D 19 25.33 -21.27 13.10
C ILE D 19 23.92 -21.61 12.63
N ALA D 20 23.71 -21.54 11.31
CA ALA D 20 22.46 -21.93 10.69
C ALA D 20 22.42 -23.42 10.36
N LEU D 21 23.54 -23.96 9.89
CA LEU D 21 23.53 -25.29 9.31
C LEU D 21 24.84 -25.99 9.63
N ILE D 22 24.74 -27.21 10.14
CA ILE D 22 25.85 -28.14 10.24
C ILE D 22 25.56 -29.29 9.29
N TYR D 23 26.45 -29.51 8.33
CA TYR D 23 26.26 -30.56 7.33
C TYR D 23 27.61 -31.19 7.04
N GLU D 24 27.74 -32.48 7.32
CA GLU D 24 29.04 -33.16 7.27
C GLU D 24 30.07 -32.35 8.05
N ASP D 25 31.12 -31.89 7.37
CA ASP D 25 32.15 -31.07 7.97
C ASP D 25 32.00 -29.56 7.69
N GLN D 26 30.85 -29.13 7.19
CA GLN D 26 30.57 -27.73 6.94
C GLN D 26 29.80 -27.12 8.11
N THR D 27 30.19 -25.92 8.53
CA THR D 27 29.36 -25.09 9.40
C THR D 27 29.07 -23.79 8.67
N VAL D 28 27.79 -23.43 8.59
CA VAL D 28 27.32 -22.29 7.80
C VAL D 28 26.58 -21.35 8.76
N THR D 29 27.13 -20.14 8.96
CA THR D 29 26.44 -19.13 9.74
C THR D 29 25.25 -18.58 8.97
N PHE D 30 24.38 -17.84 9.68
CA PHE D 30 23.26 -17.20 8.98
C PHE D 30 23.74 -16.16 7.98
N ALA D 31 24.79 -15.40 8.33
CA ALA D 31 25.35 -14.48 7.34
C ALA D 31 25.84 -15.24 6.11
N GLU D 32 26.53 -16.37 6.32
CA GLU D 32 27.01 -17.15 5.19
C GLU D 32 25.86 -17.75 4.39
N LEU D 33 24.80 -18.18 5.09
CA LEU D 33 23.65 -18.75 4.40
C LEU D 33 22.95 -17.71 3.54
N PHE D 34 22.76 -16.49 4.07
CA PHE D 34 22.15 -15.45 3.24
C PHE D 34 23.03 -15.15 2.03
N ALA D 35 24.33 -15.01 2.25
CA ALA D 35 25.23 -14.68 1.15
C ALA D 35 25.20 -15.77 0.08
N ALA D 36 25.21 -17.04 0.49
CA ALA D 36 25.15 -18.13 -0.49
C ALA D 36 23.81 -18.20 -1.20
N SER D 37 22.70 -17.94 -0.47
CA SER D 37 21.41 -17.99 -1.12
C SER D 37 21.24 -16.83 -2.10
N LYS D 38 21.75 -15.65 -1.74
CA LYS D 38 21.67 -14.50 -2.64
C LYS D 38 22.51 -14.74 -3.87
N ARG D 39 23.66 -15.38 -3.70
CA ARG D 39 24.51 -15.62 -4.85
C ARG D 39 23.88 -16.64 -5.79
N MET D 40 23.27 -17.68 -5.22
CA MET D 40 22.57 -18.63 -6.08
C MET D 40 21.39 -17.97 -6.78
N ALA D 41 20.63 -17.12 -6.07
CA ALA D 41 19.57 -16.35 -6.71
C ALA D 41 20.11 -15.53 -7.87
N GLU D 42 21.24 -14.86 -7.67
CA GLU D 42 21.84 -14.10 -8.76
C GLU D 42 22.17 -15.01 -9.94
N GLN D 43 22.69 -16.20 -9.66
CA GLN D 43 23.04 -17.10 -10.76
C GLN D 43 21.79 -17.65 -11.43
N LEU D 44 20.72 -17.90 -10.66
CA LEU D 44 19.46 -18.32 -11.26
C LEU D 44 18.87 -17.24 -12.15
N ALA D 45 18.91 -15.98 -11.71
CA ALA D 45 18.38 -14.90 -12.53
C ALA D 45 19.13 -14.76 -13.84
N ALA D 46 20.43 -15.14 -13.85
CA ALA D 46 21.19 -15.12 -15.09
C ALA D 46 20.71 -16.17 -16.08
N HIS D 47 20.14 -17.26 -15.58
CA HIS D 47 19.52 -18.29 -16.42
C HIS D 47 18.06 -17.98 -16.71
N SER D 48 17.65 -16.73 -16.51
CA SER D 48 16.37 -16.16 -16.90
C SER D 48 15.23 -16.51 -15.94
N VAL D 49 15.53 -16.99 -14.73
CA VAL D 49 14.47 -17.20 -13.74
C VAL D 49 14.00 -15.84 -13.25
N ARG D 50 12.68 -15.67 -13.16
CA ARG D 50 12.07 -14.37 -12.92
C ARG D 50 11.03 -14.47 -11.82
N LYS D 51 10.75 -13.34 -11.17
CA LYS D 51 9.71 -13.28 -10.16
C LYS D 51 8.39 -13.78 -10.72
N GLY D 52 7.70 -14.61 -9.93
CA GLY D 52 6.48 -15.25 -10.38
C GLY D 52 6.65 -16.61 -11.00
N ASP D 53 7.88 -17.00 -11.35
CA ASP D 53 8.12 -18.32 -11.93
C ASP D 53 7.98 -19.41 -10.87
N THR D 54 7.99 -20.65 -11.35
CA THR D 54 7.94 -21.83 -10.49
C THR D 54 9.17 -22.67 -10.80
N ALA D 55 9.91 -23.06 -9.76
CA ALA D 55 11.11 -23.87 -9.93
C ALA D 55 11.01 -25.13 -9.08
N ALA D 56 11.22 -26.28 -9.71
CA ALA D 56 11.27 -27.55 -9.00
C ALA D 56 12.69 -27.87 -8.53
N ILE D 57 12.79 -28.50 -7.37
CA ILE D 57 14.07 -28.87 -6.77
C ILE D 57 14.11 -30.39 -6.63
N LEU D 58 15.16 -31.02 -7.12
CA LEU D 58 15.32 -32.47 -7.02
C LEU D 58 16.73 -32.75 -6.51
N LEU D 59 16.87 -32.93 -5.19
CA LEU D 59 18.18 -33.04 -4.56
C LEU D 59 18.06 -33.89 -3.31
N GLN D 60 19.14 -34.58 -2.98
CA GLN D 60 19.29 -35.15 -1.65
C GLN D 60 19.54 -34.04 -0.65
N ASN D 61 19.31 -34.33 0.63
CA ASN D 61 19.64 -33.37 1.69
C ASN D 61 21.11 -32.98 1.54
N ARG D 62 21.38 -31.72 1.20
CA ARG D 62 22.72 -31.15 1.06
C ARG D 62 22.62 -29.68 1.43
N ALA D 63 23.75 -29.04 1.78
CA ALA D 63 23.69 -27.60 2.00
C ALA D 63 23.11 -26.89 0.77
N GLU D 64 23.49 -27.37 -0.42
CA GLU D 64 23.04 -26.75 -1.67
C GLU D 64 21.53 -26.79 -1.82
N MET D 65 20.88 -27.81 -1.26
CA MET D 65 19.42 -27.83 -1.29
C MET D 65 18.84 -26.71 -0.43
N VAL D 66 19.45 -26.46 0.73
CA VAL D 66 19.01 -25.36 1.58
C VAL D 66 19.19 -24.02 0.87
N TYR D 67 20.33 -23.86 0.17
CA TYR D 67 20.56 -22.63 -0.59
C TYR D 67 19.49 -22.44 -1.67
N ALA D 68 19.14 -23.52 -2.37
CA ALA D 68 18.19 -23.42 -3.47
C ALA D 68 16.81 -23.01 -2.99
N VAL D 69 16.36 -23.55 -1.85
CA VAL D 69 15.05 -23.14 -1.32
C VAL D 69 15.03 -21.65 -1.01
N HIS D 70 16.02 -21.18 -0.25
CA HIS D 70 16.08 -19.76 0.09
C HIS D 70 16.27 -18.88 -1.15
N ALA D 71 17.07 -19.35 -2.12
CA ALA D 71 17.26 -18.56 -3.34
C ALA D 71 15.96 -18.35 -4.09
N CYS D 72 15.12 -19.39 -4.16
CA CYS D 72 13.80 -19.22 -4.74
C CYS D 72 13.04 -18.12 -4.03
N PHE D 73 13.05 -18.11 -2.70
CA PHE D 73 12.33 -17.08 -1.95
C PHE D 73 12.85 -15.68 -2.31
N LEU D 74 14.17 -15.53 -2.43
CA LEU D 74 14.77 -14.23 -2.69
C LEU D 74 14.50 -13.73 -4.11
N LEU D 75 14.06 -14.60 -5.00
CA LEU D 75 13.67 -14.21 -6.35
C LEU D 75 12.18 -14.01 -6.50
N GLY D 76 11.38 -14.37 -5.50
CA GLY D 76 9.94 -14.41 -5.69
C GLY D 76 9.48 -15.59 -6.53
N VAL D 77 10.10 -16.75 -6.35
CA VAL D 77 9.85 -17.92 -7.18
C VAL D 77 9.29 -19.02 -6.29
N LYS D 78 8.24 -19.69 -6.76
CA LYS D 78 7.66 -20.80 -6.02
C LYS D 78 8.52 -22.05 -6.16
N ALA D 79 8.79 -22.71 -5.03
CA ALA D 79 9.65 -23.89 -4.98
C ALA D 79 8.81 -25.16 -4.89
N VAL D 80 8.97 -26.06 -5.85
CA VAL D 80 8.30 -27.36 -5.86
C VAL D 80 9.32 -28.40 -5.40
N LEU D 81 9.09 -28.99 -4.24
CA LEU D 81 10.00 -29.97 -3.65
C LEU D 81 9.68 -31.35 -4.21
N LEU D 82 10.64 -31.97 -4.90
CA LEU D 82 10.37 -33.25 -5.53
C LEU D 82 10.96 -34.42 -4.74
N ASN D 83 10.16 -35.46 -4.57
CA ASN D 83 10.54 -36.71 -3.94
C ASN D 83 11.58 -37.42 -4.81
N THR D 84 12.79 -37.66 -4.25
CA THR D 84 13.92 -38.20 -5.02
C THR D 84 13.78 -39.68 -5.33
N LYS D 85 12.82 -40.37 -4.72
CA LYS D 85 12.65 -41.80 -4.98
C LYS D 85 11.63 -42.08 -6.06
N LEU D 86 10.96 -41.05 -6.58
CA LEU D 86 9.98 -41.23 -7.63
C LEU D 86 10.64 -41.70 -8.92
N SER D 87 9.90 -42.49 -9.69
CA SER D 87 10.30 -42.78 -11.05
C SER D 87 10.26 -41.50 -11.88
N THR D 88 10.88 -41.57 -13.06
CA THR D 88 10.84 -40.44 -13.97
C THR D 88 9.40 -40.12 -14.37
N HIS D 89 8.63 -41.16 -14.65
CA HIS D 89 7.23 -41.01 -15.02
C HIS D 89 6.45 -40.23 -13.98
N GLU D 90 6.65 -40.52 -12.69
CA GLU D 90 5.94 -39.79 -11.64
C GLU D 90 6.41 -38.35 -11.53
N ARG D 91 7.71 -38.12 -11.67
CA ARG D 91 8.20 -36.75 -11.59
C ARG D 91 7.70 -35.92 -12.77
N LEU D 92 7.63 -36.53 -13.95
CA LEU D 92 7.20 -35.78 -15.13
C LEU D 92 5.80 -35.19 -14.93
N PHE D 93 4.88 -35.98 -14.37
CA PHE D 93 3.55 -35.45 -14.11
C PHE D 93 3.62 -34.25 -13.17
N GLN D 94 4.41 -34.36 -12.11
CA GLN D 94 4.49 -33.27 -11.14
C GLN D 94 5.16 -32.05 -11.73
N LEU D 95 6.15 -32.24 -12.62
CA LEU D 95 6.73 -31.10 -13.32
C LEU D 95 5.71 -30.41 -14.20
N GLU D 96 4.90 -31.19 -14.91
CA GLU D 96 3.89 -30.59 -15.80
C GLU D 96 2.75 -29.98 -15.00
N ASP D 97 2.24 -30.71 -14.00
CA ASP D 97 1.07 -30.24 -13.26
C ASP D 97 1.39 -29.01 -12.40
N SER D 98 2.63 -28.86 -11.93
CA SER D 98 2.95 -27.71 -11.10
C SER D 98 3.19 -26.44 -11.91
N GLY D 99 3.28 -26.52 -13.24
CA GLY D 99 3.67 -25.37 -14.02
C GLY D 99 5.13 -24.98 -13.87
N SER D 100 5.99 -25.91 -13.46
CA SER D 100 7.39 -25.60 -13.26
C SER D 100 8.06 -25.18 -14.56
N GLY D 101 8.82 -24.10 -14.52
CA GLY D 101 9.59 -23.70 -15.69
C GLY D 101 11.05 -24.11 -15.59
N PHE D 102 11.48 -24.55 -14.41
CA PHE D 102 12.87 -24.89 -14.16
C PHE D 102 12.94 -26.09 -13.24
N LEU D 103 14.01 -26.88 -13.42
CA LEU D 103 14.35 -27.98 -12.53
C LEU D 103 15.78 -27.78 -12.04
N LEU D 104 15.95 -27.66 -10.72
CA LEU D 104 17.26 -27.50 -10.12
C LEU D 104 17.64 -28.82 -9.50
N THR D 105 18.69 -29.44 -10.03
CA THR D 105 19.08 -30.78 -9.59
C THR D 105 20.60 -30.88 -9.67
N ASP D 106 21.14 -32.10 -9.69
CA ASP D 106 22.58 -32.28 -9.79
C ASP D 106 22.87 -33.52 -10.62
N SER D 107 24.15 -33.88 -10.70
CA SER D 107 24.58 -34.97 -11.59
C SER D 107 24.19 -36.35 -11.08
N SER D 108 23.73 -36.48 -9.83
CA SER D 108 23.30 -37.80 -9.38
C SER D 108 21.93 -38.18 -9.91
N PHE D 109 21.25 -37.28 -10.62
CA PHE D 109 19.98 -37.55 -11.26
C PHE D 109 20.14 -37.39 -12.77
N GLU D 110 19.30 -38.08 -13.54
CA GLU D 110 19.45 -38.10 -14.99
C GLU D 110 18.72 -36.89 -15.56
N LYS D 111 19.44 -35.78 -15.72
CA LYS D 111 18.83 -34.53 -16.14
C LYS D 111 18.25 -34.60 -17.56
N LYS D 112 18.77 -35.51 -18.39
CA LYS D 112 18.42 -35.50 -19.81
C LYS D 112 16.93 -35.72 -20.04
N GLU D 113 16.33 -36.66 -19.31
CA GLU D 113 14.92 -36.97 -19.62
C GLU D 113 13.93 -35.89 -19.13
N TYR D 114 14.40 -34.73 -18.71
CA TYR D 114 13.52 -33.64 -18.36
C TYR D 114 13.65 -32.44 -19.26
N GLU D 115 14.55 -32.51 -20.22
CA GLU D 115 14.92 -31.38 -21.05
C GLU D 115 13.76 -30.78 -21.84
N HIS D 116 12.84 -31.60 -22.28
CA HIS D 116 11.67 -31.15 -23.05
C HIS D 116 10.65 -30.31 -22.33
N ILE D 117 10.43 -30.65 -21.08
CA ILE D 117 9.43 -30.00 -20.25
C ILE D 117 9.94 -28.79 -19.55
N VAL D 118 11.17 -28.83 -19.04
CA VAL D 118 11.70 -27.77 -18.25
C VAL D 118 13.15 -27.47 -18.54
N GLN D 119 13.58 -26.26 -18.27
CA GLN D 119 14.99 -25.94 -18.35
C GLN D 119 15.69 -26.48 -17.12
N THR D 120 16.66 -27.37 -17.32
CA THR D 120 17.32 -28.05 -16.22
C THR D 120 18.63 -27.36 -15.89
N ILE D 121 18.89 -27.21 -14.60
CA ILE D 121 20.07 -26.48 -14.10
C ILE D 121 20.79 -27.37 -13.10
N ASP D 122 22.09 -27.56 -13.31
CA ASP D 122 22.91 -28.30 -12.36
C ASP D 122 23.36 -27.35 -11.26
N VAL D 123 22.93 -27.62 -10.03
CA VAL D 123 23.20 -26.68 -8.92
C VAL D 123 24.69 -26.53 -8.68
N ASP D 124 25.47 -27.59 -8.91
CA ASP D 124 26.91 -27.50 -8.63
C ASP D 124 27.63 -26.73 -9.72
N GLU D 125 27.21 -26.88 -10.99
CA GLU D 125 27.81 -26.06 -12.05
C GLU D 125 27.36 -24.62 -11.92
N LEU D 126 26.09 -24.43 -11.57
CA LEU D 126 25.54 -23.10 -11.34
C LEU D 126 26.41 -22.28 -10.40
N MET D 127 26.81 -22.87 -9.27
CA MET D 127 27.52 -22.11 -8.25
C MET D 127 28.91 -21.69 -8.68
N LYS D 128 29.43 -22.20 -9.79
CA LYS D 128 30.73 -21.78 -10.29
C LYS D 128 30.66 -20.57 -11.22
N GLU D 129 29.48 -20.03 -11.47
CA GLU D 129 29.31 -19.01 -12.51
C GLU D 129 29.30 -17.60 -11.93
N ALA D 130 29.82 -16.67 -12.71
CA ALA D 130 29.74 -15.25 -12.37
C ALA D 130 28.40 -14.68 -12.81
N ALA D 131 27.84 -13.78 -12.01
CA ALA D 131 26.53 -13.23 -12.32
C ALA D 131 26.44 -11.81 -11.77
N GLU D 132 25.68 -10.97 -12.49
CA GLU D 132 25.30 -9.65 -12.02
C GLU D 132 24.65 -9.74 -10.64
N GLU D 133 24.91 -8.74 -9.79
CA GLU D 133 24.16 -8.61 -8.55
C GLU D 133 22.75 -8.13 -8.86
N ILE D 134 21.80 -8.55 -8.00
CA ILE D 134 20.38 -8.18 -8.17
C ILE D 134 19.88 -7.56 -6.87
N GLU D 135 18.72 -6.91 -6.97
CA GLU D 135 17.93 -6.51 -5.81
C GLU D 135 16.99 -7.67 -5.46
N ILE D 136 17.23 -8.30 -4.31
CA ILE D 136 16.47 -9.49 -3.96
C ILE D 136 15.09 -9.06 -3.48
N GLU D 137 14.17 -10.02 -3.39
CA GLU D 137 12.86 -9.77 -2.81
C GLU D 137 13.04 -9.66 -1.31
N ALA D 138 13.04 -8.44 -0.78
CA ALA D 138 13.29 -8.21 0.63
C ALA D 138 12.13 -8.63 1.52
N TYR D 139 10.96 -8.90 0.96
CA TYR D 139 9.76 -9.21 1.75
C TYR D 139 9.15 -10.52 1.27
N MET D 140 8.55 -11.24 2.23
CA MET D 140 7.73 -12.41 1.96
C MET D 140 6.26 -12.02 2.12
N GLN D 141 5.46 -12.30 1.10
CA GLN D 141 4.03 -12.01 1.18
C GLN D 141 3.34 -13.15 1.90
N MET D 142 2.61 -12.83 2.97
CA MET D 142 2.14 -13.88 3.87
C MET D 142 1.21 -14.85 3.16
N ASP D 143 0.38 -14.37 2.24
CA ASP D 143 -0.57 -15.25 1.57
C ASP D 143 -0.07 -15.77 0.24
N ALA D 144 1.17 -15.48 -0.14
CA ALA D 144 1.75 -16.04 -1.35
C ALA D 144 2.18 -17.49 -1.14
N THR D 145 1.99 -18.31 -2.16
CA THR D 145 2.51 -19.67 -2.10
C THR D 145 4.03 -19.64 -2.11
N ALA D 146 4.64 -20.25 -1.10
CA ALA D 146 6.09 -20.38 -1.00
C ALA D 146 6.58 -21.68 -1.61
N THR D 147 5.95 -22.77 -1.23
CA THR D 147 6.39 -24.09 -1.59
C THR D 147 5.23 -24.99 -1.99
N LEU D 148 5.50 -25.96 -2.84
CA LEU D 148 4.52 -26.92 -3.25
C LEU D 148 5.03 -28.34 -3.02
N MET D 149 4.21 -29.16 -2.41
CA MET D 149 4.52 -30.54 -2.18
C MET D 149 3.36 -31.40 -2.59
N TYR D 150 3.65 -32.50 -3.25
CA TYR D 150 2.61 -33.39 -3.77
C TYR D 150 2.25 -34.48 -2.76
N THR D 151 0.96 -34.80 -2.69
CA THR D 151 0.46 -35.80 -1.74
C THR D 151 -0.96 -36.16 -2.13
N SER D 152 -1.59 -37.00 -1.30
CA SER D 152 -3.02 -37.29 -1.38
CA SER D 152 -3.02 -37.28 -1.38
C SER D 152 -3.43 -37.73 -2.78
N GLY D 153 -2.82 -38.83 -3.24
CA GLY D 153 -3.11 -39.41 -4.54
C GLY D 153 -4.28 -40.38 -4.52
N THR D 154 -5.31 -40.06 -3.74
CA THR D 154 -6.43 -40.99 -3.56
C THR D 154 -7.24 -41.21 -4.82
N THR D 155 -7.19 -40.30 -5.80
CA THR D 155 -7.84 -40.55 -7.08
C THR D 155 -6.93 -41.29 -8.06
N GLY D 156 -5.67 -41.50 -7.72
CA GLY D 156 -4.70 -42.11 -8.60
C GLY D 156 -3.54 -41.20 -8.98
N LYS D 157 -3.74 -39.88 -8.92
CA LYS D 157 -2.68 -38.92 -9.17
C LYS D 157 -2.60 -37.94 -8.01
N PRO D 158 -1.40 -37.56 -7.59
CA PRO D 158 -1.28 -36.69 -6.41
C PRO D 158 -1.73 -35.26 -6.70
N LYS D 159 -1.90 -34.52 -5.61
CA LYS D 159 -2.32 -33.12 -5.61
C LYS D 159 -1.20 -32.27 -5.03
N GLY D 160 -0.96 -31.10 -5.62
CA GLY D 160 0.05 -30.19 -5.08
C GLY D 160 -0.49 -29.29 -3.98
N VAL D 161 0.04 -29.45 -2.78
CA VAL D 161 -0.33 -28.63 -1.62
C VAL D 161 0.38 -27.28 -1.71
N GLN D 162 -0.40 -26.19 -1.75
CA GLN D 162 0.16 -24.84 -1.76
C GLN D 162 0.39 -24.36 -0.32
N GLN D 163 1.66 -24.26 0.06
CA GLN D 163 2.06 -23.85 1.41
C GLN D 163 2.55 -22.41 1.36
N THR D 164 1.88 -21.52 2.09
CA THR D 164 2.21 -20.11 2.01
C THR D 164 3.33 -19.76 3.00
N PHE D 165 3.93 -18.58 2.81
CA PHE D 165 4.87 -18.09 3.81
C PHE D 165 4.20 -17.97 5.17
N GLY D 166 2.95 -17.50 5.19
CA GLY D 166 2.21 -17.44 6.44
C GLY D 166 2.04 -18.81 7.09
N ASN D 167 1.69 -19.81 6.28
CA ASN D 167 1.57 -21.17 6.83
C ASN D 167 2.84 -21.58 7.55
N HIS D 168 4.00 -21.39 6.90
CA HIS D 168 5.26 -21.83 7.49
C HIS D 168 5.60 -21.02 8.75
N TYR D 169 5.39 -19.71 8.71
CA TYR D 169 5.62 -18.88 9.89
C TYR D 169 4.75 -19.36 11.06
N PHE D 170 3.47 -19.58 10.81
CA PHE D 170 2.60 -19.92 11.94
C PHE D 170 2.89 -21.33 12.45
N SER D 171 3.22 -22.26 11.56
CA SER D 171 3.66 -23.58 12.02
C SER D 171 4.84 -23.47 12.97
N ALA D 172 5.86 -22.68 12.60
CA ALA D 172 7.07 -22.59 13.43
C ALA D 172 6.76 -21.92 14.78
N VAL D 173 5.96 -20.85 14.73
CA VAL D 173 5.58 -20.15 15.96
C VAL D 173 4.76 -21.05 16.88
N SER D 174 3.72 -21.70 16.34
CA SER D 174 2.89 -22.55 17.20
C SER D 174 3.69 -23.70 17.81
N SER D 175 4.65 -24.28 17.05
CA SER D 175 5.48 -25.33 17.62
C SER D 175 6.38 -24.79 18.74
N ALA D 176 6.95 -23.60 18.56
CA ALA D 176 7.78 -23.01 19.62
C ALA D 176 6.94 -22.74 20.88
N LEU D 177 5.71 -22.28 20.71
CA LEU D 177 4.87 -22.08 21.88
C LEU D 177 4.61 -23.39 22.61
N ASN D 178 4.59 -24.52 21.88
CA ASN D 178 4.32 -25.81 22.50
C ASN D 178 5.55 -26.36 23.19
N LEU D 179 6.69 -26.33 22.50
CA LEU D 179 7.91 -26.99 22.98
C LEU D 179 8.83 -26.07 23.79
N GLY D 180 8.66 -24.76 23.68
CA GLY D 180 9.65 -23.84 24.19
C GLY D 180 10.81 -23.68 23.22
N ILE D 181 11.55 -22.60 23.37
CA ILE D 181 12.73 -22.39 22.53
C ILE D 181 13.79 -21.66 23.37
N THR D 182 15.04 -22.10 23.24
CA THR D 182 16.17 -21.37 23.83
C THR D 182 17.33 -21.37 22.85
N GLU D 183 18.32 -20.51 23.14
CA GLU D 183 19.46 -20.31 22.25
C GLU D 183 20.29 -21.58 22.12
N GLN D 184 20.26 -22.46 23.12
CA GLN D 184 21.05 -23.69 23.08
C GLN D 184 20.42 -24.77 22.21
N ASP D 185 19.16 -24.64 21.80
CA ASP D 185 18.51 -25.71 21.05
C ASP D 185 19.18 -25.91 19.70
N ARG D 186 19.30 -27.18 19.29
CA ARG D 186 19.82 -27.59 17.99
C ARG D 186 18.99 -28.77 17.51
N TRP D 187 18.54 -28.72 16.26
CA TRP D 187 17.57 -29.69 15.74
C TRP D 187 18.24 -30.53 14.68
N LEU D 188 18.22 -31.86 14.84
CA LEU D 188 18.85 -32.75 13.87
C LEU D 188 17.78 -33.25 12.89
N ILE D 189 18.05 -33.06 11.63
CA ILE D 189 17.22 -33.51 10.58
C ILE D 189 17.87 -34.58 9.70
N ALA D 190 17.32 -35.78 9.75
CA ALA D 190 17.79 -36.93 8.99
C ALA D 190 16.73 -37.62 8.19
N LEU D 191 15.63 -36.94 7.95
CA LEU D 191 14.60 -37.39 7.04
C LEU D 191 14.48 -36.39 5.89
N PRO D 192 13.77 -36.72 4.82
CA PRO D 192 13.88 -35.83 3.65
C PRO D 192 13.39 -34.40 3.80
N LEU D 193 14.20 -33.50 3.25
CA LEU D 193 13.87 -32.13 3.06
C LEU D 193 12.74 -31.92 2.05
N PHE D 194 12.47 -32.90 1.20
CA PHE D 194 11.32 -32.75 0.31
C PHE D 194 9.99 -33.07 0.98
N HIS D 195 9.98 -33.60 2.20
CA HIS D 195 8.78 -33.69 3.03
C HIS D 195 8.75 -32.51 3.99
N ILE D 196 7.56 -32.17 4.47
CA ILE D 196 7.50 -31.00 5.35
C ILE D 196 8.13 -31.33 6.71
N SER D 197 8.17 -32.62 7.09
CA SER D 197 8.90 -33.02 8.28
C SER D 197 10.32 -32.47 8.29
N GLY D 198 11.04 -32.58 7.16
CA GLY D 198 12.38 -32.03 7.06
C GLY D 198 12.41 -30.55 6.75
N LEU D 199 11.63 -30.15 5.74
CA LEU D 199 11.70 -28.77 5.27
C LEU D 199 11.28 -27.77 6.34
N SER D 200 10.28 -28.10 7.16
CA SER D 200 9.84 -27.15 8.18
C SER D 200 10.98 -26.74 9.12
N ALA D 201 11.94 -27.63 9.36
CA ALA D 201 13.06 -27.26 10.23
C ALA D 201 13.86 -26.09 9.67
N LEU D 202 13.89 -25.91 8.34
CA LEU D 202 14.64 -24.79 7.77
C LEU D 202 13.98 -23.46 8.07
N PHE D 203 12.65 -23.47 8.24
CA PHE D 203 11.92 -22.25 8.55
C PHE D 203 12.00 -21.94 10.04
N LYS D 204 11.87 -22.96 10.90
CA LYS D 204 12.20 -22.82 12.31
C LYS D 204 13.60 -22.24 12.49
N SER D 205 14.56 -22.73 11.71
CA SER D 205 15.94 -22.30 11.85
C SER D 205 16.08 -20.78 11.70
N VAL D 206 15.55 -20.22 10.62
CA VAL D 206 15.73 -18.77 10.43
C VAL D 206 14.80 -17.97 11.33
N ILE D 207 13.60 -18.46 11.63
CA ILE D 207 12.69 -17.70 12.49
C ILE D 207 13.19 -17.69 13.93
N TYR D 208 13.65 -18.84 14.44
CA TYR D 208 14.15 -18.88 15.81
C TYR D 208 15.59 -18.39 15.91
N GLY D 209 16.37 -18.49 14.84
CA GLY D 209 17.82 -18.37 14.94
C GLY D 209 18.41 -19.63 15.57
N MET D 210 18.03 -20.79 15.04
CA MET D 210 18.34 -22.12 15.57
C MET D 210 19.16 -22.93 14.58
N THR D 211 20.22 -23.58 15.06
CA THR D 211 21.05 -24.45 14.22
C THR D 211 20.29 -25.70 13.81
N VAL D 212 20.34 -26.05 12.54
CA VAL D 212 19.91 -27.35 12.07
C VAL D 212 21.14 -28.20 11.75
N VAL D 213 21.20 -29.40 12.31
CA VAL D 213 22.21 -30.40 12.00
C VAL D 213 21.61 -31.31 10.94
N LEU D 214 22.15 -31.30 9.73
CA LEU D 214 21.51 -31.93 8.59
C LEU D 214 22.25 -33.19 8.18
N HIS D 215 21.50 -34.30 8.02
CA HIS D 215 22.05 -35.56 7.52
C HIS D 215 21.43 -35.91 6.18
N GLN D 216 22.25 -36.45 5.25
CA GLN D 216 21.69 -36.81 3.95
C GLN D 216 20.82 -38.06 4.04
N ARG D 217 21.27 -39.06 4.77
CA ARG D 217 20.54 -40.30 5.01
C ARG D 217 20.41 -40.53 6.50
N PHE D 218 19.55 -41.47 6.87
CA PHE D 218 19.35 -41.84 8.26
C PHE D 218 20.20 -43.07 8.58
N SER D 219 21.15 -42.90 9.49
CA SER D 219 21.95 -43.99 10.02
C SER D 219 21.97 -43.81 11.53
N VAL D 220 21.55 -44.84 12.26
CA VAL D 220 21.42 -44.71 13.72
C VAL D 220 22.76 -44.37 14.35
N SER D 221 23.83 -45.07 13.94
CA SER D 221 25.15 -44.83 14.52
C SER D 221 25.65 -43.42 14.20
N ASP D 222 25.50 -42.98 12.95
CA ASP D 222 25.89 -41.60 12.63
C ASP D 222 25.07 -40.60 13.43
N VAL D 223 23.77 -40.85 13.59
CA VAL D 223 22.90 -39.92 14.31
C VAL D 223 23.33 -39.82 15.77
N LEU D 224 23.64 -40.96 16.40
CA LEU D 224 24.09 -40.91 17.79
C LEU D 224 25.41 -40.18 17.93
N HIS D 225 26.36 -40.43 17.01
CA HIS D 225 27.63 -39.71 17.02
C HIS D 225 27.41 -38.21 16.85
N SER D 226 26.56 -37.84 15.90
CA SER D 226 26.30 -36.44 15.60
C SER D 226 25.61 -35.74 16.76
N ILE D 227 24.64 -36.40 17.41
CA ILE D 227 24.02 -35.86 18.61
C ILE D 227 25.07 -35.53 19.67
N ASN D 228 26.01 -36.45 19.90
CA ASN D 228 27.05 -36.22 20.90
C ASN D 228 28.01 -35.11 20.49
N ARG D 229 28.46 -35.13 19.23
CA ARG D 229 29.43 -34.14 18.79
C ARG D 229 28.84 -32.73 18.81
N HIS D 230 27.57 -32.59 18.46
CA HIS D 230 26.98 -31.27 18.21
C HIS D 230 25.99 -30.82 19.28
N GLU D 231 25.82 -31.60 20.36
CA GLU D 231 24.92 -31.23 21.47
C GLU D 231 23.51 -30.98 20.97
N VAL D 232 23.00 -31.95 20.20
CA VAL D 232 21.67 -31.84 19.63
C VAL D 232 20.63 -31.99 20.74
N THR D 233 19.63 -31.11 20.74
CA THR D 233 18.57 -31.19 21.72
C THR D 233 17.22 -31.63 21.15
N MET D 234 17.01 -31.50 19.84
CA MET D 234 15.73 -31.79 19.19
C MET D 234 15.97 -32.72 18.00
N ILE D 235 15.03 -33.62 17.73
CA ILE D 235 15.18 -34.49 16.56
C ILE D 235 13.80 -34.94 16.10
N SER D 236 13.61 -35.03 14.78
CA SER D 236 12.34 -35.48 14.22
C SER D 236 12.48 -36.93 13.72
N ALA D 237 11.41 -37.70 13.88
CA ALA D 237 11.48 -39.10 13.49
C ALA D 237 10.10 -39.59 13.08
N VAL D 238 10.08 -40.56 12.18
CA VAL D 238 8.93 -41.43 12.00
C VAL D 238 9.21 -42.69 12.81
N GLN D 239 8.17 -43.52 13.00
CA GLN D 239 8.26 -44.57 14.01
C GLN D 239 9.32 -45.62 13.65
N THR D 240 9.54 -45.88 12.37
CA THR D 240 10.60 -46.81 11.99
C THR D 240 11.97 -46.30 12.46
N MET D 241 12.22 -44.99 12.29
CA MET D 241 13.47 -44.39 12.78
C MET D 241 13.58 -44.52 14.29
N LEU D 242 12.50 -44.21 15.00
CA LEU D 242 12.49 -44.38 16.45
C LEU D 242 12.76 -45.82 16.86
N ALA D 243 12.16 -46.79 16.15
CA ALA D 243 12.40 -48.18 16.51
C ALA D 243 13.85 -48.57 16.29
N SER D 244 14.46 -48.03 15.23
CA SER D 244 15.86 -48.35 14.94
C SER D 244 16.78 -47.75 16.00
N LEU D 245 16.45 -46.55 16.47
CA LEU D 245 17.21 -45.94 17.55
C LEU D 245 17.20 -46.82 18.81
N LEU D 246 16.02 -47.29 19.21
CA LEU D 246 15.94 -48.10 20.43
C LEU D 246 16.57 -49.47 20.23
N GLU D 247 16.58 -49.98 19.00
CA GLU D 247 17.32 -51.19 18.70
C GLU D 247 18.81 -51.01 19.00
N GLU D 248 19.30 -49.79 18.89
CA GLU D 248 20.73 -49.53 19.04
C GLU D 248 21.15 -49.31 20.49
N THR D 249 20.33 -48.62 21.28
CA THR D 249 20.75 -48.18 22.60
C THR D 249 19.57 -48.21 23.57
N ASN D 250 19.87 -48.65 24.80
CA ASN D 250 18.89 -48.63 25.89
C ASN D 250 18.70 -47.24 26.49
N ARG D 251 19.54 -46.27 26.14
CA ARG D 251 19.55 -44.98 26.80
C ARG D 251 19.47 -43.85 25.77
N CYS D 252 18.71 -42.88 26.10
CA CYS D 252 18.64 -41.70 25.22
C CYS D 252 19.77 -40.73 25.57
N PRO D 253 20.46 -40.18 24.56
CA PRO D 253 21.50 -39.17 24.84
C PRO D 253 20.96 -38.05 25.70
N GLU D 254 21.78 -37.60 26.66
CA GLU D 254 21.29 -36.69 27.70
C GLU D 254 20.85 -35.35 27.13
N SER D 255 21.44 -34.91 26.01
CA SER D 255 21.13 -33.59 25.49
C SER D 255 19.78 -33.54 24.75
N ILE D 256 19.22 -34.69 24.38
CA ILE D 256 17.94 -34.72 23.69
C ILE D 256 16.81 -34.43 24.68
N ARG D 257 16.07 -33.34 24.42
CA ARG D 257 14.89 -33.03 25.21
C ARG D 257 13.59 -33.27 24.46
N CYS D 258 13.64 -33.52 23.15
N CYS D 258 13.64 -33.50 23.15
CA CYS D 258 12.43 -33.70 22.35
CA CYS D 258 12.43 -33.69 22.34
C CYS D 258 12.73 -34.58 21.15
C CYS D 258 12.75 -34.59 21.16
N ILE D 259 12.03 -35.70 21.06
CA ILE D 259 11.98 -36.51 19.83
C ILE D 259 10.59 -36.27 19.25
N LEU D 260 10.52 -35.48 18.19
CA LEU D 260 9.23 -35.17 17.58
C LEU D 260 8.87 -36.31 16.64
N LEU D 261 7.86 -37.09 17.01
CA LEU D 261 7.45 -38.28 16.28
C LEU D 261 6.21 -37.97 15.46
N GLY D 262 6.29 -38.23 14.16
CA GLY D 262 5.16 -37.98 13.30
C GLY D 262 5.12 -38.91 12.10
N GLY D 263 4.18 -38.65 11.18
CA GLY D 263 4.17 -39.33 9.91
C GLY D 263 3.50 -40.68 9.89
N GLY D 264 2.62 -40.97 10.85
CA GLY D 264 1.91 -42.22 10.85
C GLY D 264 1.87 -42.87 12.22
N PRO D 265 1.08 -43.94 12.35
CA PRO D 265 0.92 -44.58 13.67
C PRO D 265 2.18 -45.30 14.13
N ALA D 266 2.44 -45.25 15.45
CA ALA D 266 3.49 -46.03 16.08
C ALA D 266 2.91 -47.21 16.85
N PRO D 267 3.56 -48.36 16.82
CA PRO D 267 3.10 -49.49 17.64
C PRO D 267 3.18 -49.15 19.13
N LEU D 268 2.14 -49.51 19.87
CA LEU D 268 2.07 -49.13 21.27
C LEU D 268 3.24 -49.65 22.10
N PRO D 269 3.74 -50.88 21.94
CA PRO D 269 4.87 -51.30 22.76
C PRO D 269 6.12 -50.45 22.53
N LEU D 270 6.26 -49.87 21.34
CA LEU D 270 7.41 -49.00 21.10
C LEU D 270 7.30 -47.73 21.92
N LEU D 271 6.12 -47.11 21.96
CA LEU D 271 5.92 -45.93 22.78
C LEU D 271 6.10 -46.24 24.26
N GLU D 272 5.62 -47.40 24.71
CA GLU D 272 5.76 -47.77 26.12
C GLU D 272 7.23 -47.95 26.49
N GLU D 273 8.02 -48.57 25.61
CA GLU D 273 9.44 -48.76 25.89
C GLU D 273 10.18 -47.43 25.91
N CYS D 274 9.88 -46.53 24.97
CA CYS D 274 10.46 -45.19 25.02
C CYS D 274 10.19 -44.51 26.36
N ARG D 275 8.93 -44.56 26.81
CA ARG D 275 8.60 -43.94 28.09
C ARG D 275 9.32 -44.62 29.24
N GLU D 276 9.42 -45.96 29.20
CA GLU D 276 10.08 -46.67 30.30
C GLU D 276 11.57 -46.37 30.32
N LYS D 277 12.20 -46.12 29.17
CA LYS D 277 13.64 -45.95 29.10
C LYS D 277 14.06 -44.48 29.04
N GLY D 278 13.12 -43.55 29.17
CA GLY D 278 13.47 -42.15 29.25
C GLY D 278 13.68 -41.44 27.92
N PHE D 279 13.18 -42.00 26.82
CA PHE D 279 13.23 -41.29 25.54
C PHE D 279 12.08 -40.29 25.46
N PRO D 280 12.37 -38.95 25.38
CA PRO D 280 11.29 -37.94 25.47
C PRO D 280 10.53 -37.77 24.16
N VAL D 281 9.66 -38.73 23.87
CA VAL D 281 8.94 -38.80 22.60
C VAL D 281 7.68 -37.94 22.69
N PHE D 282 7.55 -36.98 21.76
CA PHE D 282 6.35 -36.18 21.56
C PHE D 282 5.63 -36.71 20.34
N GLN D 283 4.61 -37.55 20.53
CA GLN D 283 3.83 -38.00 19.41
C GLN D 283 3.04 -36.82 18.84
N SER D 284 2.77 -36.87 17.54
CA SER D 284 2.17 -35.74 16.86
CA SER D 284 2.14 -35.75 16.88
C SER D 284 1.34 -36.25 15.69
N TYR D 285 0.42 -35.39 15.25
CA TYR D 285 -0.45 -35.63 14.10
C TYR D 285 -0.35 -34.42 13.20
N GLY D 286 -0.03 -34.65 11.93
CA GLY D 286 0.18 -33.57 10.98
C GLY D 286 0.36 -34.16 9.60
N MET D 287 0.27 -33.29 8.60
CA MET D 287 0.31 -33.75 7.22
C MET D 287 0.81 -32.62 6.35
N THR D 288 1.05 -32.94 5.08
CA THR D 288 1.51 -31.95 4.11
C THR D 288 0.59 -30.73 4.11
N GLU D 289 -0.71 -30.99 4.22
CA GLU D 289 -1.74 -29.96 4.13
C GLU D 289 -1.75 -29.02 5.32
N THR D 290 -1.19 -29.42 6.46
CA THR D 290 -1.10 -28.55 7.62
C THR D 290 0.33 -28.08 7.86
N CYS D 291 1.22 -28.30 6.88
CA CYS D 291 2.60 -27.80 6.90
C CYS D 291 3.36 -28.28 8.13
N SER D 292 3.14 -29.56 8.48
CA SER D 292 3.66 -30.37 9.58
C SER D 292 2.62 -30.45 10.72
N GLN D 293 3.09 -30.71 11.94
CA GLN D 293 2.26 -31.02 13.10
C GLN D 293 1.15 -30.00 13.29
N ILE D 294 -0.04 -30.50 13.69
CA ILE D 294 -1.12 -29.59 14.08
C ILE D 294 -1.67 -30.04 15.43
N VAL D 295 -1.33 -31.25 15.88
CA VAL D 295 -1.68 -31.78 17.19
C VAL D 295 -0.48 -32.54 17.74
N THR D 296 -0.11 -32.28 19.02
CA THR D 296 1.06 -32.92 19.62
C THR D 296 0.81 -33.33 21.07
N LEU D 297 1.45 -34.43 21.49
CA LEU D 297 1.24 -35.06 22.80
C LEU D 297 2.53 -35.05 23.62
N SER D 298 2.48 -34.45 24.81
CA SER D 298 3.65 -34.36 25.68
C SER D 298 3.97 -35.69 26.35
N PRO D 299 5.25 -35.96 26.65
CA PRO D 299 5.58 -37.22 27.34
C PRO D 299 4.90 -37.41 28.68
N GLU D 300 4.56 -36.33 29.39
CA GLU D 300 3.90 -36.44 30.68
C GLU D 300 2.51 -37.08 30.58
N PHE D 301 1.88 -37.00 29.42
CA PHE D 301 0.58 -37.62 29.19
C PHE D 301 0.68 -38.90 28.39
N SER D 302 1.89 -39.29 27.98
CA SER D 302 2.06 -40.32 26.96
C SER D 302 1.60 -41.70 27.44
N MET D 303 1.63 -41.95 28.74
CA MET D 303 1.15 -43.24 29.24
C MET D 303 -0.33 -43.19 29.63
N GLU D 304 -0.78 -42.14 30.31
CA GLU D 304 -2.21 -42.02 30.60
CA GLU D 304 -2.21 -42.02 30.60
C GLU D 304 -3.03 -41.93 29.31
N LYS D 305 -2.51 -41.24 28.30
CA LYS D 305 -3.17 -41.08 27.02
C LYS D 305 -2.48 -41.93 25.95
N LEU D 306 -1.98 -43.10 26.33
CA LEU D 306 -1.25 -43.96 25.41
C LEU D 306 -2.10 -44.27 24.18
N GLY D 307 -1.61 -43.88 23.01
CA GLY D 307 -2.36 -44.01 21.77
C GLY D 307 -2.82 -42.69 21.19
N SER D 308 -2.71 -41.60 21.94
CA SER D 308 -3.24 -40.30 21.52
C SER D 308 -2.15 -39.48 20.85
N ALA D 309 -2.57 -38.61 19.94
CA ALA D 309 -1.68 -37.68 19.26
C ALA D 309 -1.64 -36.33 19.94
N GLY D 310 -2.43 -36.13 21.00
CA GLY D 310 -2.35 -34.95 21.81
C GLY D 310 -3.47 -33.95 21.62
N LYS D 311 -3.11 -32.67 21.73
CA LYS D 311 -4.02 -31.54 21.66
C LYS D 311 -3.57 -30.58 20.55
N PRO D 312 -4.48 -29.80 19.98
CA PRO D 312 -4.08 -28.90 18.90
C PRO D 312 -3.08 -27.84 19.38
N LEU D 313 -2.15 -27.49 18.49
CA LEU D 313 -1.22 -26.41 18.77
C LEU D 313 -1.97 -25.09 18.91
N PHE D 314 -1.34 -24.13 19.57
CA PHE D 314 -1.95 -22.83 19.78
C PHE D 314 -2.25 -22.21 18.42
N SER D 315 -3.39 -21.53 18.33
CA SER D 315 -4.00 -20.92 17.16
C SER D 315 -4.72 -21.95 16.28
N CYS D 316 -4.52 -23.26 16.50
CA CYS D 316 -5.10 -24.30 15.68
C CYS D 316 -6.29 -24.95 16.38
N GLU D 317 -7.05 -25.72 15.61
CA GLU D 317 -8.31 -26.27 16.07
C GLU D 317 -8.57 -27.60 15.37
N ILE D 318 -9.32 -28.47 16.05
CA ILE D 318 -9.69 -29.77 15.52
CA ILE D 318 -9.68 -29.78 15.54
C ILE D 318 -11.09 -30.11 16.00
N LYS D 319 -11.83 -30.83 15.15
CA LYS D 319 -13.14 -31.35 15.51
C LYS D 319 -13.34 -32.68 14.80
N ILE D 320 -14.36 -33.40 15.25
CA ILE D 320 -14.69 -34.71 14.72
C ILE D 320 -16.13 -34.62 14.23
N GLU D 321 -16.35 -34.90 12.95
CA GLU D 321 -17.68 -34.84 12.37
C GLU D 321 -17.98 -36.11 11.58
N ARG D 322 -19.25 -36.51 11.62
CA ARG D 322 -19.77 -37.58 10.80
C ARG D 322 -20.92 -37.02 9.97
N ASP D 323 -20.73 -37.00 8.65
CA ASP D 323 -21.76 -36.52 7.72
C ASP D 323 -22.27 -35.14 8.12
N GLY D 324 -21.36 -34.26 8.55
CA GLY D 324 -21.72 -32.90 8.87
C GLY D 324 -22.30 -32.68 10.25
N GLN D 325 -22.43 -33.73 11.05
CA GLN D 325 -22.85 -33.61 12.45
C GLN D 325 -21.64 -33.79 13.34
N VAL D 326 -21.42 -32.88 14.28
CA VAL D 326 -20.26 -33.03 15.14
C VAL D 326 -20.50 -34.19 16.10
N CYS D 327 -19.42 -34.82 16.53
CA CYS D 327 -19.48 -36.04 17.31
C CYS D 327 -19.25 -35.77 18.80
N GLU D 328 -19.92 -36.56 19.63
CA GLU D 328 -19.70 -36.49 21.06
C GLU D 328 -18.33 -37.10 21.37
N PRO D 329 -17.80 -36.86 22.57
CA PRO D 329 -16.54 -37.53 22.94
C PRO D 329 -16.67 -39.04 22.74
N TYR D 330 -15.59 -39.64 22.25
CA TYR D 330 -15.39 -41.05 21.98
C TYR D 330 -16.18 -41.56 20.78
N GLU D 331 -17.02 -40.72 20.16
CA GLU D 331 -17.72 -41.12 18.94
C GLU D 331 -16.81 -40.92 17.73
N HIS D 332 -16.69 -41.95 16.90
CA HIS D 332 -15.77 -41.90 15.76
C HIS D 332 -16.31 -41.02 14.64
N GLY D 333 -15.43 -40.24 14.02
CA GLY D 333 -15.83 -39.47 12.87
C GLY D 333 -14.62 -38.96 12.11
N GLU D 334 -14.87 -38.10 11.14
CA GLU D 334 -13.76 -37.58 10.34
C GLU D 334 -13.04 -36.46 11.10
N ILE D 335 -11.72 -36.52 11.08
CA ILE D 335 -10.92 -35.47 11.68
C ILE D 335 -10.92 -34.27 10.74
N MET D 336 -11.35 -33.11 11.25
CA MET D 336 -11.25 -31.85 10.51
C MET D 336 -10.43 -30.82 11.29
N VAL D 337 -9.62 -30.03 10.57
CA VAL D 337 -8.67 -29.14 11.22
C VAL D 337 -8.76 -27.73 10.64
N LYS D 338 -8.31 -26.76 11.43
CA LYS D 338 -8.37 -25.35 11.07
C LYS D 338 -7.20 -24.65 11.75
N GLY D 339 -6.64 -23.66 11.08
CA GLY D 339 -5.53 -22.94 11.67
C GLY D 339 -4.75 -22.17 10.63
N PRO D 340 -3.95 -21.20 11.09
CA PRO D 340 -3.15 -20.40 10.15
C PRO D 340 -2.03 -21.18 9.46
N ASN D 341 -1.72 -22.39 9.93
CA ASN D 341 -0.78 -23.28 9.28
C ASN D 341 -1.43 -24.16 8.20
N VAL D 342 -2.76 -24.15 8.07
CA VAL D 342 -3.43 -25.02 7.12
C VAL D 342 -3.32 -24.43 5.71
N MET D 343 -3.02 -25.28 4.74
CA MET D 343 -2.71 -24.88 3.38
C MET D 343 -3.73 -23.95 2.74
N LYS D 344 -3.27 -23.18 1.73
CA LYS D 344 -4.17 -22.30 0.98
C LYS D 344 -5.25 -23.12 0.28
N SER D 345 -4.83 -24.08 -0.54
CA SER D 345 -5.68 -24.95 -1.33
C SER D 345 -4.74 -25.89 -2.06
N TYR D 346 -5.29 -26.96 -2.61
CA TYR D 346 -4.52 -27.72 -3.58
C TYR D 346 -4.39 -26.92 -4.87
N PHE D 347 -3.28 -27.13 -5.57
CA PHE D 347 -2.99 -26.43 -6.82
C PHE D 347 -3.79 -27.03 -7.96
N ASN D 348 -4.59 -26.20 -8.63
CA ASN D 348 -5.33 -26.58 -9.85
C ASN D 348 -6.15 -27.86 -9.64
N ARG D 349 -6.94 -27.87 -8.55
CA ARG D 349 -7.89 -28.98 -8.30
C ARG D 349 -9.18 -28.39 -7.72
N GLU D 350 -9.96 -27.73 -8.57
CA GLU D 350 -11.12 -26.99 -8.09
C GLU D 350 -12.09 -27.91 -7.37
N SER D 351 -12.31 -29.12 -7.91
CA SER D 351 -13.30 -30.03 -7.33
C SER D 351 -12.82 -30.58 -5.99
N ALA D 352 -11.56 -31.00 -5.90
CA ALA D 352 -11.02 -31.48 -4.63
C ALA D 352 -11.06 -30.39 -3.55
N ASN D 353 -10.74 -29.15 -3.92
CA ASN D 353 -10.81 -28.03 -2.97
C ASN D 353 -12.23 -27.82 -2.47
N GLU D 354 -13.21 -27.84 -3.38
CA GLU D 354 -14.61 -27.73 -2.98
C GLU D 354 -14.97 -28.81 -1.98
N ALA D 355 -14.53 -30.05 -2.23
CA ALA D 355 -14.89 -31.15 -1.35
C ALA D 355 -14.13 -31.11 -0.04
N SER D 356 -12.85 -30.72 -0.06
CA SER D 356 -12.00 -30.85 1.11
C SER D 356 -12.24 -29.77 2.17
N PHE D 357 -12.70 -28.59 1.78
CA PHE D 357 -12.92 -27.50 2.71
C PHE D 357 -14.42 -27.33 2.98
N GLN D 358 -14.76 -27.11 4.24
CA GLN D 358 -16.15 -26.91 4.64
C GLN D 358 -16.15 -25.78 5.68
N ASN D 359 -16.44 -24.56 5.20
CA ASN D 359 -16.57 -23.38 6.07
C ASN D 359 -15.30 -23.10 6.87
N GLY D 360 -14.16 -23.13 6.19
CA GLY D 360 -12.89 -22.84 6.81
C GLY D 360 -12.14 -24.03 7.37
N TRP D 361 -12.79 -25.17 7.50
CA TRP D 361 -12.16 -26.38 8.04
C TRP D 361 -11.73 -27.29 6.90
N LEU D 362 -10.60 -27.96 7.09
CA LEU D 362 -10.08 -28.93 6.12
C LEU D 362 -10.46 -30.34 6.54
N LYS D 363 -11.12 -31.08 5.66
CA LYS D 363 -11.40 -32.49 5.92
C LYS D 363 -10.13 -33.30 5.61
N THR D 364 -9.64 -34.04 6.60
CA THR D 364 -8.36 -34.75 6.46
C THR D 364 -8.49 -36.11 5.80
N GLY D 365 -9.68 -36.71 5.80
CA GLY D 365 -9.82 -38.08 5.39
C GLY D 365 -9.36 -39.08 6.40
N ASP D 366 -8.93 -38.66 7.59
CA ASP D 366 -8.61 -39.57 8.68
C ASP D 366 -9.78 -39.68 9.64
N LEU D 367 -9.88 -40.84 10.28
CA LEU D 367 -10.91 -41.13 11.25
C LEU D 367 -10.33 -41.08 12.65
N GLY D 368 -11.10 -40.53 13.59
CA GLY D 368 -10.63 -40.48 14.95
C GLY D 368 -11.75 -40.10 15.91
N TYR D 369 -11.36 -39.83 17.15
CA TYR D 369 -12.29 -39.32 18.16
C TYR D 369 -11.53 -38.47 19.13
N LEU D 370 -12.26 -37.67 19.91
CA LEU D 370 -11.69 -36.94 21.03
C LEU D 370 -12.16 -37.58 22.32
N ASP D 371 -11.26 -37.66 23.31
CA ASP D 371 -11.72 -38.12 24.60
C ASP D 371 -12.37 -36.94 25.35
N ASN D 372 -12.78 -37.18 26.59
CA ASN D 372 -13.57 -36.15 27.27
C ASN D 372 -12.71 -35.01 27.80
N GLU D 373 -11.39 -35.05 27.61
CA GLU D 373 -10.52 -33.90 27.89
C GLU D 373 -10.01 -33.27 26.60
N GLY D 374 -10.51 -33.72 25.45
CA GLY D 374 -10.15 -33.15 24.18
C GLY D 374 -8.89 -33.70 23.55
N PHE D 375 -8.34 -34.79 24.07
CA PHE D 375 -7.19 -35.42 23.43
C PHE D 375 -7.63 -36.20 22.19
N LEU D 376 -6.83 -36.12 21.13
CA LEU D 376 -7.14 -36.75 19.85
C LEU D 376 -6.61 -38.17 19.81
N TYR D 377 -7.46 -39.10 19.33
CA TYR D 377 -7.07 -40.47 19.03
C TYR D 377 -7.33 -40.74 17.56
N VAL D 378 -6.28 -40.97 16.79
CA VAL D 378 -6.40 -41.31 15.38
C VAL D 378 -6.61 -42.81 15.27
N LEU D 379 -7.64 -43.22 14.52
CA LEU D 379 -7.98 -44.62 14.35
C LEU D 379 -7.42 -45.08 13.02
N ASP D 380 -6.65 -46.18 13.05
CA ASP D 380 -5.98 -46.67 11.85
C ASP D 380 -6.99 -47.50 11.07
N ARG D 381 -7.80 -46.82 10.25
CA ARG D 381 -8.93 -47.44 9.57
C ARG D 381 -9.00 -47.11 8.09
N ARG D 382 -8.18 -46.18 7.58
CA ARG D 382 -8.20 -45.86 6.17
C ARG D 382 -7.74 -47.05 5.34
N SER D 383 -8.42 -47.28 4.23
CA SER D 383 -7.97 -48.26 3.24
C SER D 383 -7.58 -47.58 1.94
N ASP D 384 -7.69 -46.26 1.86
CA ASP D 384 -7.26 -45.50 0.70
C ASP D 384 -5.84 -44.96 0.86
N LEU D 385 -5.13 -45.37 1.91
CA LEU D 385 -3.80 -44.86 2.22
C LEU D 385 -3.05 -45.91 3.04
N ILE D 386 -1.81 -46.17 2.65
CA ILE D 386 -0.90 -47.09 3.33
C ILE D 386 0.36 -46.31 3.66
N ILE D 387 0.86 -46.43 4.89
CA ILE D 387 2.05 -45.69 5.33
C ILE D 387 3.17 -46.67 5.62
N SER D 388 4.25 -46.59 4.84
CA SER D 388 5.39 -47.47 4.98
C SER D 388 6.61 -46.60 5.29
N GLY D 389 7.21 -46.82 6.47
CA GLY D 389 8.37 -46.03 6.84
C GLY D 389 8.15 -44.53 6.76
N GLY D 390 6.96 -44.08 7.13
CA GLY D 390 6.61 -42.67 7.05
C GLY D 390 6.31 -42.16 5.66
N GLU D 391 6.26 -43.03 4.65
CA GLU D 391 5.98 -42.62 3.28
C GLU D 391 4.55 -43.02 2.94
N ASN D 392 3.74 -42.04 2.52
CA ASN D 392 2.37 -42.35 2.11
C ASN D 392 2.33 -43.08 0.79
N ILE D 393 1.47 -44.10 0.71
CA ILE D 393 1.24 -44.87 -0.51
C ILE D 393 -0.26 -44.91 -0.76
N TYR D 394 -0.67 -44.58 -1.99
CA TYR D 394 -2.09 -44.53 -2.28
C TYR D 394 -2.49 -45.71 -3.16
N PRO D 395 -3.29 -46.64 -2.64
CA PRO D 395 -3.73 -47.79 -3.44
C PRO D 395 -4.24 -47.41 -4.82
N ALA D 396 -4.99 -46.32 -4.96
CA ALA D 396 -5.48 -45.92 -6.28
C ALA D 396 -4.33 -45.68 -7.26
N GLU D 397 -3.19 -45.19 -6.78
CA GLU D 397 -2.06 -45.00 -7.69
C GLU D 397 -1.46 -46.35 -8.11
N VAL D 398 -1.17 -47.22 -7.13
CA VAL D 398 -0.58 -48.51 -7.43
C VAL D 398 -1.51 -49.34 -8.31
N GLU D 399 -2.82 -49.28 -8.02
CA GLU D 399 -3.81 -50.02 -8.82
C GLU D 399 -3.87 -49.50 -10.25
N SER D 400 -3.77 -48.18 -10.42
CA SER D 400 -3.76 -47.60 -11.76
C SER D 400 -2.61 -48.16 -12.59
N VAL D 401 -1.41 -48.22 -12.00
CA VAL D 401 -0.24 -48.73 -12.72
C VAL D 401 -0.44 -50.21 -13.07
N LEU D 402 -0.92 -51.00 -12.11
CA LEU D 402 -1.11 -52.43 -12.37
C LEU D 402 -2.16 -52.67 -13.47
N LEU D 403 -3.28 -51.93 -13.41
CA LEU D 403 -4.32 -52.07 -14.43
C LEU D 403 -3.77 -51.83 -15.84
N SER D 404 -2.79 -50.93 -15.97
CA SER D 404 -2.29 -50.57 -17.28
C SER D 404 -1.56 -51.72 -17.97
N HIS D 405 -1.07 -52.69 -17.21
CA HIS D 405 -0.44 -53.85 -17.82
C HIS D 405 -1.48 -54.68 -18.57
N PRO D 406 -1.17 -55.13 -19.78
CA PRO D 406 -2.21 -55.77 -20.61
C PRO D 406 -2.72 -57.11 -20.06
N ALA D 407 -1.94 -57.79 -19.23
CA ALA D 407 -2.38 -59.06 -18.65
C ALA D 407 -3.36 -58.88 -17.53
N VAL D 408 -3.55 -57.65 -17.04
CA VAL D 408 -4.27 -57.37 -15.80
C VAL D 408 -5.67 -56.89 -16.13
N ALA D 409 -6.67 -57.58 -15.62
CA ALA D 409 -8.08 -57.25 -15.79
C ALA D 409 -8.60 -56.33 -14.68
N GLU D 410 -8.35 -56.68 -13.42
CA GLU D 410 -8.67 -55.82 -12.29
C GLU D 410 -7.55 -55.89 -11.26
N ALA D 411 -7.48 -54.87 -10.40
CA ALA D 411 -6.43 -54.81 -9.39
C ALA D 411 -6.91 -54.09 -8.14
N GLY D 412 -6.52 -54.62 -6.99
CA GLY D 412 -6.76 -54.00 -5.71
C GLY D 412 -5.51 -54.06 -4.86
N VAL D 413 -5.23 -53.02 -4.09
CA VAL D 413 -4.01 -52.94 -3.27
C VAL D 413 -4.42 -52.63 -1.84
N SER D 414 -3.86 -53.36 -0.88
CA SER D 414 -4.10 -53.06 0.52
C SER D 414 -2.81 -53.23 1.31
N GLY D 415 -2.81 -52.66 2.53
CA GLY D 415 -1.63 -52.65 3.37
C GLY D 415 -1.54 -53.93 4.20
N ALA D 416 -0.37 -54.53 4.22
CA ALA D 416 -0.10 -55.69 5.05
C ALA D 416 0.82 -55.29 6.21
N GLU D 417 0.60 -55.90 7.36
CA GLU D 417 1.45 -55.64 8.52
C GLU D 417 2.90 -55.88 8.15
N ASP D 418 3.79 -55.05 8.68
CA ASP D 418 5.22 -55.24 8.48
C ASP D 418 5.95 -54.76 9.72
N LYS D 419 6.72 -55.66 10.35
CA LYS D 419 7.37 -55.33 11.61
C LYS D 419 8.27 -54.11 11.51
N LYS D 420 8.90 -53.90 10.35
CA LYS D 420 9.80 -52.75 10.24
C LYS D 420 9.13 -51.50 9.66
N TRP D 421 8.39 -51.65 8.59
CA TRP D 421 7.79 -50.51 7.91
C TRP D 421 6.37 -50.08 8.36
N GLY D 422 5.82 -50.84 9.28
CA GLY D 422 4.47 -50.69 9.72
C GLY D 422 3.48 -51.32 8.77
N LYS D 423 3.34 -50.80 7.56
CA LYS D 423 2.56 -51.44 6.53
C LYS D 423 3.25 -51.44 5.17
N VAL D 424 3.01 -52.46 4.39
CA VAL D 424 3.56 -52.53 3.03
C VAL D 424 2.42 -52.92 2.08
N PRO D 425 2.45 -52.49 0.82
CA PRO D 425 1.34 -52.80 -0.10
C PRO D 425 1.40 -54.22 -0.65
N HIS D 426 0.24 -54.86 -0.66
CA HIS D 426 0.03 -56.16 -1.30
C HIS D 426 -0.96 -55.99 -2.44
N ALA D 427 -0.71 -56.69 -3.54
CA ALA D 427 -1.48 -56.54 -4.77
C ALA D 427 -2.37 -57.75 -4.96
N TYR D 428 -3.60 -57.50 -5.41
CA TYR D 428 -4.63 -58.52 -5.60
C TYR D 428 -5.18 -58.36 -7.00
N LEU D 429 -4.99 -59.39 -7.83
CA LEU D 429 -5.16 -59.23 -9.27
C LEU D 429 -6.16 -60.22 -9.85
N VAL D 430 -6.85 -59.78 -10.90
CA VAL D 430 -7.57 -60.66 -11.81
C VAL D 430 -6.95 -60.47 -13.20
N LEU D 431 -6.55 -61.58 -13.83
CA LEU D 431 -5.71 -61.53 -15.02
C LEU D 431 -6.43 -62.00 -16.26
N HIS D 432 -6.16 -61.31 -17.38
CA HIS D 432 -6.54 -61.82 -18.70
C HIS D 432 -5.60 -62.96 -19.11
N LYS D 433 -4.31 -62.68 -19.16
CA LYS D 433 -3.25 -63.57 -19.56
C LYS D 433 -2.36 -63.92 -18.38
N PRO D 434 -1.53 -64.97 -18.49
CA PRO D 434 -0.57 -65.24 -17.42
C PRO D 434 0.49 -64.15 -17.34
N VAL D 435 1.00 -63.96 -16.11
CA VAL D 435 2.10 -63.04 -15.86
C VAL D 435 2.70 -63.39 -14.51
N SER D 436 4.02 -63.32 -14.42
CA SER D 436 4.72 -63.65 -13.19
C SER D 436 4.84 -62.42 -12.30
N ALA D 437 5.15 -62.67 -11.03
CA ALA D 437 5.42 -61.58 -10.10
C ALA D 437 6.61 -60.76 -10.56
N GLY D 438 7.63 -61.42 -11.10
CA GLY D 438 8.82 -60.69 -11.55
C GLY D 438 8.51 -59.74 -12.69
N GLU D 439 7.74 -60.21 -13.68
CA GLU D 439 7.29 -59.35 -14.76
C GLU D 439 6.59 -58.11 -14.23
N LEU D 440 5.65 -58.32 -13.31
CA LEU D 440 4.88 -57.21 -12.75
C LEU D 440 5.78 -56.24 -12.00
N THR D 441 6.78 -56.79 -11.28
CA THR D 441 7.68 -55.94 -10.53
C THR D 441 8.56 -55.10 -11.45
N ASP D 442 9.05 -55.71 -12.53
CA ASP D 442 9.81 -54.95 -13.53
C ASP D 442 8.94 -53.88 -14.17
N TYR D 443 7.67 -54.20 -14.44
CA TYR D 443 6.76 -53.22 -15.03
C TYR D 443 6.51 -52.06 -14.08
N CYS D 444 6.36 -52.34 -12.78
CA CYS D 444 6.12 -51.27 -11.81
C CYS D 444 7.35 -50.38 -11.60
N LYS D 445 8.55 -50.93 -11.82
CA LYS D 445 9.75 -50.16 -11.50
C LYS D 445 9.86 -48.91 -12.35
N GLU D 446 9.35 -48.95 -13.59
CA GLU D 446 9.37 -47.78 -14.45
C GLU D 446 8.31 -46.74 -14.09
N ARG D 447 7.39 -47.07 -13.18
CA ARG D 447 6.23 -46.22 -12.95
CA ARG D 447 6.23 -46.23 -12.96
C ARG D 447 5.96 -45.91 -11.50
N LEU D 448 6.68 -46.52 -10.55
CA LEU D 448 6.41 -46.34 -9.14
C LEU D 448 7.68 -46.31 -8.33
N ALA D 449 7.75 -45.36 -7.39
CA ALA D 449 8.82 -45.34 -6.40
C ALA D 449 8.89 -46.68 -5.69
N LYS D 450 10.08 -47.04 -5.23
CA LYS D 450 10.34 -48.40 -4.76
C LYS D 450 9.47 -48.83 -3.59
N TYR D 451 9.24 -47.92 -2.65
CA TYR D 451 8.40 -48.25 -1.50
C TYR D 451 6.93 -48.44 -1.86
N LYS D 452 6.51 -48.01 -3.05
CA LYS D 452 5.13 -48.18 -3.49
C LYS D 452 4.85 -49.52 -4.15
N ARG D 453 5.88 -50.23 -4.62
CA ARG D 453 5.64 -51.45 -5.38
C ARG D 453 5.18 -52.58 -4.46
N PRO D 454 4.30 -53.45 -4.95
CA PRO D 454 3.78 -54.53 -4.10
C PRO D 454 4.86 -55.48 -3.63
N LYS D 455 4.87 -55.76 -2.32
CA LYS D 455 5.77 -56.76 -1.76
C LYS D 455 5.28 -58.19 -1.97
N LYS D 456 3.98 -58.38 -2.22
CA LYS D 456 3.43 -59.69 -2.59
C LYS D 456 2.28 -59.48 -3.57
N PHE D 457 2.07 -60.49 -4.42
CA PHE D 457 0.99 -60.48 -5.41
C PHE D 457 0.12 -61.70 -5.23
N PHE D 458 -1.19 -61.51 -5.36
CA PHE D 458 -2.18 -62.57 -5.27
C PHE D 458 -3.06 -62.54 -6.51
N VAL D 459 -3.55 -63.70 -6.90
CA VAL D 459 -4.41 -63.84 -8.07
C VAL D 459 -5.79 -64.32 -7.60
N LEU D 460 -6.83 -63.69 -8.14
CA LEU D 460 -8.20 -64.00 -7.76
C LEU D 460 -9.04 -64.10 -9.03
N ASP D 461 -10.24 -64.67 -8.89
CA ASP D 461 -11.20 -64.72 -10.00
C ASP D 461 -12.07 -63.48 -10.06
N ARG D 462 -12.26 -62.80 -8.93
CA ARG D 462 -13.03 -61.58 -8.85
C ARG D 462 -12.59 -60.87 -7.57
N LEU D 463 -12.73 -59.54 -7.54
CA LEU D 463 -12.41 -58.91 -6.27
C LEU D 463 -13.67 -58.48 -5.54
N PRO D 464 -13.59 -58.31 -4.22
CA PRO D 464 -14.81 -57.96 -3.46
C PRO D 464 -15.29 -56.55 -3.79
N ARG D 465 -16.56 -56.43 -4.14
CA ARG D 465 -17.15 -55.13 -4.45
C ARG D 465 -18.51 -55.02 -3.79
N ASN D 466 -18.94 -53.78 -3.55
CA ASN D 466 -20.27 -53.59 -3.02
C ASN D 466 -21.27 -53.53 -4.18
N ALA D 467 -22.53 -53.20 -3.87
CA ALA D 467 -23.58 -53.22 -4.89
C ALA D 467 -23.39 -52.10 -5.92
N SER D 468 -22.57 -51.10 -5.63
CA SER D 468 -22.26 -50.04 -6.57
C SER D 468 -20.98 -50.32 -7.36
N ASN D 469 -20.51 -51.57 -7.35
CA ASN D 469 -19.29 -52.01 -8.03
C ASN D 469 -18.02 -51.41 -7.43
N LYS D 470 -18.10 -50.87 -6.21
CA LYS D 470 -16.92 -50.25 -5.59
C LYS D 470 -16.03 -51.30 -4.93
N LEU D 471 -14.76 -51.30 -5.27
CA LEU D 471 -13.79 -52.18 -4.64
C LEU D 471 -13.80 -52.02 -3.13
N LEU D 472 -13.82 -53.15 -2.42
CA LEU D 472 -13.79 -53.20 -0.95
C LEU D 472 -12.38 -53.62 -0.53
N ARG D 473 -11.49 -52.63 -0.36
CA ARG D 473 -10.07 -52.97 -0.17
C ARG D 473 -9.81 -53.70 1.14
N ASN D 474 -10.60 -53.42 2.18
CA ASN D 474 -10.43 -54.09 3.47
C ASN D 474 -10.67 -55.57 3.38
N GLN D 475 -11.45 -56.02 2.40
CA GLN D 475 -11.79 -57.43 2.25
C GLN D 475 -10.85 -58.19 1.33
N LEU D 476 -9.83 -57.52 0.78
CA LEU D 476 -8.92 -58.20 -0.15
C LEU D 476 -8.17 -59.35 0.53
N LYS D 477 -7.67 -59.11 1.75
CA LYS D 477 -6.82 -60.10 2.40
C LYS D 477 -7.56 -61.40 2.73
N ASP D 478 -8.89 -61.38 2.71
CA ASP D 478 -9.69 -62.55 3.08
C ASP D 478 -10.30 -63.26 1.89
N ALA D 479 -10.13 -62.75 0.68
CA ALA D 479 -10.78 -63.34 -0.48
C ALA D 479 -10.05 -64.60 -0.93
N ARG D 480 -10.77 -65.45 -1.67
CA ARG D 480 -10.17 -66.68 -2.19
C ARG D 480 -9.08 -66.34 -3.19
N LYS D 481 -7.84 -66.72 -2.88
CA LYS D 481 -6.70 -66.24 -3.65
C LYS D 481 -5.56 -67.25 -3.59
N GLY D 482 -4.71 -67.20 -4.62
CA GLY D 482 -3.44 -67.91 -4.62
C GLY D 482 -2.29 -66.92 -4.77
N GLU D 483 -1.18 -67.21 -4.11
CA GLU D 483 -0.04 -66.31 -4.24
C GLU D 483 0.60 -66.47 -5.61
N LEU D 484 1.06 -65.36 -6.18
CA LEU D 484 1.66 -65.35 -7.50
C LEU D 484 3.17 -65.23 -7.36
N LEU D 485 3.90 -66.13 -7.99
CA LEU D 485 5.36 -66.15 -7.91
C LEU D 485 5.98 -65.54 -9.17
#